data_6VYG
#
_entry.id   6VYG
#
_cell.length_a   1.00
_cell.length_b   1.00
_cell.length_c   1.00
_cell.angle_alpha   90.00
_cell.angle_beta   90.00
_cell.angle_gamma   90.00
#
_symmetry.space_group_name_H-M   'P 1'
#
_entity_poly.entity_id   1
_entity_poly.type   'polypeptide(L)'
_entity_poly.pdbx_seq_one_letter_code
;MRGSHHHHHHGSMSYYNLEKDDTVYYKLDTIKCDIPINEELQARINKHVNQLRITYSTLEEFVDNFVYELKKGLEAHRRH
PNLWIPHECSFKMLDSCIADIPTGQEKGTYYAIDFGGTNFRAVRASLDGNGKIKRDQETYSLKFTGTFSHEKGLLDKHAT
ASQLFDHFAERIKYIMGEFKDLDNPEGKNVGFTFSFPCTSPSINCSILIDWTKGFETGRATNDPVEGRDVCKLMNDAFVR
SEVPAKVCCVVNDAVGTLMSCAYQKGKTTPPCYIGIILGTGSNGCYYEPEWKKYKYSGKIINIELGNFDKDLPLSPIDLV
MDWHSANRSRQLFEKMISGAYLGEIVRRFMVNVLQSASSEKMWKSDSFNSELGSVVLNDTSPNFEESRKVAKDAWDMDFT
DEQIYALRKICESVYNRSAALAAAAIAAIAKRIKIIEHSKFSCGVDGSLFVKNAWYCKRLQEHLKVILADKAENLIIIPA
DDGSGKGAAITAAVVSQSSSIKQLP
;
_entity_poly.pdbx_strand_id   A,B,C,D
#
# COMPACT_ATOMS: atom_id res chain seq x y z
N THR A 30 22.17 -26.15 -22.42
CA THR A 30 21.10 -27.12 -22.58
C THR A 30 21.66 -28.55 -22.56
N ILE A 31 21.09 -29.39 -21.70
CA ILE A 31 21.54 -30.77 -21.61
C ILE A 31 21.01 -31.60 -22.76
N LYS A 32 19.67 -31.74 -22.83
CA LYS A 32 18.99 -32.46 -23.91
C LYS A 32 19.60 -33.84 -24.13
N CYS A 33 19.48 -34.68 -23.10
CA CYS A 33 19.98 -36.03 -23.15
C CYS A 33 19.00 -36.91 -23.94
N ASP A 34 19.56 -37.84 -24.71
CA ASP A 34 18.79 -38.62 -25.68
C ASP A 34 18.41 -40.00 -25.19
N ILE A 35 18.83 -40.40 -23.99
CA ILE A 35 18.50 -41.71 -23.44
C ILE A 35 16.98 -41.82 -23.31
N PRO A 36 16.37 -42.94 -23.70
CA PRO A 36 14.91 -43.07 -23.61
C PRO A 36 14.45 -43.02 -22.16
N ILE A 37 13.62 -42.04 -21.85
CA ILE A 37 13.08 -41.85 -20.51
C ILE A 37 11.56 -41.98 -20.58
N ASN A 38 10.92 -41.94 -19.41
CA ASN A 38 9.48 -42.08 -19.35
C ASN A 38 8.80 -40.94 -20.10
N GLU A 39 7.68 -41.24 -20.73
CA GLU A 39 6.93 -40.25 -21.49
C GLU A 39 6.03 -39.38 -20.64
N GLU A 40 5.85 -39.75 -19.37
CA GLU A 40 5.10 -38.93 -18.42
C GLU A 40 6.03 -38.08 -17.56
N LEU A 41 7.11 -38.68 -17.06
CA LEU A 41 8.08 -37.94 -16.27
C LEU A 41 8.67 -36.78 -17.04
N GLN A 42 8.73 -36.90 -18.36
CA GLN A 42 9.21 -35.79 -19.18
C GLN A 42 8.29 -34.58 -19.06
N ALA A 43 6.98 -34.82 -18.92
CA ALA A 43 6.04 -33.72 -18.76
C ALA A 43 6.24 -33.03 -17.41
N ARG A 44 6.44 -33.82 -16.36
CA ARG A 44 6.69 -33.25 -15.04
C ARG A 44 8.03 -32.51 -14.99
N ILE A 45 8.98 -32.90 -15.82
CA ILE A 45 10.22 -32.14 -15.93
C ILE A 45 9.98 -30.83 -16.66
N ASN A 46 9.27 -30.88 -17.79
CA ASN A 46 9.09 -29.68 -18.60
C ASN A 46 8.27 -28.63 -17.86
N LYS A 47 7.28 -29.06 -17.09
CA LYS A 47 6.48 -28.09 -16.33
C LYS A 47 7.35 -27.31 -15.35
N HIS A 48 8.14 -28.01 -14.54
CA HIS A 48 8.97 -27.32 -13.56
C HIS A 48 10.12 -26.57 -14.21
N VAL A 49 10.51 -26.97 -15.42
CA VAL A 49 11.54 -26.21 -16.12
C VAL A 49 10.96 -24.88 -16.62
N ASN A 50 9.76 -24.91 -17.19
CA ASN A 50 9.11 -23.68 -17.61
C ASN A 50 8.78 -22.79 -16.42
N GLN A 51 8.56 -23.39 -15.25
CA GLN A 51 8.33 -22.59 -14.05
C GLN A 51 9.52 -21.69 -13.75
N LEU A 52 10.74 -22.18 -13.98
CA LEU A 52 11.96 -21.44 -13.70
C LEU A 52 12.52 -20.71 -14.90
N ARG A 53 11.79 -20.68 -16.01
CA ARG A 53 12.29 -20.06 -17.22
C ARG A 53 12.45 -18.55 -17.02
N ILE A 54 13.52 -18.00 -17.60
CA ILE A 54 13.79 -16.58 -17.55
C ILE A 54 14.00 -16.09 -18.98
N THR A 55 13.43 -14.93 -19.29
CA THR A 55 13.49 -14.38 -20.64
C THR A 55 13.97 -12.93 -20.57
N TYR A 56 14.58 -12.48 -21.66
CA TYR A 56 15.19 -11.15 -21.68
C TYR A 56 14.16 -10.03 -21.59
N SER A 57 12.90 -10.29 -21.97
CA SER A 57 11.86 -9.30 -21.79
C SER A 57 11.63 -9.02 -20.31
N THR A 58 12.00 -9.97 -19.44
CA THR A 58 11.92 -9.74 -18.01
C THR A 58 13.15 -8.99 -17.49
N LEU A 59 14.34 -9.36 -17.96
CA LEU A 59 15.55 -8.70 -17.50
C LEU A 59 15.58 -7.24 -17.92
N GLU A 60 15.02 -6.93 -19.10
CA GLU A 60 15.01 -5.56 -19.58
C GLU A 60 14.12 -4.66 -18.72
N GLU A 61 13.13 -5.25 -18.03
CA GLU A 61 12.38 -4.47 -17.06
C GLU A 61 13.06 -4.48 -15.70
N PHE A 62 13.74 -5.58 -15.38
CA PHE A 62 14.45 -5.70 -14.12
C PHE A 62 15.49 -4.58 -13.97
N VAL A 63 16.24 -4.32 -15.04
CA VAL A 63 17.30 -3.31 -14.99
C VAL A 63 16.71 -1.94 -14.67
N ASP A 64 15.61 -1.60 -15.33
CA ASP A 64 15.02 -0.28 -15.12
C ASP A 64 14.40 -0.18 -13.72
N ASN A 65 13.77 -1.25 -13.26
CA ASN A 65 13.29 -1.29 -11.88
C ASN A 65 14.43 -1.00 -10.91
N PHE A 66 15.59 -1.64 -11.14
CA PHE A 66 16.70 -1.50 -10.22
C PHE A 66 17.24 -0.08 -10.21
N VAL A 67 17.42 0.52 -11.39
CA VAL A 67 17.98 1.87 -11.44
C VAL A 67 17.01 2.89 -10.84
N TYR A 68 15.71 2.70 -11.07
CA TYR A 68 14.72 3.57 -10.45
C TYR A 68 14.80 3.47 -8.94
N GLU A 69 14.82 2.24 -8.41
CA GLU A 69 14.95 2.03 -6.97
C GLU A 69 16.18 2.73 -6.43
N LEU A 70 17.29 2.65 -7.16
CA LEU A 70 18.55 3.22 -6.68
C LEU A 70 18.46 4.74 -6.56
N LYS A 71 18.01 5.41 -7.63
CA LYS A 71 17.92 6.86 -7.55
C LYS A 71 16.92 7.30 -6.47
N LYS A 72 15.82 6.56 -6.34
CA LYS A 72 14.86 6.86 -5.29
C LYS A 72 15.51 6.73 -3.92
N GLY A 73 16.41 5.77 -3.76
CA GLY A 73 17.06 5.60 -2.47
C GLY A 73 18.02 6.72 -2.14
N LEU A 74 18.73 7.22 -3.16
CA LEU A 74 19.58 8.38 -2.93
C LEU A 74 18.75 9.59 -2.53
N GLU A 75 17.66 9.84 -3.26
CA GLU A 75 16.72 10.90 -2.89
C GLU A 75 16.29 10.75 -1.44
N ALA A 76 15.86 9.55 -1.06
CA ALA A 76 15.39 9.31 0.30
C ALA A 76 16.48 9.55 1.32
N HIS A 77 17.72 9.21 0.99
CA HIS A 77 18.81 9.43 1.95
C HIS A 77 19.06 10.92 2.16
N ARG A 78 18.80 11.74 1.14
CA ARG A 78 18.91 13.19 1.37
C ARG A 78 18.00 13.64 2.51
N ARG A 79 16.79 13.08 2.60
CA ARG A 79 15.82 13.58 3.56
C ARG A 79 16.16 13.17 4.98
N HIS A 80 16.17 11.87 5.25
CA HIS A 80 16.42 11.34 6.60
C HIS A 80 17.66 10.45 6.58
N PRO A 81 18.79 10.95 7.05
CA PRO A 81 20.04 10.18 6.97
C PRO A 81 20.20 9.14 8.07
N ASN A 82 19.17 8.85 8.84
CA ASN A 82 19.26 7.76 9.80
C ASN A 82 18.02 6.89 9.88
N LEU A 83 16.95 7.18 9.16
CA LEU A 83 15.79 6.31 9.09
C LEU A 83 15.89 5.42 7.85
N TRP A 84 15.11 4.34 7.85
CA TRP A 84 15.06 3.47 6.70
C TRP A 84 13.77 3.61 5.89
N ILE A 85 12.62 3.52 6.54
CA ILE A 85 11.32 3.66 5.88
C ILE A 85 11.24 2.71 4.70
N PRO A 86 11.09 1.40 4.93
CA PRO A 86 11.18 0.43 3.83
C PRO A 86 10.05 0.50 2.81
N HIS A 87 9.01 1.30 3.02
CA HIS A 87 8.01 1.42 1.97
C HIS A 87 8.41 2.44 0.91
N GLU A 88 9.66 2.89 0.92
CA GLU A 88 10.27 3.59 -0.20
C GLU A 88 11.74 3.16 -0.25
N CYS A 89 12.17 2.68 -1.40
CA CYS A 89 13.53 2.15 -1.54
C CYS A 89 13.84 1.00 -0.59
N SER A 90 13.32 -0.19 -0.89
CA SER A 90 13.66 -1.38 -0.13
C SER A 90 15.16 -1.60 0.03
N PHE A 91 16.01 -0.85 -0.68
CA PHE A 91 17.44 -0.83 -0.38
C PHE A 91 17.71 0.12 0.77
N LYS A 92 18.48 -0.33 1.75
CA LYS A 92 18.95 0.58 2.80
C LYS A 92 20.38 1.03 2.45
N MET A 93 20.44 2.06 1.59
CA MET A 93 21.68 2.41 0.91
C MET A 93 22.65 3.01 1.92
N LEU A 94 23.31 2.12 2.65
CA LEU A 94 24.13 2.54 3.78
C LEU A 94 25.38 3.26 3.30
N ASP A 95 25.92 4.09 4.19
CA ASP A 95 27.10 4.88 3.93
C ASP A 95 28.33 4.16 4.43
N SER A 96 29.40 4.19 3.66
CA SER A 96 30.71 3.70 4.05
C SER A 96 31.64 4.90 4.10
N CYS A 97 32.17 5.19 5.28
CA CYS A 97 32.95 6.41 5.50
C CYS A 97 34.25 6.46 4.71
N ILE A 98 34.53 5.46 3.87
CA ILE A 98 35.75 5.46 3.08
C ILE A 98 35.72 6.66 2.14
N ALA A 99 36.76 7.51 2.25
CA ALA A 99 36.84 8.73 1.45
C ALA A 99 38.07 8.74 0.54
N ASP A 100 38.77 7.61 0.44
CA ASP A 100 39.96 7.54 -0.41
C ASP A 100 40.17 6.13 -0.93
N ILE A 101 39.93 5.92 -2.23
CA ILE A 101 40.27 4.67 -2.89
C ILE A 101 41.78 4.52 -2.83
N PRO A 102 42.31 3.50 -2.14
CA PRO A 102 43.76 3.41 -1.93
C PRO A 102 44.51 3.31 -3.25
N THR A 103 45.77 3.74 -3.21
CA THR A 103 46.63 3.73 -4.38
C THR A 103 47.52 2.48 -4.45
N GLY A 104 47.75 1.80 -3.32
CA GLY A 104 48.49 0.57 -3.32
C GLY A 104 49.98 0.71 -3.08
N GLN A 105 50.45 1.83 -2.53
CA GLN A 105 51.87 2.09 -2.34
C GLN A 105 52.13 2.28 -0.85
N GLU A 106 52.41 1.18 -0.16
CA GLU A 106 52.71 1.23 1.27
C GLU A 106 53.27 -0.09 1.78
N LYS A 107 53.45 -0.19 3.10
CA LYS A 107 53.93 -1.41 3.74
C LYS A 107 53.18 -1.57 5.06
N GLY A 108 53.51 -2.63 5.80
CA GLY A 108 52.90 -2.85 7.10
C GLY A 108 52.40 -4.26 7.32
N THR A 109 52.41 -4.70 8.57
CA THR A 109 51.91 -6.01 8.97
C THR A 109 50.79 -5.81 10.00
N TYR A 110 49.61 -6.32 9.70
CA TYR A 110 48.45 -6.14 10.55
C TYR A 110 47.76 -7.47 10.80
N TYR A 111 47.10 -7.56 11.96
CA TYR A 111 46.22 -8.67 12.28
C TYR A 111 44.79 -8.19 12.08
N ALA A 112 43.94 -9.07 11.55
CA ALA A 112 42.56 -8.71 11.26
C ALA A 112 41.66 -9.90 11.50
N ILE A 113 40.39 -9.61 11.79
CA ILE A 113 39.39 -10.64 12.06
C ILE A 113 38.32 -10.56 10.97
N ASP A 114 37.79 -11.71 10.59
CA ASP A 114 36.68 -11.79 9.66
C ASP A 114 35.51 -12.52 10.31
N PHE A 115 34.34 -12.40 9.70
CA PHE A 115 33.14 -13.08 10.17
C PHE A 115 32.03 -12.85 9.16
N GLY A 116 31.14 -13.83 9.04
CA GLY A 116 29.96 -13.67 8.23
C GLY A 116 29.67 -14.81 7.27
N GLY A 117 30.72 -15.40 6.70
CA GLY A 117 30.54 -16.47 5.74
C GLY A 117 30.11 -17.78 6.36
N THR A 118 30.47 -18.90 5.72
CA THR A 118 30.22 -20.21 6.32
C THR A 118 31.04 -20.44 7.57
N ASN A 119 32.09 -19.66 7.79
CA ASN A 119 32.96 -19.78 8.94
C ASN A 119 33.89 -18.57 9.01
N PHE A 120 34.13 -18.05 10.20
CA PHE A 120 34.94 -16.85 10.32
C PHE A 120 36.43 -17.20 10.23
N ARG A 121 37.24 -16.17 10.06
CA ARG A 121 38.67 -16.32 9.84
C ARG A 121 39.43 -15.36 10.74
N ALA A 122 40.76 -15.45 10.66
CA ALA A 122 41.66 -14.54 11.35
C ALA A 122 42.96 -14.50 10.57
N VAL A 123 43.35 -13.30 10.13
CA VAL A 123 44.44 -13.14 9.17
C VAL A 123 45.57 -12.36 9.84
N ARG A 124 46.81 -12.79 9.56
CA ARG A 124 48.01 -12.08 9.98
C ARG A 124 48.77 -11.69 8.72
N ALA A 125 48.42 -10.56 8.14
CA ALA A 125 48.88 -10.22 6.81
C ALA A 125 50.02 -9.22 6.83
N SER A 126 50.85 -9.26 5.79
CA SER A 126 51.90 -8.30 5.56
C SER A 126 51.81 -7.80 4.13
N LEU A 127 52.16 -6.53 3.92
CA LEU A 127 51.97 -5.87 2.65
C LEU A 127 53.32 -5.65 1.96
N ASP A 128 53.25 -5.35 0.67
CA ASP A 128 54.43 -5.08 -0.15
C ASP A 128 54.32 -3.67 -0.71
N GLY A 129 55.46 -3.14 -1.14
CA GLY A 129 55.52 -1.81 -1.72
C GLY A 129 54.70 -1.63 -2.97
N ASN A 130 54.07 -2.71 -3.44
CA ASN A 130 53.20 -2.66 -4.61
C ASN A 130 52.11 -3.71 -4.42
N GLY A 131 51.45 -4.07 -5.52
CA GLY A 131 50.29 -4.95 -5.52
C GLY A 131 50.37 -6.20 -4.66
N LYS A 132 51.55 -6.80 -4.57
CA LYS A 132 51.71 -8.06 -3.85
C LYS A 132 51.40 -7.89 -2.37
N ILE A 133 50.95 -8.98 -1.75
CA ILE A 133 50.60 -9.02 -0.34
C ILE A 133 50.51 -10.47 0.11
N LYS A 134 51.00 -10.77 1.31
CA LYS A 134 51.03 -12.14 1.80
C LYS A 134 50.29 -12.20 3.13
N ARG A 135 49.90 -13.42 3.53
CA ARG A 135 49.15 -13.60 4.77
C ARG A 135 49.34 -15.01 5.30
N ASP A 136 49.23 -15.15 6.62
CA ASP A 136 49.28 -16.47 7.25
C ASP A 136 47.88 -17.07 7.34
N GLN A 137 46.97 -16.37 8.02
CA GLN A 137 45.54 -16.67 8.08
C GLN A 137 45.19 -18.12 8.39
N GLU A 138 46.04 -18.84 9.12
CA GLU A 138 45.63 -20.13 9.65
C GLU A 138 44.60 -19.91 10.74
N THR A 139 43.40 -20.47 10.54
CA THR A 139 42.27 -20.13 11.40
C THR A 139 41.17 -21.15 11.21
N TYR A 140 40.28 -21.22 12.20
CA TYR A 140 39.21 -22.20 12.24
C TYR A 140 37.93 -21.53 12.72
N SER A 141 36.81 -22.21 12.54
CA SER A 141 35.53 -21.67 12.94
C SER A 141 34.49 -22.79 12.99
N LEU A 142 33.24 -22.39 13.19
CA LEU A 142 32.12 -23.31 13.30
C LEU A 142 31.90 -24.06 12.00
N HIS A 158 19.57 -20.74 21.66
CA HIS A 158 20.04 -20.82 23.02
C HIS A 158 21.56 -20.68 23.07
N ALA A 159 22.05 -19.53 22.62
CA ALA A 159 23.48 -19.24 22.63
C ALA A 159 23.65 -17.73 22.62
N THR A 160 24.27 -17.19 23.66
CA THR A 160 24.35 -15.75 23.85
C THR A 160 25.68 -15.21 23.33
N ALA A 161 25.84 -13.89 23.44
CA ALA A 161 27.03 -13.24 22.92
C ALA A 161 28.25 -13.48 23.79
N SER A 162 28.04 -13.78 25.07
CA SER A 162 29.17 -14.03 25.97
C SER A 162 30.00 -15.21 25.47
N GLN A 163 29.37 -16.36 25.25
CA GLN A 163 30.11 -17.55 24.83
C GLN A 163 30.65 -17.39 23.41
N LEU A 164 29.89 -16.70 22.55
CA LEU A 164 30.35 -16.48 21.18
C LEU A 164 31.64 -15.66 21.15
N PHE A 165 31.66 -14.53 21.85
CA PHE A 165 32.87 -13.72 21.85
C PHE A 165 33.96 -14.34 22.71
N ASP A 166 33.59 -15.23 23.64
CA ASP A 166 34.61 -16.03 24.32
C ASP A 166 35.32 -16.94 23.34
N HIS A 167 34.57 -17.58 22.44
CA HIS A 167 35.18 -18.37 21.39
C HIS A 167 36.04 -17.50 20.48
N PHE A 168 35.55 -16.32 20.12
CA PHE A 168 36.33 -15.37 19.34
C PHE A 168 37.68 -15.09 20.01
N ALA A 169 37.66 -14.71 21.27
CA ALA A 169 38.87 -14.34 21.99
C ALA A 169 39.83 -15.53 22.14
N GLU A 170 39.28 -16.71 22.45
CA GLU A 170 40.14 -17.88 22.62
C GLU A 170 40.80 -18.26 21.30
N ARG A 171 40.07 -18.16 20.20
CA ARG A 171 40.65 -18.49 18.90
C ARG A 171 41.73 -17.49 18.51
N ILE A 172 41.47 -16.19 18.69
CA ILE A 172 42.48 -15.21 18.30
C ILE A 172 43.69 -15.30 19.21
N LYS A 173 43.49 -15.70 20.47
CA LYS A 173 44.62 -15.90 21.37
C LYS A 173 45.45 -17.10 20.93
N TYR A 174 44.78 -18.22 20.59
CA TYR A 174 45.48 -19.39 20.09
C TYR A 174 46.29 -19.07 18.85
N ILE A 175 45.72 -18.26 17.95
CA ILE A 175 46.42 -17.91 16.71
C ILE A 175 47.54 -16.91 16.99
N MET A 176 47.42 -16.15 18.08
CA MET A 176 48.40 -15.10 18.37
C MET A 176 49.81 -15.66 18.57
N GLY A 177 49.93 -16.94 18.91
CA GLY A 177 51.21 -17.53 19.23
C GLY A 177 52.04 -17.97 18.04
N GLU A 178 52.68 -17.03 17.36
CA GLU A 178 53.56 -17.36 16.24
C GLU A 178 54.68 -18.28 16.67
N VAL A 190 45.24 -2.30 11.68
CA VAL A 190 44.29 -3.28 12.20
C VAL A 190 42.88 -2.94 11.72
N GLY A 191 42.03 -3.96 11.64
CA GLY A 191 40.66 -3.76 11.18
C GLY A 191 39.78 -4.89 11.67
N PHE A 192 38.53 -4.87 11.21
CA PHE A 192 37.57 -5.90 11.55
C PHE A 192 36.49 -5.92 10.47
N THR A 193 35.93 -7.10 10.23
CA THR A 193 34.91 -7.28 9.20
C THR A 193 33.70 -7.97 9.80
N PHE A 194 32.52 -7.34 9.62
CA PHE A 194 31.25 -7.91 10.07
C PHE A 194 30.32 -7.95 8.86
N SER A 195 29.96 -9.15 8.42
CA SER A 195 29.17 -9.31 7.20
C SER A 195 27.68 -9.40 7.56
N PHE A 196 27.15 -8.28 8.00
CA PHE A 196 25.74 -8.15 8.34
C PHE A 196 25.35 -6.70 8.13
N PRO A 197 24.05 -6.41 8.07
CA PRO A 197 23.62 -5.00 7.90
C PRO A 197 23.92 -4.20 9.15
N CYS A 198 24.84 -3.24 9.02
CA CYS A 198 25.28 -2.41 10.13
C CYS A 198 25.10 -0.94 9.78
N THR A 199 24.68 -0.15 10.75
CA THR A 199 24.54 1.30 10.58
C THR A 199 25.69 1.97 11.30
N SER A 200 26.72 2.35 10.54
CA SER A 200 27.96 2.83 11.12
C SER A 200 27.96 4.35 11.15
N PRO A 201 27.98 5.00 12.31
CA PRO A 201 28.14 6.46 12.32
C PRO A 201 29.48 6.91 11.76
N SER A 202 30.57 6.28 12.20
CA SER A 202 31.90 6.60 11.69
C SER A 202 32.64 5.28 11.45
N ILE A 203 33.94 5.37 11.23
CA ILE A 203 34.74 4.19 10.89
C ILE A 203 34.89 3.29 12.11
N ASN A 204 35.29 3.87 13.25
CA ASN A 204 35.58 3.06 14.43
C ASN A 204 34.34 2.49 15.09
N CYS A 205 33.16 2.99 14.75
CA CYS A 205 31.92 2.61 15.41
C CYS A 205 30.96 1.99 14.41
N SER A 206 30.28 0.92 14.80
CA SER A 206 29.35 0.22 13.94
C SER A 206 28.33 -0.54 14.78
N ILE A 207 27.05 -0.34 14.47
CA ILE A 207 25.97 -1.06 15.14
C ILE A 207 25.06 -1.66 14.06
N LEU A 208 24.63 -2.89 14.28
CA LEU A 208 23.80 -3.62 13.33
C LEU A 208 22.33 -3.40 13.65
N ILE A 209 21.47 -4.03 12.83
CA ILE A 209 20.03 -3.89 12.95
C ILE A 209 19.34 -5.23 13.17
N ASP A 210 19.70 -6.24 12.38
CA ASP A 210 19.09 -7.56 12.56
C ASP A 210 20.08 -8.64 12.10
N TRP A 211 19.56 -9.87 11.99
CA TRP A 211 20.37 -11.08 11.86
C TRP A 211 19.89 -11.86 10.63
N THR A 212 20.49 -11.57 9.48
CA THR A 212 20.13 -12.19 8.21
C THR A 212 20.94 -13.46 7.99
N LYS A 213 20.90 -13.99 6.76
CA LYS A 213 21.69 -15.11 6.26
C LYS A 213 21.24 -16.46 6.78
N GLY A 214 20.24 -16.51 7.65
CA GLY A 214 19.85 -17.72 8.32
C GLY A 214 20.50 -17.91 9.67
N PHE A 215 21.59 -17.18 9.94
CA PHE A 215 22.17 -17.15 11.27
C PHE A 215 21.11 -16.77 12.29
N GLU A 216 21.28 -17.23 13.53
CA GLU A 216 20.31 -16.96 14.57
C GLU A 216 21.00 -17.10 15.92
N THR A 217 21.20 -15.98 16.60
CA THR A 217 21.79 -16.00 17.94
C THR A 217 20.70 -16.32 18.96
N GLY A 218 21.06 -17.04 20.01
CA GLY A 218 20.08 -17.52 20.97
C GLY A 218 19.30 -16.38 21.61
N ARG A 219 18.11 -16.74 22.09
CA ARG A 219 17.17 -15.79 22.69
C ARG A 219 17.18 -15.99 24.20
N ALA A 220 18.00 -15.19 24.89
CA ALA A 220 18.07 -15.20 26.33
C ALA A 220 18.12 -13.75 26.82
N THR A 221 17.97 -13.59 28.14
CA THR A 221 18.06 -12.27 28.77
C THR A 221 19.38 -11.57 28.45
N ASN A 222 20.40 -12.31 28.04
CA ASN A 222 21.73 -11.75 27.79
C ASN A 222 21.76 -10.84 26.56
N ASP A 223 20.61 -10.53 25.97
CA ASP A 223 20.48 -9.51 24.93
C ASP A 223 21.36 -9.86 23.73
N PRO A 224 20.92 -10.82 22.90
CA PRO A 224 21.72 -11.22 21.74
C PRO A 224 22.21 -10.04 20.92
N VAL A 225 23.23 -10.32 20.09
CA VAL A 225 24.09 -9.28 19.53
C VAL A 225 23.31 -8.18 18.83
N GLU A 226 22.14 -8.50 18.27
CA GLU A 226 21.41 -7.51 17.49
C GLU A 226 20.95 -6.34 18.37
N GLY A 227 21.60 -5.19 18.22
CA GLY A 227 21.19 -4.01 18.92
C GLY A 227 22.28 -3.25 19.67
N ARG A 228 23.54 -3.59 19.43
CA ARG A 228 24.64 -2.92 20.10
C ARG A 228 25.80 -2.68 19.13
N ASP A 229 26.61 -1.67 19.47
CA ASP A 229 27.83 -1.41 18.72
C ASP A 229 28.78 -2.58 18.84
N VAL A 230 29.43 -2.92 17.73
CA VAL A 230 30.28 -4.11 17.68
C VAL A 230 31.67 -3.82 18.24
N CYS A 231 32.24 -2.67 17.93
CA CYS A 231 33.57 -2.33 18.43
C CYS A 231 33.59 -2.32 19.96
N LYS A 232 32.48 -1.90 20.58
CA LYS A 232 32.39 -1.91 22.03
C LYS A 232 32.42 -3.33 22.58
N LEU A 233 31.55 -4.19 22.06
CA LEU A 233 31.43 -5.54 22.59
C LEU A 233 32.66 -6.38 22.26
N MET A 234 33.45 -5.95 21.27
CA MET A 234 34.64 -6.70 20.89
C MET A 234 35.74 -6.56 21.95
N ASN A 235 35.92 -5.35 22.47
CA ASN A 235 37.02 -5.09 23.39
C ASN A 235 36.92 -5.92 24.67
N ASP A 236 35.71 -6.33 25.04
CA ASP A 236 35.57 -7.20 26.22
C ASP A 236 36.29 -8.52 26.01
N ALA A 237 36.19 -9.09 24.81
CA ALA A 237 36.92 -10.30 24.46
C ALA A 237 38.41 -10.00 24.41
N PHE A 238 38.81 -9.02 23.60
CA PHE A 238 40.20 -8.59 23.53
C PHE A 238 40.58 -7.77 24.76
N CYS A 248 39.57 -1.13 16.20
CA CYS A 248 39.36 -0.46 14.91
C CYS A 248 38.29 -0.85 13.93
N CYS A 249 37.89 0.19 13.23
CA CYS A 249 37.94 0.23 11.77
C CYS A 249 37.19 -0.95 11.17
N VAL A 250 35.88 -0.95 11.42
CA VAL A 250 34.99 -2.01 10.97
C VAL A 250 34.45 -1.67 9.59
N VAL A 251 34.42 -2.66 8.70
CA VAL A 251 33.87 -2.53 7.36
C VAL A 251 32.99 -3.74 7.07
N ASN A 252 32.49 -3.81 5.84
CA ASN A 252 31.66 -4.91 5.38
C ASN A 252 32.39 -5.68 4.28
N ASP A 253 31.69 -6.67 3.71
CA ASP A 253 32.30 -7.56 2.74
C ASP A 253 32.45 -6.89 1.38
N ALA A 254 31.40 -6.23 0.90
CA ALA A 254 31.43 -5.63 -0.43
C ALA A 254 32.45 -4.50 -0.51
N VAL A 255 32.48 -3.63 0.50
CA VAL A 255 33.47 -2.56 0.52
C VAL A 255 34.86 -3.16 0.67
N GLY A 256 34.97 -4.28 1.39
CA GLY A 256 36.26 -4.95 1.49
C GLY A 256 36.76 -5.42 0.15
N THR A 257 35.88 -6.02 -0.65
CA THR A 257 36.25 -6.45 -1.99
C THR A 257 36.63 -5.25 -2.86
N LEU A 258 35.84 -4.19 -2.79
CA LEU A 258 36.11 -3.00 -3.60
C LEU A 258 37.47 -2.40 -3.26
N MET A 259 37.83 -2.41 -1.98
CA MET A 259 39.16 -1.95 -1.59
C MET A 259 40.23 -2.91 -2.07
N SER A 260 40.06 -4.20 -1.81
CA SER A 260 41.05 -5.21 -2.18
C SER A 260 41.28 -5.32 -3.67
N CYS A 261 40.37 -4.80 -4.50
CA CYS A 261 40.59 -4.78 -5.94
C CYS A 261 41.29 -3.51 -6.41
N ALA A 262 41.70 -2.65 -5.48
CA ALA A 262 42.47 -1.46 -5.80
C ALA A 262 43.96 -1.66 -5.52
N TYR A 263 44.29 -2.17 -4.33
CA TYR A 263 45.67 -2.48 -4.00
C TYR A 263 46.23 -3.56 -4.91
N GLN A 264 45.40 -4.55 -5.27
CA GLN A 264 45.86 -5.71 -6.01
C GLN A 264 46.16 -5.38 -7.46
N LYS A 265 45.14 -4.95 -8.20
CA LYS A 265 45.31 -4.69 -9.63
C LYS A 265 45.82 -3.28 -9.85
N GLY A 266 46.49 -3.08 -10.98
CA GLY A 266 47.01 -1.76 -11.31
C GLY A 266 47.80 -1.68 -12.60
N LYS A 267 47.82 -0.49 -13.20
CA LYS A 267 48.66 -0.09 -14.32
C LYS A 267 48.25 -0.70 -15.65
N THR A 268 47.30 -1.61 -15.68
CA THR A 268 46.89 -2.19 -16.95
C THR A 268 45.38 -2.18 -17.15
N THR A 269 44.62 -2.24 -16.08
CA THR A 269 43.16 -2.27 -16.14
C THR A 269 42.58 -0.96 -15.65
N PRO A 270 41.44 -0.54 -16.20
CA PRO A 270 40.78 0.67 -15.70
C PRO A 270 40.41 0.52 -14.24
N PRO A 271 40.22 1.62 -13.52
CA PRO A 271 39.91 1.52 -12.08
C PRO A 271 38.59 0.82 -11.84
N CYS A 272 38.43 0.33 -10.63
CA CYS A 272 37.27 -0.46 -10.25
C CYS A 272 36.28 0.38 -9.46
N TYR A 273 34.99 0.19 -9.76
CA TYR A 273 33.93 0.97 -9.14
C TYR A 273 32.80 0.14 -8.56
N ILE A 274 32.84 -1.19 -8.69
CA ILE A 274 31.76 -2.07 -8.26
C ILE A 274 32.37 -3.24 -7.49
N GLY A 275 31.77 -3.57 -6.35
CA GLY A 275 32.16 -4.74 -5.60
C GLY A 275 30.99 -5.63 -5.30
N ILE A 276 31.06 -6.90 -5.73
CA ILE A 276 29.94 -7.82 -5.66
C ILE A 276 30.36 -9.06 -4.87
N ILE A 277 29.51 -9.48 -3.94
CA ILE A 277 29.72 -10.71 -3.18
C ILE A 277 28.57 -11.64 -3.47
N LEU A 278 28.89 -12.83 -4.02
CA LEU A 278 27.92 -13.86 -4.34
C LEU A 278 28.35 -15.15 -3.64
N GLY A 279 27.63 -15.54 -2.61
CA GLY A 279 28.02 -16.66 -1.77
C GLY A 279 26.92 -17.02 -0.80
N THR A 280 27.27 -17.23 0.47
CA THR A 280 26.25 -17.40 1.50
C THR A 280 25.27 -16.23 1.49
N GLY A 281 25.75 -15.05 1.13
CA GLY A 281 24.90 -13.90 0.88
C GLY A 281 25.06 -13.39 -0.55
N SER A 282 24.40 -12.26 -0.81
CA SER A 282 24.48 -11.59 -2.10
C SER A 282 24.40 -10.10 -1.83
N ASN A 283 25.50 -9.39 -2.04
CA ASN A 283 25.56 -7.98 -1.68
C ASN A 283 26.41 -7.21 -2.67
N GLY A 284 26.24 -5.89 -2.65
CA GLY A 284 26.96 -5.02 -3.54
C GLY A 284 27.30 -3.66 -2.97
N CYS A 285 28.46 -3.15 -3.35
CA CYS A 285 28.87 -1.78 -3.07
C CYS A 285 29.29 -1.13 -4.38
N TYR A 286 29.18 0.20 -4.46
CA TYR A 286 29.57 0.84 -5.70
C TYR A 286 30.04 2.26 -5.42
N TYR A 287 30.70 2.84 -6.41
CA TYR A 287 31.22 4.20 -6.32
C TYR A 287 30.24 5.17 -6.97
N GLU A 288 30.04 6.31 -6.33
CA GLU A 288 29.07 7.29 -6.80
C GLU A 288 29.73 8.66 -6.90
N PRO A 289 29.68 9.31 -8.06
CA PRO A 289 30.26 10.65 -8.16
C PRO A 289 29.48 11.70 -7.38
N GLU A 290 28.17 11.55 -7.29
CA GLU A 290 27.31 12.57 -6.71
C GLU A 290 27.21 12.45 -5.20
N TRP A 291 28.22 11.85 -4.57
CA TRP A 291 28.21 11.69 -3.13
C TRP A 291 28.22 13.02 -2.39
N LYS A 292 28.54 14.11 -3.07
CA LYS A 292 28.48 15.43 -2.43
C LYS A 292 27.06 15.97 -2.41
N LYS A 293 26.30 15.71 -3.47
CA LYS A 293 24.92 16.19 -3.55
C LYS A 293 24.07 15.55 -2.46
N TYR A 294 23.98 14.23 -2.47
CA TYR A 294 23.23 13.49 -1.45
C TYR A 294 24.08 13.45 -0.18
N LYS A 295 23.57 14.04 0.89
CA LYS A 295 24.41 14.40 2.02
C LYS A 295 24.82 13.20 2.87
N TYR A 296 25.93 12.57 2.51
CA TYR A 296 26.65 11.69 3.43
C TYR A 296 28.08 11.53 2.96
N SER A 297 28.99 11.36 3.92
CA SER A 297 30.42 11.39 3.67
C SER A 297 30.92 9.99 3.33
N GLY A 298 31.56 9.86 2.18
CA GLY A 298 32.03 8.57 1.71
C GLY A 298 31.83 8.41 0.21
N LYS A 299 32.88 8.03 -0.49
CA LYS A 299 32.82 7.96 -1.94
C LYS A 299 32.01 6.78 -2.45
N ILE A 300 31.83 5.74 -1.63
CA ILE A 300 31.20 4.51 -2.08
C ILE A 300 30.04 4.17 -1.14
N ILE A 301 28.97 3.65 -1.73
CA ILE A 301 27.74 3.33 -1.01
C ILE A 301 27.56 1.83 -0.97
N ASN A 302 27.10 1.32 0.17
CA ASN A 302 26.81 -0.09 0.35
C ASN A 302 25.33 -0.32 0.11
N ILE A 303 24.96 -0.89 -1.03
CA ILE A 303 23.59 -1.31 -1.25
C ILE A 303 23.37 -2.62 -0.52
N GLU A 304 22.24 -2.73 0.16
CA GLU A 304 21.84 -4.02 0.72
C GLU A 304 20.84 -4.68 -0.23
N LEU A 305 21.34 -4.96 -1.43
CA LEU A 305 20.47 -5.38 -2.52
C LEU A 305 19.84 -6.74 -2.30
N GLY A 306 20.11 -7.41 -1.18
CA GLY A 306 19.39 -8.64 -0.89
C GLY A 306 17.94 -8.44 -0.49
N ASN A 307 17.42 -7.22 -0.61
CA ASN A 307 16.09 -6.88 -0.14
C ASN A 307 15.20 -6.35 -1.27
N PHE A 308 15.53 -6.67 -2.52
CA PHE A 308 14.71 -6.22 -3.64
C PHE A 308 13.33 -6.85 -3.58
N ASP A 309 12.33 -6.10 -4.01
CA ASP A 309 10.95 -6.50 -3.79
C ASP A 309 10.09 -6.50 -5.04
N LYS A 310 10.31 -5.56 -5.95
CA LYS A 310 9.28 -5.05 -6.84
C LYS A 310 8.46 -6.11 -7.58
N ASP A 311 9.07 -6.85 -8.50
CA ASP A 311 8.28 -7.82 -9.27
C ASP A 311 9.06 -9.08 -9.60
N LEU A 312 9.99 -9.49 -8.76
CA LEU A 312 10.80 -10.66 -9.05
C LEU A 312 9.91 -11.90 -9.16
N PRO A 313 10.22 -12.80 -10.10
CA PRO A 313 9.36 -13.97 -10.34
C PRO A 313 9.50 -15.00 -9.22
N LEU A 314 8.38 -15.60 -8.84
CA LEU A 314 8.33 -16.52 -7.71
C LEU A 314 7.53 -17.76 -8.07
N SER A 315 8.20 -18.91 -8.12
CA SER A 315 7.53 -20.19 -8.19
C SER A 315 7.01 -20.57 -6.79
N PRO A 316 6.02 -21.46 -6.71
CA PRO A 316 5.45 -21.78 -5.40
C PRO A 316 6.46 -22.37 -4.43
N ILE A 317 7.50 -23.02 -4.93
CA ILE A 317 8.57 -23.51 -4.06
C ILE A 317 9.18 -22.36 -3.28
N ASP A 318 9.32 -21.20 -3.93
CA ASP A 318 9.84 -20.03 -3.24
C ASP A 318 8.93 -19.56 -2.12
N LEU A 319 7.62 -19.51 -2.35
CA LEU A 319 6.68 -19.15 -1.30
C LEU A 319 6.74 -20.12 -0.13
N VAL A 320 6.82 -21.42 -0.42
CA VAL A 320 6.86 -22.40 0.67
C VAL A 320 8.16 -22.27 1.46
N MET A 321 9.28 -22.10 0.76
CA MET A 321 10.56 -21.99 1.46
C MET A 321 10.68 -20.67 2.21
N ASP A 322 9.89 -19.66 1.81
CA ASP A 322 9.90 -18.40 2.53
C ASP A 322 8.98 -18.44 3.74
N TRP A 323 7.91 -19.23 3.69
CA TRP A 323 7.04 -19.35 4.85
C TRP A 323 7.73 -20.06 6.00
N HIS A 324 8.80 -20.79 5.72
CA HIS A 324 9.51 -21.61 6.71
C HIS A 324 10.83 -20.98 7.13
N SER A 325 10.91 -19.66 7.25
CA SER A 325 12.17 -19.01 7.57
C SER A 325 11.95 -17.98 8.67
N ALA A 326 13.05 -17.63 9.35
CA ALA A 326 12.96 -16.65 10.43
C ALA A 326 12.75 -15.24 9.89
N ASN A 327 13.58 -14.81 8.93
CA ASN A 327 13.43 -13.50 8.31
C ASN A 327 12.30 -13.48 7.30
N ARG A 328 11.08 -13.75 7.74
CA ARG A 328 9.95 -13.86 6.82
C ARG A 328 9.57 -12.49 6.26
N SER A 329 9.18 -12.48 4.98
CA SER A 329 8.69 -11.30 4.28
C SER A 329 9.80 -10.30 3.99
N ARG A 330 11.02 -10.59 4.42
CA ARG A 330 12.17 -9.76 4.10
C ARG A 330 13.24 -10.63 3.44
N GLN A 331 14.22 -9.96 2.83
CA GLN A 331 15.30 -10.63 2.12
C GLN A 331 14.75 -11.61 1.09
N LEU A 332 13.99 -11.05 0.15
CA LEU A 332 13.33 -11.87 -0.86
C LEU A 332 14.20 -12.09 -2.09
N PHE A 333 15.02 -11.12 -2.45
CA PHE A 333 15.91 -11.29 -3.59
C PHE A 333 17.10 -12.17 -3.25
N GLU A 334 17.52 -12.18 -1.98
CA GLU A 334 18.64 -13.01 -1.58
C GLU A 334 18.27 -14.49 -1.61
N LYS A 335 17.01 -14.81 -1.36
CA LYS A 335 16.57 -16.20 -1.27
C LYS A 335 16.47 -16.89 -2.63
N MET A 336 16.81 -16.21 -3.72
CA MET A 336 16.75 -16.81 -5.04
C MET A 336 18.11 -16.96 -5.71
N ILE A 337 19.12 -16.22 -5.27
CA ILE A 337 20.41 -16.18 -5.94
C ILE A 337 21.58 -16.49 -5.02
N SER A 338 21.34 -16.77 -3.75
CA SER A 338 22.42 -16.97 -2.80
C SER A 338 22.64 -18.45 -2.54
N GLY A 339 23.87 -18.79 -2.13
CA GLY A 339 24.24 -20.19 -2.03
C GLY A 339 23.61 -20.89 -0.83
N ALA A 340 23.11 -20.12 0.12
CA ALA A 340 22.54 -20.73 1.32
C ALA A 340 21.23 -21.44 1.05
N TYR A 341 20.55 -21.12 -0.05
CA TYR A 341 19.22 -21.66 -0.31
C TYR A 341 19.11 -22.47 -1.60
N LEU A 342 20.14 -22.47 -2.45
CA LEU A 342 20.04 -23.17 -3.73
C LEU A 342 19.88 -24.66 -3.53
N GLY A 343 20.61 -25.24 -2.57
CA GLY A 343 20.47 -26.66 -2.30
C GLY A 343 19.08 -27.03 -1.84
N GLU A 344 18.49 -26.19 -0.98
CA GLU A 344 17.14 -26.45 -0.50
C GLU A 344 16.14 -26.34 -1.64
N ILE A 345 16.32 -25.34 -2.51
CA ILE A 345 15.41 -25.20 -3.65
C ILE A 345 15.48 -26.42 -4.56
N VAL A 346 16.71 -26.89 -4.82
CA VAL A 346 16.87 -28.06 -5.68
C VAL A 346 16.25 -29.29 -5.05
N ARG A 347 16.43 -29.45 -3.74
CA ARG A 347 15.83 -30.58 -3.05
C ARG A 347 14.31 -30.51 -3.12
N ARG A 348 13.73 -29.33 -2.96
CA ARG A 348 12.27 -29.21 -3.00
C ARG A 348 11.72 -29.39 -4.40
N PHE A 349 12.49 -29.06 -5.43
CA PHE A 349 12.07 -29.42 -6.79
C PHE A 349 12.17 -30.92 -7.02
N MET A 350 13.20 -31.56 -6.46
CA MET A 350 13.42 -32.97 -6.74
C MET A 350 12.47 -33.90 -5.99
N VAL A 351 11.39 -33.37 -5.44
CA VAL A 351 10.35 -34.18 -4.84
C VAL A 351 9.06 -34.11 -5.64
N ASN A 352 8.72 -32.95 -6.18
CA ASN A 352 7.57 -32.82 -7.05
C ASN A 352 7.82 -33.36 -8.44
N VAL A 353 9.02 -33.85 -8.72
CA VAL A 353 9.35 -34.47 -9.99
C VAL A 353 9.43 -35.98 -9.88
N LEU A 354 10.07 -36.49 -8.82
CA LEU A 354 10.15 -37.92 -8.64
C LEU A 354 8.83 -38.51 -8.13
N GLN A 355 8.07 -37.74 -7.35
CA GLN A 355 6.70 -38.11 -7.01
C GLN A 355 6.59 -39.46 -6.33
N SER A 356 7.11 -39.56 -5.11
CA SER A 356 7.03 -40.75 -4.26
C SER A 356 8.00 -41.83 -4.73
N ALA A 357 8.69 -41.58 -5.83
CA ALA A 357 9.84 -42.39 -6.19
C ALA A 357 11.08 -42.00 -5.39
N SER A 358 10.96 -41.03 -4.49
CA SER A 358 12.06 -40.58 -3.67
C SER A 358 12.20 -41.44 -2.41
N SER A 359 13.21 -41.13 -1.62
CA SER A 359 13.50 -41.88 -0.42
C SER A 359 12.96 -41.17 0.82
N GLU A 360 13.11 -41.81 1.97
CA GLU A 360 12.69 -41.20 3.23
C GLU A 360 13.58 -40.00 3.57
N LYS A 361 14.84 -40.02 3.13
CA LYS A 361 15.75 -38.93 3.47
C LYS A 361 15.52 -37.70 2.60
N MET A 362 14.94 -37.87 1.41
CA MET A 362 14.73 -36.74 0.53
C MET A 362 13.68 -35.77 1.07
N TRP A 363 12.94 -36.17 2.09
CA TRP A 363 11.96 -35.31 2.72
C TRP A 363 12.50 -34.62 3.98
N LYS A 364 13.80 -34.70 4.22
CA LYS A 364 14.43 -34.11 5.40
C LYS A 364 15.15 -32.84 4.98
N SER A 365 14.85 -31.74 5.66
CA SER A 365 15.40 -30.44 5.28
C SER A 365 16.88 -30.37 5.59
N ASP A 366 17.58 -29.48 4.88
CA ASP A 366 19.01 -29.31 5.00
C ASP A 366 19.74 -30.64 4.83
N SER A 367 19.60 -31.24 3.64
CA SER A 367 20.30 -32.48 3.33
C SER A 367 20.94 -32.43 1.95
N PHE A 368 21.16 -31.22 1.43
CA PHE A 368 21.77 -31.04 0.12
C PHE A 368 22.37 -29.64 0.03
N ASN A 369 23.70 -29.55 -0.01
CA ASN A 369 24.34 -28.24 -0.03
C ASN A 369 24.41 -27.71 -1.45
N SER A 370 24.92 -26.49 -1.58
CA SER A 370 25.26 -25.96 -2.89
C SER A 370 26.61 -26.46 -3.38
N GLU A 371 27.46 -26.93 -2.47
CA GLU A 371 28.72 -27.52 -2.88
C GLU A 371 28.49 -28.78 -3.71
N LEU A 372 27.53 -29.60 -3.30
CA LEU A 372 27.19 -30.79 -4.08
C LEU A 372 26.57 -30.40 -5.41
N GLY A 373 25.84 -29.30 -5.45
CA GLY A 373 25.33 -28.80 -6.72
C GLY A 373 26.45 -28.37 -7.65
N SER A 374 27.50 -27.77 -7.09
CA SER A 374 28.65 -27.41 -7.91
C SER A 374 29.34 -28.64 -8.47
N VAL A 375 29.28 -29.76 -7.74
CA VAL A 375 29.86 -31.00 -8.23
C VAL A 375 28.99 -31.59 -9.34
N VAL A 376 27.68 -31.56 -9.16
CA VAL A 376 26.77 -32.08 -10.17
C VAL A 376 26.88 -31.27 -11.45
N LEU A 377 27.07 -29.96 -11.33
CA LEU A 377 27.22 -29.11 -12.50
C LEU A 377 28.52 -29.43 -13.24
N ASN A 378 29.64 -29.33 -12.55
CA ASN A 378 30.95 -29.64 -13.13
C ASN A 378 31.13 -31.16 -13.21
N ASP A 379 30.32 -31.77 -14.08
CA ASP A 379 30.32 -33.22 -14.26
C ASP A 379 30.76 -33.50 -15.70
N THR A 380 32.06 -33.76 -15.86
CA THR A 380 32.62 -34.09 -17.17
C THR A 380 33.23 -35.49 -17.19
N SER A 381 32.88 -36.33 -16.20
CA SER A 381 33.34 -37.70 -16.18
C SER A 381 32.71 -38.48 -17.34
N PRO A 382 33.38 -39.52 -17.85
CA PRO A 382 32.80 -40.27 -18.98
C PRO A 382 31.40 -40.77 -18.70
N ASN A 383 31.21 -41.51 -17.62
CA ASN A 383 29.89 -41.77 -17.08
C ASN A 383 29.61 -40.77 -15.96
N PHE A 384 28.37 -40.80 -15.46
CA PHE A 384 27.96 -39.86 -14.42
C PHE A 384 28.18 -40.43 -13.03
N GLU A 385 29.15 -41.33 -12.87
CA GLU A 385 29.43 -41.92 -11.58
C GLU A 385 30.03 -40.94 -10.59
N GLU A 386 30.39 -39.74 -11.04
CA GLU A 386 30.86 -38.71 -10.11
C GLU A 386 29.70 -38.18 -9.28
N SER A 387 28.61 -37.80 -9.94
CA SER A 387 27.44 -37.31 -9.21
C SER A 387 26.67 -38.44 -8.56
N ARG A 388 26.90 -39.68 -9.00
CA ARG A 388 26.23 -40.81 -8.37
C ARG A 388 26.66 -40.96 -6.93
N LYS A 389 27.94 -40.71 -6.64
CA LYS A 389 28.42 -40.75 -5.27
C LYS A 389 27.76 -39.66 -4.43
N VAL A 390 27.62 -38.47 -5.00
CA VAL A 390 26.93 -37.38 -4.32
C VAL A 390 25.51 -37.80 -3.96
N ALA A 391 24.77 -38.28 -4.95
CA ALA A 391 23.39 -38.70 -4.72
C ALA A 391 23.31 -39.81 -3.67
N LYS A 392 24.25 -40.76 -3.72
CA LYS A 392 24.19 -41.90 -2.82
C LYS A 392 24.50 -41.49 -1.38
N ASP A 393 25.60 -40.78 -1.18
CA ASP A 393 25.95 -40.34 0.17
C ASP A 393 25.13 -39.16 0.65
N ALA A 394 24.22 -38.63 -0.16
CA ALA A 394 23.35 -37.59 0.35
C ALA A 394 21.92 -38.05 0.59
N TRP A 395 21.41 -38.96 -0.23
CA TRP A 395 20.02 -39.39 -0.12
C TRP A 395 19.84 -40.90 -0.03
N ASP A 396 20.91 -41.68 -0.16
CA ASP A 396 20.83 -43.15 -0.14
C ASP A 396 19.93 -43.66 -1.25
N MET A 397 19.91 -42.97 -2.38
CA MET A 397 19.12 -43.35 -3.54
C MET A 397 20.07 -43.73 -4.67
N ASP A 398 20.09 -45.01 -5.01
CA ASP A 398 20.90 -45.48 -6.14
C ASP A 398 20.16 -45.12 -7.42
N PHE A 399 20.34 -43.88 -7.86
CA PHE A 399 19.62 -43.37 -9.01
C PHE A 399 19.91 -44.20 -10.26
N THR A 400 18.88 -44.43 -11.06
CA THR A 400 19.06 -45.04 -12.36
C THR A 400 19.55 -43.99 -13.35
N ASP A 401 19.63 -44.37 -14.63
CA ASP A 401 20.09 -43.42 -15.63
C ASP A 401 18.97 -42.48 -16.10
N GLU A 402 17.74 -42.70 -15.64
CA GLU A 402 16.63 -41.86 -16.05
C GLU A 402 16.36 -40.72 -15.07
N GLN A 403 16.93 -40.77 -13.87
CA GLN A 403 16.67 -39.75 -12.86
C GLN A 403 17.84 -38.79 -12.70
N ILE A 404 19.05 -39.25 -13.00
CA ILE A 404 20.21 -38.35 -12.95
C ILE A 404 20.07 -37.27 -14.01
N TYR A 405 19.41 -37.59 -15.13
CA TYR A 405 19.11 -36.58 -16.13
C TYR A 405 18.22 -35.48 -15.55
N ALA A 406 17.20 -35.88 -14.79
CA ALA A 406 16.33 -34.90 -14.15
C ALA A 406 17.10 -34.07 -13.14
N LEU A 407 17.97 -34.71 -12.37
CA LEU A 407 18.77 -33.99 -11.38
C LEU A 407 19.65 -32.94 -12.05
N ARG A 408 20.35 -33.33 -13.13
CA ARG A 408 21.19 -32.38 -13.84
C ARG A 408 20.38 -31.25 -14.43
N LYS A 409 19.22 -31.57 -15.02
CA LYS A 409 18.37 -30.55 -15.60
C LYS A 409 17.93 -29.53 -14.55
N ILE A 410 17.52 -30.02 -13.37
CA ILE A 410 17.00 -29.13 -12.34
C ILE A 410 18.12 -28.24 -11.81
N CYS A 411 19.29 -28.83 -11.51
CA CYS A 411 20.40 -28.02 -11.05
C CYS A 411 20.78 -26.96 -12.07
N GLU A 412 20.82 -27.35 -13.35
CA GLU A 412 21.15 -26.39 -14.40
C GLU A 412 20.18 -25.23 -14.41
N SER A 413 18.87 -25.52 -14.39
CA SER A 413 17.88 -24.46 -14.49
C SER A 413 17.96 -23.51 -13.29
N VAL A 414 18.09 -24.07 -12.08
CA VAL A 414 18.11 -23.24 -10.88
C VAL A 414 19.34 -22.31 -10.91
N TYR A 415 20.52 -22.89 -11.10
CA TYR A 415 21.72 -22.07 -11.10
C TYR A 415 21.73 -21.09 -12.27
N ASN A 416 21.06 -21.45 -13.36
CA ASN A 416 20.95 -20.53 -14.49
C ASN A 416 20.13 -19.30 -14.12
N ARG A 417 18.99 -19.51 -13.46
CA ARG A 417 18.20 -18.38 -13.00
C ARG A 417 19.01 -17.50 -12.06
N SER A 418 19.74 -18.12 -11.14
CA SER A 418 20.56 -17.36 -10.21
C SER A 418 21.57 -16.48 -10.94
N ALA A 419 22.30 -17.08 -11.88
CA ALA A 419 23.32 -16.35 -12.61
C ALA A 419 22.71 -15.21 -13.43
N ALA A 420 21.56 -15.46 -14.05
CA ALA A 420 20.91 -14.43 -14.83
C ALA A 420 20.50 -13.24 -13.97
N LEU A 421 19.92 -13.50 -12.79
CA LEU A 421 19.51 -12.38 -11.95
C LEU A 421 20.72 -11.62 -11.40
N ALA A 422 21.80 -12.34 -11.06
CA ALA A 422 23.00 -11.66 -10.59
C ALA A 422 23.59 -10.76 -11.68
N ALA A 423 23.63 -11.26 -12.92
CA ALA A 423 24.13 -10.45 -14.03
C ALA A 423 23.24 -9.24 -14.26
N ALA A 424 21.93 -9.41 -14.11
CA ALA A 424 21.01 -8.28 -14.25
C ALA A 424 21.30 -7.22 -13.20
N ALA A 425 21.53 -7.65 -11.95
CA ALA A 425 21.85 -6.69 -10.89
C ALA A 425 23.14 -5.94 -11.20
N ILE A 426 24.17 -6.66 -11.68
CA ILE A 426 25.44 -6.01 -11.98
C ILE A 426 25.28 -4.99 -13.10
N ALA A 427 24.57 -5.37 -14.17
CA ALA A 427 24.37 -4.45 -15.28
C ALA A 427 23.55 -3.24 -14.87
N ALA A 428 22.58 -3.44 -13.97
CA ALA A 428 21.75 -2.32 -13.53
C ALA A 428 22.55 -1.36 -12.65
N ILE A 429 23.47 -1.88 -11.84
CA ILE A 429 24.36 -0.99 -11.11
C ILE A 429 25.28 -0.25 -12.07
N ALA A 430 25.74 -0.93 -13.11
CA ALA A 430 26.65 -0.30 -14.06
C ALA A 430 25.99 0.86 -14.78
N LYS A 431 24.76 0.66 -15.27
CA LYS A 431 24.07 1.70 -16.02
C LYS A 431 23.80 2.96 -15.19
N ARG A 432 24.00 2.89 -13.88
CA ARG A 432 23.71 4.06 -13.03
C ARG A 432 24.86 5.05 -13.04
N ILE A 433 26.10 4.59 -13.09
CA ILE A 433 27.24 5.50 -13.11
C ILE A 433 27.29 6.31 -14.40
N LYS A 434 26.75 5.78 -15.49
CA LYS A 434 26.64 6.49 -16.77
C LYS A 434 28.00 6.78 -17.40
N ILE A 435 29.08 6.36 -16.73
CA ILE A 435 30.42 6.53 -17.30
C ILE A 435 30.79 5.38 -18.23
N ILE A 436 29.86 4.44 -18.47
CA ILE A 436 30.16 3.27 -19.28
C ILE A 436 30.41 3.66 -20.72
N GLU A 437 29.66 4.67 -21.21
CA GLU A 437 29.81 5.09 -22.61
C GLU A 437 31.11 5.87 -22.81
N HIS A 438 31.46 6.74 -21.87
CA HIS A 438 32.63 7.60 -22.04
C HIS A 438 33.92 6.79 -21.94
N SER A 439 34.08 6.05 -20.86
CA SER A 439 35.32 5.33 -20.58
C SER A 439 34.96 3.92 -20.12
N LYS A 440 35.95 3.20 -19.60
CA LYS A 440 35.78 1.84 -19.12
C LYS A 440 36.13 1.77 -17.64
N PHE A 441 35.53 0.80 -16.95
CA PHE A 441 35.78 0.57 -15.54
C PHE A 441 35.54 -0.90 -15.25
N SER A 442 36.09 -1.39 -14.14
CA SER A 442 36.09 -2.80 -13.83
C SER A 442 35.27 -3.08 -12.58
N CYS A 443 34.78 -4.31 -12.47
CA CYS A 443 34.04 -4.77 -11.31
C CYS A 443 34.69 -6.02 -10.73
N GLY A 444 34.96 -5.99 -9.42
CA GLY A 444 35.61 -7.10 -8.75
C GLY A 444 34.59 -8.02 -8.09
N VAL A 445 34.57 -9.27 -8.54
CA VAL A 445 33.57 -10.24 -8.11
C VAL A 445 34.23 -11.24 -7.18
N ASP A 446 33.56 -11.55 -6.07
CA ASP A 446 34.06 -12.45 -5.05
C ASP A 446 32.93 -13.32 -4.54
N GLY A 447 33.28 -14.50 -4.05
CA GLY A 447 32.30 -15.34 -3.39
C GLY A 447 32.55 -16.81 -3.68
N SER A 448 31.93 -17.64 -2.85
CA SER A 448 32.07 -19.08 -3.03
C SER A 448 31.37 -19.56 -4.29
N LEU A 449 30.23 -18.95 -4.62
CA LEU A 449 29.52 -19.34 -5.83
C LEU A 449 30.34 -19.05 -7.08
N PHE A 450 31.03 -17.91 -7.10
CA PHE A 450 31.66 -17.44 -8.33
C PHE A 450 32.98 -18.17 -8.61
N VAL A 451 33.95 -18.00 -7.73
CA VAL A 451 35.30 -18.46 -8.06
C VAL A 451 35.43 -19.97 -7.89
N LYS A 452 34.68 -20.56 -6.95
CA LYS A 452 34.78 -21.99 -6.69
C LYS A 452 33.80 -22.81 -7.52
N ASN A 453 33.37 -22.30 -8.67
CA ASN A 453 32.40 -23.01 -9.52
C ASN A 453 32.63 -22.54 -10.96
N ALA A 454 33.23 -23.42 -11.76
CA ALA A 454 33.61 -23.03 -13.12
C ALA A 454 32.40 -22.88 -14.04
N TRP A 455 31.36 -23.69 -13.82
CA TRP A 455 30.17 -23.59 -14.66
C TRP A 455 29.44 -22.27 -14.46
N TYR A 456 29.62 -21.66 -13.29
CA TYR A 456 28.94 -20.41 -12.98
C TYR A 456 29.57 -19.24 -13.73
N CYS A 457 30.90 -19.17 -13.74
CA CYS A 457 31.61 -18.04 -14.30
C CYS A 457 31.38 -17.86 -15.79
N LYS A 458 31.04 -18.91 -16.52
CA LYS A 458 30.77 -18.76 -17.94
C LYS A 458 29.34 -18.33 -18.22
N ARG A 459 28.37 -18.93 -17.53
CA ARG A 459 26.98 -18.51 -17.69
C ARG A 459 26.79 -17.07 -17.25
N LEU A 460 27.49 -16.65 -16.20
CA LEU A 460 27.37 -15.28 -15.72
C LEU A 460 27.83 -14.29 -16.79
N GLN A 461 29.03 -14.51 -17.34
CA GLN A 461 29.53 -13.58 -18.35
C GLN A 461 28.71 -13.64 -19.63
N GLU A 462 28.14 -14.81 -19.95
CA GLU A 462 27.26 -14.88 -21.10
C GLU A 462 26.03 -13.99 -20.90
N HIS A 463 25.35 -14.16 -19.76
CA HIS A 463 24.15 -13.39 -19.49
C HIS A 463 24.47 -11.91 -19.36
N LEU A 464 25.70 -11.58 -18.95
CA LEU A 464 26.07 -10.17 -18.87
C LEU A 464 26.37 -9.59 -20.24
N LYS A 465 27.04 -10.36 -21.10
CA LYS A 465 27.30 -9.91 -22.46
C LYS A 465 26.02 -9.71 -23.24
N VAL A 466 24.99 -10.51 -22.97
CA VAL A 466 23.76 -10.36 -23.73
C VAL A 466 23.00 -9.09 -23.30
N ILE A 467 23.08 -8.74 -22.02
CA ILE A 467 22.25 -7.64 -21.49
C ILE A 467 22.75 -6.30 -21.99
N LEU A 468 23.98 -5.93 -21.62
CA LEU A 468 24.57 -4.67 -22.09
C LEU A 468 25.40 -4.97 -23.34
N ALA A 469 24.68 -5.09 -24.45
CA ALA A 469 25.25 -5.57 -25.71
C ALA A 469 26.34 -4.66 -26.25
N ASP A 470 25.97 -3.43 -26.62
CA ASP A 470 26.90 -2.58 -27.37
C ASP A 470 28.13 -2.23 -26.55
N LYS A 471 27.94 -1.83 -25.30
CA LYS A 471 29.04 -1.36 -24.46
C LYS A 471 29.65 -2.49 -23.64
N ALA A 472 29.63 -3.72 -24.16
CA ALA A 472 30.08 -4.87 -23.40
C ALA A 472 31.54 -4.73 -22.98
N GLU A 473 32.41 -4.34 -23.91
CA GLU A 473 33.85 -4.28 -23.63
C GLU A 473 34.21 -2.93 -23.01
N ASN A 474 33.48 -2.58 -21.96
CA ASN A 474 33.83 -1.46 -21.11
C ASN A 474 33.70 -1.81 -19.63
N LEU A 475 33.11 -2.95 -19.30
CA LEU A 475 32.96 -3.43 -17.94
C LEU A 475 33.71 -4.74 -17.83
N ILE A 476 34.92 -4.70 -17.28
CA ILE A 476 35.78 -5.87 -17.18
C ILE A 476 35.56 -6.52 -15.82
N ILE A 477 35.25 -7.81 -15.83
CA ILE A 477 35.02 -8.57 -14.62
C ILE A 477 36.34 -9.12 -14.12
N ILE A 478 36.65 -8.88 -12.85
CA ILE A 478 37.91 -9.30 -12.25
C ILE A 478 37.58 -10.20 -11.07
N PRO A 479 37.93 -11.48 -11.13
CA PRO A 479 37.74 -12.34 -9.95
C PRO A 479 38.76 -12.02 -8.86
N ALA A 480 38.28 -11.77 -7.64
CA ALA A 480 39.15 -11.37 -6.53
C ALA A 480 39.08 -12.47 -5.46
N ASP A 481 39.94 -13.48 -5.61
CA ASP A 481 39.97 -14.60 -4.69
C ASP A 481 40.53 -14.25 -3.32
N ASP A 482 41.19 -13.09 -3.19
CA ASP A 482 41.79 -12.72 -1.92
C ASP A 482 40.77 -12.56 -0.81
N GLY A 483 39.53 -12.20 -1.15
CA GLY A 483 38.49 -12.06 -0.17
C GLY A 483 38.58 -10.76 0.61
N SER A 484 37.58 -10.55 1.48
CA SER A 484 37.55 -9.36 2.31
C SER A 484 38.62 -9.40 3.39
N GLY A 485 39.28 -10.54 3.56
CA GLY A 485 40.35 -10.68 4.53
C GLY A 485 41.44 -9.64 4.35
N LYS A 486 41.91 -9.48 3.12
CA LYS A 486 42.91 -8.46 2.84
C LYS A 486 42.30 -7.07 2.94
N GLY A 487 41.02 -6.94 2.63
CA GLY A 487 40.38 -5.64 2.70
C GLY A 487 40.31 -5.10 4.11
N ALA A 488 40.09 -5.99 5.08
CA ALA A 488 40.09 -5.60 6.48
C ALA A 488 41.42 -4.98 6.88
N ALA A 489 42.52 -5.55 6.39
CA ALA A 489 43.84 -4.99 6.69
C ALA A 489 44.08 -3.70 5.94
N ILE A 490 43.73 -3.66 4.65
CA ILE A 490 43.91 -2.46 3.86
C ILE A 490 43.05 -1.30 4.34
N THR A 491 42.01 -1.59 5.13
CA THR A 491 41.26 -0.52 5.78
C THR A 491 42.19 0.45 6.51
N ALA A 492 43.27 -0.08 7.08
CA ALA A 492 44.22 0.77 7.79
C ALA A 492 44.91 1.76 6.86
N ALA A 493 44.96 1.48 5.56
CA ALA A 493 45.65 2.32 4.60
C ALA A 493 45.02 3.69 4.42
N VAL A 494 43.85 3.96 5.01
CA VAL A 494 43.21 5.26 4.93
C VAL A 494 43.13 5.92 6.30
N VAL A 495 42.81 5.14 7.34
CA VAL A 495 42.73 5.70 8.68
C VAL A 495 44.12 6.08 9.19
N SER A 496 45.12 5.24 8.92
CA SER A 496 46.49 5.58 9.29
C SER A 496 47.06 6.62 8.33
N GLN A 497 47.11 6.27 7.04
CA GLN A 497 47.55 7.19 5.99
C GLN A 497 48.97 7.69 6.24
N THR B 30 -12.46 -34.06 19.00
CA THR B 30 -11.14 -34.66 19.06
C THR B 30 -11.21 -36.17 18.88
N ILE B 31 -10.43 -36.70 17.95
CA ILE B 31 -10.43 -38.14 17.69
C ILE B 31 -9.64 -38.87 18.75
N LYS B 32 -8.33 -38.60 18.83
CA LYS B 32 -7.43 -39.18 19.83
C LYS B 32 -7.57 -40.70 19.88
N CYS B 33 -7.21 -41.33 18.76
CA CYS B 33 -7.26 -42.79 18.67
C CYS B 33 -6.05 -43.38 19.36
N ASP B 34 -6.27 -44.52 20.02
CA ASP B 34 -5.28 -45.12 20.90
C ASP B 34 -4.49 -46.27 20.27
N ILE B 35 -4.79 -46.63 19.03
CA ILE B 35 -4.08 -47.70 18.34
C ILE B 35 -2.60 -47.32 18.23
N PRO B 36 -1.67 -48.23 18.50
CA PRO B 36 -0.24 -47.88 18.41
C PRO B 36 0.15 -47.54 16.98
N ILE B 37 0.63 -46.30 16.80
CA ILE B 37 1.05 -45.81 15.50
C ILE B 37 2.54 -45.46 15.58
N ASN B 38 3.10 -45.11 14.44
CA ASN B 38 4.52 -44.77 14.37
C ASN B 38 4.81 -43.56 15.26
N GLU B 39 6.00 -43.57 15.88
CA GLU B 39 6.40 -42.49 16.75
C GLU B 39 6.97 -41.29 16.00
N GLU B 40 7.24 -41.43 14.71
CA GLU B 40 7.68 -40.33 13.87
C GLU B 40 6.51 -39.72 13.11
N LEU B 41 5.66 -40.57 12.52
CA LEU B 41 4.49 -40.09 11.79
C LEU B 41 3.59 -39.25 12.69
N GLN B 42 3.59 -39.54 13.99
CA GLN B 42 2.81 -38.73 14.91
C GLN B 42 3.30 -37.30 14.94
N ALA B 43 4.61 -37.09 14.80
CA ALA B 43 5.15 -35.73 14.77
C ALA B 43 4.72 -35.01 13.50
N ARG B 44 4.76 -35.70 12.37
CA ARG B 44 4.32 -35.09 11.12
C ARG B 44 2.82 -34.80 11.13
N ILE B 45 2.05 -35.57 11.91
CA ILE B 45 0.64 -35.25 12.07
C ILE B 45 0.47 -34.02 12.94
N ASN B 46 1.17 -33.97 14.07
CA ASN B 46 0.99 -32.87 15.02
C ASN B 46 1.42 -31.54 14.43
N LYS B 47 2.48 -31.55 13.61
CA LYS B 47 2.93 -30.31 12.98
C LYS B 47 1.83 -29.72 12.09
N HIS B 48 1.29 -30.55 11.19
CA HIS B 48 0.27 -30.05 10.28
C HIS B 48 -1.04 -29.78 10.99
N VAL B 49 -1.28 -30.41 12.15
CA VAL B 49 -2.47 -30.08 12.92
C VAL B 49 -2.33 -28.71 13.55
N ASN B 50 -1.16 -28.43 14.13
CA ASN B 50 -0.93 -27.11 14.70
C ASN B 50 -0.91 -26.03 13.63
N GLN B 51 -0.54 -26.40 12.40
CA GLN B 51 -0.60 -25.44 11.30
C GLN B 51 -2.02 -24.93 11.08
N LEU B 52 -3.02 -25.80 11.25
CA LEU B 52 -4.42 -25.46 11.02
C LEU B 52 -5.15 -25.08 12.30
N ARG B 53 -4.45 -24.95 13.40
CA ARG B 53 -5.09 -24.64 14.68
C ARG B 53 -5.72 -23.26 14.63
N ILE B 54 -6.89 -23.14 15.26
CA ILE B 54 -7.60 -21.88 15.37
C ILE B 54 -7.92 -21.63 16.84
N THR B 55 -7.73 -20.40 17.29
CA THR B 55 -7.94 -20.03 18.68
C THR B 55 -8.85 -18.82 18.76
N TYR B 56 -9.55 -18.71 19.90
CA TYR B 56 -10.54 -17.65 20.06
C TYR B 56 -9.92 -16.26 20.11
N SER B 57 -8.63 -16.16 20.48
CA SER B 57 -7.96 -14.87 20.42
C SER B 57 -7.86 -14.38 18.98
N THR B 58 -7.94 -15.29 18.01
CA THR B 58 -7.96 -14.88 16.61
C THR B 58 -9.36 -14.51 16.16
N LEU B 59 -10.36 -15.28 16.57
CA LEU B 59 -11.74 -14.98 16.16
C LEU B 59 -12.20 -13.66 16.76
N GLU B 60 -11.75 -13.33 17.96
CA GLU B 60 -12.17 -12.08 18.59
C GLU B 60 -11.61 -10.87 17.86
N GLU B 61 -10.51 -11.03 17.12
CA GLU B 61 -10.05 -9.96 16.25
C GLU B 61 -10.73 -10.03 14.89
N PHE B 62 -11.03 -11.24 14.43
CA PHE B 62 -11.71 -11.44 13.16
C PHE B 62 -13.04 -10.69 13.12
N VAL B 63 -13.81 -10.81 14.20
CA VAL B 63 -15.13 -10.18 14.24
C VAL B 63 -15.01 -8.66 14.10
N ASP B 64 -14.06 -8.06 14.81
CA ASP B 64 -13.91 -6.62 14.75
C ASP B 64 -13.39 -6.17 13.39
N ASN B 65 -12.46 -6.93 12.81
CA ASN B 65 -12.02 -6.67 11.44
C ASN B 65 -13.22 -6.65 10.50
N PHE B 66 -14.11 -7.63 10.64
CA PHE B 66 -15.22 -7.76 9.71
C PHE B 66 -16.19 -6.58 9.86
N VAL B 67 -16.52 -6.20 11.10
CA VAL B 67 -17.47 -5.11 11.29
C VAL B 67 -16.88 -3.78 10.82
N TYR B 68 -15.58 -3.57 11.05
CA TYR B 68 -14.92 -2.37 10.55
C TYR B 68 -15.01 -2.33 9.02
N GLU B 69 -14.64 -3.43 8.37
CA GLU B 69 -14.73 -3.51 6.91
C GLU B 69 -16.14 -3.17 6.44
N LEU B 70 -17.15 -3.68 7.13
CA LEU B 70 -18.53 -3.49 6.70
C LEU B 70 -18.93 -2.01 6.74
N LYS B 71 -18.69 -1.36 7.89
CA LYS B 71 -19.06 0.06 7.98
C LYS B 71 -18.27 0.89 6.97
N LYS B 72 -17.00 0.56 6.77
CA LYS B 72 -16.19 1.26 5.78
C LYS B 72 -16.79 1.09 4.39
N GLY B 73 -17.35 -0.08 4.12
CA GLY B 73 -17.95 -0.31 2.81
C GLY B 73 -19.21 0.49 2.59
N LEU B 74 -20.03 0.61 3.65
CA LEU B 74 -21.20 1.48 3.53
C LEU B 74 -20.80 2.93 3.28
N GLU B 75 -19.83 3.41 4.05
CA GLU B 75 -19.28 4.75 3.82
C GLU B 75 -18.85 4.91 2.37
N ALA B 76 -18.07 3.95 1.87
CA ALA B 76 -17.57 4.03 0.50
C ALA B 76 -18.71 4.03 -0.52
N HIS B 77 -19.78 3.28 -0.25
CA HIS B 77 -20.90 3.26 -1.19
C HIS B 77 -21.59 4.60 -1.24
N ARG B 78 -21.58 5.35 -0.14
CA ARG B 78 -22.15 6.70 -0.19
C ARG B 78 -21.46 7.54 -1.26
N ARG B 79 -20.14 7.40 -1.40
CA ARG B 79 -19.38 8.28 -2.28
C ARG B 79 -19.62 7.94 -3.75
N HIS B 80 -19.23 6.74 -4.16
CA HIS B 80 -19.32 6.32 -5.56
C HIS B 80 -20.22 5.08 -5.66
N PRO B 81 -21.46 5.25 -6.09
CA PRO B 81 -22.39 4.12 -6.11
C PRO B 81 -22.25 3.21 -7.32
N ASN B 82 -21.18 3.36 -8.11
CA ASN B 82 -20.95 2.41 -9.18
C ASN B 82 -19.50 1.98 -9.34
N LEU B 83 -18.57 2.51 -8.58
CA LEU B 83 -17.20 2.04 -8.59
C LEU B 83 -16.98 1.04 -7.46
N TRP B 84 -15.90 0.27 -7.56
CA TRP B 84 -15.56 -0.68 -6.52
C TRP B 84 -14.38 -0.22 -5.67
N ILE B 85 -13.26 0.13 -6.32
CA ILE B 85 -12.06 0.59 -5.62
C ILE B 85 -11.66 -0.41 -4.54
N PRO B 86 -11.11 -1.58 -4.92
CA PRO B 86 -10.87 -2.65 -3.94
C PRO B 86 -9.81 -2.33 -2.91
N HIS B 87 -9.07 -1.23 -3.01
CA HIS B 87 -8.13 -0.92 -1.93
C HIS B 87 -8.81 -0.20 -0.77
N GLU B 88 -10.13 -0.16 -0.76
CA GLU B 88 -10.91 0.17 0.44
C GLU B 88 -12.16 -0.69 0.41
N CYS B 89 -12.41 -1.42 1.50
CA CYS B 89 -13.53 -2.35 1.55
C CYS B 89 -13.49 -3.43 0.48
N SER B 90 -12.62 -4.42 0.66
CA SER B 90 -12.58 -5.56 -0.25
C SER B 90 -13.93 -6.23 -0.46
N PHE B 91 -14.96 -5.87 0.32
CA PHE B 91 -16.33 -6.25 0.00
C PHE B 91 -16.92 -5.31 -1.04
N LYS B 92 -17.53 -5.87 -2.07
CA LYS B 92 -18.28 -5.04 -3.02
C LYS B 92 -19.76 -5.11 -2.65
N MET B 93 -20.13 -4.26 -1.69
CA MET B 93 -21.40 -4.38 -0.98
C MET B 93 -22.52 -4.00 -1.94
N LEU B 94 -22.90 -4.97 -2.78
CA LEU B 94 -23.82 -4.71 -3.86
C LEU B 94 -25.23 -4.47 -3.32
N ASP B 95 -26.02 -3.77 -4.13
CA ASP B 95 -27.39 -3.42 -3.79
C ASP B 95 -28.34 -4.43 -4.40
N SER B 96 -29.35 -4.82 -3.63
CA SER B 96 -30.44 -5.66 -4.10
C SER B 96 -31.71 -4.80 -4.03
N CYS B 97 -32.32 -4.57 -5.19
CA CYS B 97 -33.45 -3.63 -5.27
C CYS B 97 -34.67 -4.08 -4.50
N ILE B 98 -34.62 -5.21 -3.80
CA ILE B 98 -35.76 -5.68 -3.01
C ILE B 98 -36.09 -4.64 -1.96
N ALA B 99 -37.33 -4.15 -1.98
CA ALA B 99 -37.79 -3.12 -1.06
C ALA B 99 -38.93 -3.59 -0.17
N ASP B 100 -39.25 -4.89 -0.20
CA ASP B 100 -40.33 -5.43 0.61
C ASP B 100 -40.09 -6.88 0.97
N ILE B 101 -39.77 -7.14 2.23
CA ILE B 101 -39.68 -8.51 2.75
C ILE B 101 -41.07 -9.11 2.65
N PRO B 102 -41.26 -10.16 1.85
CA PRO B 102 -42.62 -10.68 1.61
C PRO B 102 -43.28 -11.16 2.89
N THR B 103 -44.62 -11.13 2.88
CA THR B 103 -45.41 -11.56 4.03
C THR B 103 -45.84 -13.01 3.94
N GLY B 104 -45.88 -13.59 2.75
CA GLY B 104 -46.20 -14.99 2.59
C GLY B 104 -47.66 -15.30 2.35
N GLN B 105 -48.46 -14.33 1.93
CA GLN B 105 -49.91 -14.51 1.74
C GLN B 105 -50.24 -14.25 0.27
N GLU B 106 -50.18 -15.30 -0.55
CA GLU B 106 -50.50 -15.18 -1.97
C GLU B 106 -50.63 -16.54 -2.63
N LYS B 107 -50.79 -16.55 -3.95
CA LYS B 107 -50.89 -17.78 -4.73
C LYS B 107 -50.15 -17.56 -6.05
N GLY B 108 -50.14 -18.57 -6.90
CA GLY B 108 -49.52 -18.45 -8.21
C GLY B 108 -48.61 -19.60 -8.58
N THR B 109 -48.51 -19.88 -9.88
CA THR B 109 -47.63 -20.90 -10.41
C THR B 109 -46.66 -20.25 -11.39
N TYR B 110 -45.37 -20.39 -11.13
CA TYR B 110 -44.33 -19.78 -11.94
C TYR B 110 -43.26 -20.78 -12.33
N TYR B 111 -42.64 -20.53 -13.47
CA TYR B 111 -41.46 -21.26 -13.91
C TYR B 111 -40.25 -20.39 -13.63
N ALA B 112 -39.16 -21.02 -13.19
CA ALA B 112 -37.96 -20.27 -12.84
C ALA B 112 -36.72 -21.09 -13.20
N ILE B 113 -35.62 -20.38 -13.43
CA ILE B 113 -34.36 -21.01 -13.79
C ILE B 113 -33.35 -20.72 -12.69
N ASP B 114 -32.47 -21.68 -12.44
CA ASP B 114 -31.37 -21.51 -11.50
C ASP B 114 -30.05 -21.77 -12.22
N PHE B 115 -28.96 -21.36 -11.58
CA PHE B 115 -27.62 -21.56 -12.09
C PHE B 115 -26.62 -21.12 -11.04
N GLY B 116 -25.46 -21.77 -11.03
CA GLY B 116 -24.38 -21.34 -10.18
C GLY B 116 -23.73 -22.43 -9.35
N GLY B 117 -24.52 -23.37 -8.87
CA GLY B 117 -23.99 -24.43 -8.03
C GLY B 117 -23.20 -25.47 -8.79
N THR B 118 -23.17 -26.70 -8.28
CA THR B 118 -22.54 -27.80 -9.00
C THR B 118 -23.26 -28.13 -10.30
N ASN B 119 -24.51 -27.70 -10.44
CA ASN B 119 -25.33 -27.96 -11.62
C ASN B 119 -26.58 -27.10 -11.56
N PHE B 120 -27.00 -26.56 -12.69
CA PHE B 120 -28.16 -25.67 -12.70
C PHE B 120 -29.45 -26.48 -12.66
N ARG B 121 -30.55 -25.77 -12.39
CA ARG B 121 -31.85 -26.39 -12.22
C ARG B 121 -32.90 -25.62 -13.01
N ALA B 122 -34.12 -26.13 -12.96
CA ALA B 122 -35.28 -25.47 -13.56
C ALA B 122 -36.52 -25.93 -12.80
N VAL B 123 -37.25 -24.98 -12.24
CA VAL B 123 -38.31 -25.27 -11.29
C VAL B 123 -39.64 -24.82 -11.88
N ARG B 124 -40.68 -25.64 -11.67
CA ARG B 124 -42.05 -25.30 -12.03
C ARG B 124 -42.87 -25.31 -10.75
N ALA B 125 -42.87 -24.20 -10.04
CA ALA B 125 -43.39 -24.18 -8.67
C ALA B 125 -44.79 -23.58 -8.62
N SER B 126 -45.53 -23.99 -7.59
CA SER B 126 -46.84 -23.45 -7.27
C SER B 126 -46.87 -23.10 -5.79
N LEU B 127 -47.60 -22.04 -5.46
CA LEU B 127 -47.61 -21.49 -4.11
C LEU B 127 -48.93 -21.78 -3.43
N ASP B 128 -48.95 -21.63 -2.10
CA ASP B 128 -50.13 -21.83 -1.28
C ASP B 128 -50.45 -20.54 -0.57
N GLY B 129 -51.70 -20.43 -0.10
CA GLY B 129 -52.16 -19.26 0.62
C GLY B 129 -51.41 -18.98 1.90
N ASN B 130 -50.47 -19.85 2.26
CA ASN B 130 -49.63 -19.66 3.43
C ASN B 130 -48.27 -20.29 3.15
N GLY B 131 -47.51 -20.54 4.21
CA GLY B 131 -46.13 -21.00 4.13
C GLY B 131 -45.83 -22.11 3.14
N LYS B 132 -46.76 -23.04 2.96
CA LYS B 132 -46.54 -24.19 2.10
C LYS B 132 -46.32 -23.78 0.66
N ILE B 133 -45.58 -24.60 -0.07
CA ILE B 133 -45.26 -24.36 -1.47
C ILE B 133 -44.72 -25.66 -2.08
N LYS B 134 -45.13 -25.97 -3.31
CA LYS B 134 -44.73 -27.20 -3.96
C LYS B 134 -44.04 -26.90 -5.27
N ARG B 135 -43.29 -27.86 -5.79
CA ARG B 135 -42.55 -27.66 -7.03
C ARG B 135 -42.30 -28.99 -7.72
N ASP B 136 -42.19 -28.95 -9.05
CA ASP B 136 -41.82 -30.14 -9.83
C ASP B 136 -40.31 -30.26 -9.96
N GLN B 137 -39.68 -29.23 -10.53
CA GLN B 137 -38.22 -29.07 -10.61
C GLN B 137 -37.44 -30.30 -11.07
N GLU B 138 -38.06 -31.15 -11.89
CA GLU B 138 -37.26 -32.18 -12.55
C GLU B 138 -36.37 -31.53 -13.61
N THR B 139 -35.06 -31.70 -13.45
CA THR B 139 -34.12 -30.94 -14.25
C THR B 139 -32.74 -31.57 -14.16
N TYR B 140 -31.89 -31.25 -15.14
CA TYR B 140 -30.57 -31.83 -15.27
C TYR B 140 -29.57 -30.75 -15.65
N SER B 141 -28.29 -31.07 -15.52
CA SER B 141 -27.24 -30.11 -15.85
C SER B 141 -25.92 -30.83 -16.00
N LEU B 142 -24.86 -30.03 -16.14
CA LEU B 142 -23.51 -30.55 -16.33
C LEU B 142 -23.04 -31.33 -15.11
N HIS B 158 -12.56 -23.26 -24.15
CA HIS B 158 -13.02 -23.33 -25.53
C HIS B 158 -14.51 -23.67 -25.58
N ALA B 159 -15.31 -22.79 -25.01
CA ALA B 159 -16.77 -22.96 -25.00
C ALA B 159 -17.40 -21.59 -24.84
N THR B 160 -18.18 -21.16 -25.82
CA THR B 160 -18.72 -19.81 -25.85
C THR B 160 -20.13 -19.77 -25.28
N ALA B 161 -20.70 -18.57 -25.26
CA ALA B 161 -22.03 -18.38 -24.68
C ALA B 161 -23.13 -18.90 -25.59
N SER B 162 -22.86 -18.96 -26.90
CA SER B 162 -23.87 -19.47 -27.83
C SER B 162 -24.28 -20.88 -27.48
N GLN B 163 -23.31 -21.80 -27.39
CA GLN B 163 -23.63 -23.19 -27.10
C GLN B 163 -24.17 -23.37 -25.69
N LEU B 164 -23.65 -22.58 -24.74
CA LEU B 164 -24.13 -22.67 -23.37
C LEU B 164 -25.61 -22.31 -23.27
N PHE B 165 -25.99 -21.17 -23.84
CA PHE B 165 -27.40 -20.79 -23.77
C PHE B 165 -28.26 -21.62 -24.70
N ASP B 166 -27.65 -22.24 -25.72
CA ASP B 166 -28.38 -23.23 -26.51
C ASP B 166 -28.76 -24.43 -25.64
N HIS B 167 -27.81 -24.89 -24.81
CA HIS B 167 -28.12 -25.96 -23.86
C HIS B 167 -29.20 -25.51 -22.87
N PHE B 168 -29.09 -24.27 -22.38
CA PHE B 168 -30.12 -23.70 -21.52
C PHE B 168 -31.50 -23.80 -22.15
N ALA B 169 -31.62 -23.28 -23.38
CA ALA B 169 -32.90 -23.24 -24.07
C ALA B 169 -33.43 -24.64 -24.36
N GLU B 170 -32.56 -25.55 -24.80
CA GLU B 170 -33.00 -26.90 -25.10
C GLU B 170 -33.50 -27.61 -23.85
N ARG B 171 -32.81 -27.41 -22.73
CA ARG B 171 -33.24 -28.05 -21.49
C ARG B 171 -34.57 -27.49 -21.00
N ILE B 172 -34.72 -26.16 -21.04
CA ILE B 172 -35.98 -25.59 -20.55
C ILE B 172 -37.13 -25.96 -21.49
N LYS B 173 -36.83 -26.13 -22.78
CA LYS B 173 -37.86 -26.59 -23.72
C LYS B 173 -38.26 -28.03 -23.43
N TYR B 174 -37.27 -28.89 -23.20
CA TYR B 174 -37.56 -30.28 -22.86
C TYR B 174 -38.41 -30.37 -21.59
N ILE B 175 -38.11 -29.52 -20.61
CA ILE B 175 -38.84 -29.55 -19.35
C ILE B 175 -40.23 -28.93 -19.52
N MET B 176 -40.39 -28.06 -20.52
CA MET B 176 -41.64 -27.34 -20.71
C MET B 176 -42.81 -28.29 -21.00
N GLY B 177 -42.53 -29.49 -21.48
CA GLY B 177 -43.57 -30.42 -21.88
C GLY B 177 -44.19 -31.22 -20.76
N GLU B 178 -45.08 -30.61 -19.98
CA GLU B 178 -45.79 -31.32 -18.92
C GLU B 178 -46.58 -32.50 -19.48
N VAL B 190 -42.51 -15.01 -12.59
CA VAL B 190 -41.31 -15.59 -13.20
C VAL B 190 -40.08 -14.87 -12.65
N GLY B 191 -38.94 -15.57 -12.67
CA GLY B 191 -37.70 -15.02 -12.18
C GLY B 191 -36.51 -15.75 -12.77
N PHE B 192 -35.33 -15.39 -12.29
CA PHE B 192 -34.10 -16.03 -12.72
C PHE B 192 -33.05 -15.83 -11.65
N THR B 193 -32.13 -16.79 -11.52
CA THR B 193 -31.09 -16.76 -10.51
C THR B 193 -29.74 -16.95 -11.16
N PHE B 194 -28.82 -16.03 -10.90
CA PHE B 194 -27.44 -16.11 -11.38
C PHE B 194 -26.53 -15.98 -10.18
N SER B 195 -25.80 -17.05 -9.87
CA SER B 195 -24.97 -17.09 -8.66
C SER B 195 -23.53 -16.68 -9.00
N PHE B 196 -23.40 -15.39 -9.31
CA PHE B 196 -22.11 -14.80 -9.61
C PHE B 196 -22.18 -13.32 -9.23
N PRO B 197 -21.04 -12.65 -9.11
CA PRO B 197 -21.06 -11.22 -8.78
C PRO B 197 -21.63 -10.40 -9.94
N CYS B 198 -22.80 -9.81 -9.72
CA CYS B 198 -23.49 -9.03 -10.74
C CYS B 198 -23.78 -7.64 -10.22
N THR B 199 -23.66 -6.64 -11.09
CA THR B 199 -23.96 -5.25 -10.76
C THR B 199 -25.28 -4.91 -11.43
N SER B 200 -26.37 -4.95 -10.64
CA SER B 200 -27.70 -4.82 -11.19
C SER B 200 -28.19 -3.39 -11.04
N PRO B 201 -28.42 -2.65 -12.13
CA PRO B 201 -29.03 -1.32 -11.98
C PRO B 201 -30.43 -1.39 -11.39
N SER B 202 -31.28 -2.26 -11.91
CA SER B 202 -32.63 -2.45 -11.39
C SER B 202 -32.92 -3.95 -11.31
N ILE B 203 -34.18 -4.29 -11.10
CA ILE B 203 -34.56 -5.69 -10.91
C ILE B 203 -34.45 -6.46 -12.23
N ASN B 204 -35.03 -5.91 -13.30
CA ASN B 204 -35.08 -6.63 -14.56
C ASN B 204 -33.74 -6.71 -15.26
N CYS B 205 -32.76 -5.90 -14.85
CA CYS B 205 -31.47 -5.80 -15.53
C CYS B 205 -30.35 -6.19 -14.58
N SER B 206 -29.38 -6.95 -15.09
CA SER B 206 -28.25 -7.41 -14.29
C SER B 206 -27.07 -7.72 -15.19
N ILE B 207 -25.91 -7.17 -14.86
CA ILE B 207 -24.67 -7.42 -15.57
C ILE B 207 -23.61 -7.82 -14.57
N LEU B 208 -22.81 -8.83 -14.91
CA LEU B 208 -21.78 -9.36 -14.03
C LEU B 208 -20.45 -8.67 -14.29
N ILE B 209 -19.43 -9.07 -13.55
CA ILE B 209 -18.10 -8.48 -13.62
C ILE B 209 -17.03 -9.50 -13.98
N ASP B 210 -17.04 -10.66 -13.31
CA ASP B 210 -16.07 -11.69 -13.63
C ASP B 210 -16.64 -13.07 -13.31
N TRP B 211 -15.78 -14.08 -13.34
CA TRP B 211 -16.16 -15.49 -13.35
C TRP B 211 -15.44 -16.21 -12.21
N THR B 212 -16.08 -16.25 -11.04
CA THR B 212 -15.51 -16.86 -9.84
C THR B 212 -15.88 -18.34 -9.77
N LYS B 213 -15.64 -18.96 -8.62
CA LYS B 213 -16.04 -20.32 -8.25
C LYS B 213 -15.20 -21.40 -8.91
N GLY B 214 -14.25 -21.03 -9.77
CA GLY B 214 -13.51 -21.99 -10.56
C GLY B 214 -14.10 -22.21 -11.94
N PHE B 215 -15.36 -21.84 -12.14
CA PHE B 215 -15.95 -21.84 -13.47
C PHE B 215 -15.09 -21.03 -14.42
N GLU B 216 -15.13 -21.39 -15.70
CA GLU B 216 -14.31 -20.72 -16.70
C GLU B 216 -14.94 -20.92 -18.07
N THR B 217 -15.50 -19.84 -18.63
CA THR B 217 -16.08 -19.89 -19.95
C THR B 217 -14.97 -19.74 -20.99
N GLY B 218 -15.12 -20.43 -22.12
CA GLY B 218 -14.05 -20.45 -23.11
C GLY B 218 -13.67 -19.08 -23.61
N ARG B 219 -12.44 -18.98 -24.11
CA ARG B 219 -11.86 -17.74 -24.59
C ARG B 219 -11.85 -17.75 -26.11
N ALA B 220 -12.88 -17.18 -26.71
CA ALA B 220 -12.97 -17.04 -28.15
C ALA B 220 -13.49 -15.64 -28.48
N THR B 221 -13.42 -15.30 -29.76
CA THR B 221 -13.92 -14.01 -30.24
C THR B 221 -15.39 -13.80 -29.87
N ASN B 222 -16.13 -14.87 -29.56
CA ASN B 222 -17.55 -14.78 -29.26
C ASN B 222 -17.85 -14.07 -27.95
N ASP B 223 -16.83 -13.47 -27.31
CA ASP B 223 -17.01 -12.59 -26.16
C ASP B 223 -17.71 -13.33 -25.02
N PRO B 224 -16.99 -14.18 -24.30
CA PRO B 224 -17.60 -14.95 -23.21
C PRO B 224 -18.42 -14.08 -22.26
N VAL B 225 -19.27 -14.76 -21.49
CA VAL B 225 -20.41 -14.11 -20.83
C VAL B 225 -19.99 -12.90 -20.00
N GLU B 226 -18.77 -12.90 -19.47
CA GLU B 226 -18.37 -11.82 -18.57
C GLU B 226 -18.32 -10.47 -19.29
N GLY B 227 -19.30 -9.61 -19.03
CA GLY B 227 -19.29 -8.28 -19.59
C GLY B 227 -20.57 -7.84 -20.27
N ARG B 228 -21.66 -8.57 -20.08
CA ARG B 228 -22.94 -8.21 -20.69
C ARG B 228 -24.09 -8.45 -19.72
N ASP B 229 -25.18 -7.72 -19.96
CA ASP B 229 -26.41 -7.93 -19.20
C ASP B 229 -26.95 -9.33 -19.47
N VAL B 230 -27.43 -9.98 -18.42
CA VAL B 230 -27.86 -11.37 -18.51
C VAL B 230 -29.28 -11.49 -19.07
N CYS B 231 -30.19 -10.60 -18.62
CA CYS B 231 -31.56 -10.64 -19.12
C CYS B 231 -31.61 -10.46 -20.63
N LYS B 232 -30.70 -9.66 -21.18
CA LYS B 232 -30.65 -9.47 -22.63
C LYS B 232 -30.23 -10.77 -23.33
N LEU B 233 -29.12 -11.36 -22.89
CA LEU B 233 -28.61 -12.54 -23.57
C LEU B 233 -29.50 -13.75 -23.35
N MET B 234 -30.37 -13.72 -22.33
CA MET B 234 -31.26 -14.83 -22.06
C MET B 234 -32.37 -14.92 -23.11
N ASN B 235 -32.93 -13.78 -23.50
CA ASN B 235 -34.07 -13.78 -24.40
C ASN B 235 -33.74 -14.39 -25.76
N ASP B 236 -32.47 -14.36 -26.16
CA ASP B 236 -32.09 -15.00 -27.42
C ASP B 236 -32.37 -16.50 -27.37
N ALA B 237 -32.06 -17.13 -26.24
CA ALA B 237 -32.37 -18.54 -26.04
C ALA B 237 -33.88 -18.73 -25.98
N PHE B 238 -34.53 -18.02 -25.08
CA PHE B 238 -35.99 -18.06 -24.98
C PHE B 238 -36.64 -17.27 -26.11
N CYS B 248 -37.59 -11.64 -16.85
CA CYS B 248 -37.57 -11.08 -15.49
C CYS B 248 -36.41 -11.22 -14.55
N CYS B 249 -36.35 -10.20 -13.72
CA CYS B 249 -36.38 -10.33 -12.28
C CYS B 249 -35.27 -11.28 -11.79
N VAL B 250 -34.05 -10.85 -12.03
CA VAL B 250 -32.86 -11.62 -11.68
C VAL B 250 -32.42 -11.27 -10.26
N VAL B 251 -32.07 -12.30 -9.49
CA VAL B 251 -31.56 -12.14 -8.14
C VAL B 251 -30.34 -13.05 -7.96
N ASN B 252 -29.82 -13.10 -6.75
CA ASN B 252 -28.68 -13.92 -6.40
C ASN B 252 -29.10 -15.00 -5.41
N ASP B 253 -28.11 -15.78 -4.94
CA ASP B 253 -28.40 -16.92 -4.07
C ASP B 253 -28.73 -16.48 -2.66
N ALA B 254 -27.93 -15.57 -2.10
CA ALA B 254 -28.12 -15.18 -0.70
C ALA B 254 -29.44 -14.45 -0.52
N VAL B 255 -29.75 -13.51 -1.42
CA VAL B 255 -31.04 -12.82 -1.35
C VAL B 255 -32.18 -13.80 -1.58
N GLY B 256 -31.95 -14.81 -2.42
CA GLY B 256 -32.96 -15.84 -2.61
C GLY B 256 -33.26 -16.59 -1.34
N THR B 257 -32.21 -16.96 -0.60
CA THR B 257 -32.40 -17.63 0.68
C THR B 257 -33.12 -16.71 1.67
N LEU B 258 -32.70 -15.45 1.74
CA LEU B 258 -33.31 -14.52 2.67
C LEU B 258 -34.79 -14.33 2.37
N MET B 259 -35.17 -14.32 1.09
CA MET B 259 -36.58 -14.25 0.74
C MET B 259 -37.30 -15.55 1.10
N SER B 260 -36.73 -16.69 0.69
CA SER B 260 -37.34 -17.99 0.93
C SER B 260 -37.50 -18.33 2.40
N CYS B 261 -36.79 -17.64 3.29
CA CYS B 261 -36.97 -17.85 4.72
C CYS B 261 -38.02 -16.93 5.32
N ALA B 262 -38.70 -16.14 4.48
CA ALA B 262 -39.80 -15.29 4.92
C ALA B 262 -41.15 -15.92 4.60
N TYR B 263 -41.33 -16.37 3.36
CA TYR B 263 -42.55 -17.06 2.97
C TYR B 263 -42.72 -18.35 3.75
N GLN B 264 -41.62 -19.06 4.00
CA GLN B 264 -41.67 -20.39 4.60
C GLN B 264 -42.03 -20.33 6.08
N LYS B 265 -41.19 -19.69 6.88
CA LYS B 265 -41.40 -19.65 8.32
C LYS B 265 -42.33 -18.50 8.70
N GLY B 266 -43.01 -18.66 9.83
CA GLY B 266 -43.91 -17.62 10.29
C GLY B 266 -44.65 -17.93 11.57
N LYS B 267 -45.03 -16.88 12.29
CA LYS B 267 -45.94 -16.89 13.44
C LYS B 267 -45.32 -17.48 14.71
N THR B 268 -44.14 -18.04 14.64
CA THR B 268 -43.54 -18.61 15.85
C THR B 268 -42.11 -18.15 16.08
N THR B 269 -41.38 -17.85 15.01
CA THR B 269 -39.99 -17.43 15.10
C THR B 269 -39.86 -15.95 14.76
N PRO B 270 -38.91 -15.26 15.37
CA PRO B 270 -38.66 -13.86 15.02
C PRO B 270 -38.29 -13.72 13.56
N PRO B 271 -38.47 -12.54 12.97
CA PRO B 271 -38.17 -12.38 11.55
C PRO B 271 -36.70 -12.60 11.25
N CYS B 272 -36.42 -12.88 9.98
CA CYS B 272 -35.08 -13.22 9.54
C CYS B 272 -34.42 -12.02 8.87
N TYR B 273 -33.13 -11.83 9.15
CA TYR B 273 -32.38 -10.69 8.65
C TYR B 273 -31.06 -11.06 8.01
N ILE B 274 -30.68 -12.34 7.97
CA ILE B 274 -29.39 -12.78 7.47
C ILE B 274 -29.62 -13.99 6.56
N GLY B 275 -28.95 -14.00 5.40
CA GLY B 275 -29.00 -15.14 4.52
C GLY B 275 -27.59 -15.58 4.15
N ILE B 276 -27.27 -16.84 4.43
CA ILE B 276 -25.91 -17.35 4.26
C ILE B 276 -25.94 -18.56 3.34
N ILE B 277 -25.02 -18.60 2.38
CA ILE B 277 -24.85 -19.73 1.49
C ILE B 277 -23.45 -20.30 1.69
N LEU B 278 -23.38 -21.57 2.10
CA LEU B 278 -22.13 -22.27 2.32
C LEU B 278 -22.15 -23.54 1.48
N GLY B 279 -21.36 -23.56 0.42
CA GLY B 279 -21.40 -24.66 -0.54
C GLY B 279 -20.26 -24.54 -1.53
N THR B 280 -20.56 -24.72 -2.82
CA THR B 280 -19.55 -24.44 -3.85
C THR B 280 -18.99 -23.03 -3.69
N GLY B 281 -19.80 -22.10 -3.21
CA GLY B 281 -19.36 -20.79 -2.82
C GLY B 281 -19.63 -20.51 -1.35
N SER B 282 -19.36 -19.27 -0.96
CA SER B 282 -19.62 -18.80 0.40
C SER B 282 -20.01 -17.34 0.30
N ASN B 283 -21.28 -17.04 0.58
CA ASN B 283 -21.78 -15.69 0.37
C ASN B 283 -22.81 -15.34 1.43
N GLY B 284 -23.06 -14.04 1.55
CA GLY B 284 -24.00 -13.54 2.54
C GLY B 284 -24.76 -12.30 2.12
N CYS B 285 -26.02 -12.22 2.52
CA CYS B 285 -26.83 -11.03 2.39
C CYS B 285 -27.41 -10.69 3.76
N TYR B 286 -27.73 -9.43 3.99
CA TYR B 286 -28.27 -9.07 5.29
C TYR B 286 -29.16 -7.85 5.16
N TYR B 287 -29.96 -7.61 6.19
CA TYR B 287 -30.88 -6.49 6.24
C TYR B 287 -30.24 -5.35 7.02
N GLU B 288 -30.41 -4.13 6.51
CA GLU B 288 -29.79 -2.95 7.10
C GLU B 288 -30.84 -1.88 7.34
N PRO B 289 -30.97 -1.38 8.58
CA PRO B 289 -31.95 -0.31 8.82
C PRO B 289 -31.55 1.01 8.17
N GLU B 290 -30.26 1.29 8.08
CA GLU B 290 -29.77 2.59 7.64
C GLU B 290 -29.68 2.68 6.12
N TRP B 291 -30.46 1.86 5.42
CA TRP B 291 -30.42 1.87 3.96
C TRP B 291 -30.86 3.20 3.38
N LYS B 292 -31.51 4.07 4.17
CA LYS B 292 -31.87 5.39 3.67
C LYS B 292 -30.69 6.34 3.74
N LYS B 293 -29.86 6.22 4.78
CA LYS B 293 -28.71 7.10 4.93
C LYS B 293 -27.72 6.89 3.79
N TYR B 294 -27.21 5.67 3.65
CA TYR B 294 -26.29 5.31 2.57
C TYR B 294 -27.11 5.15 1.30
N LYS B 295 -26.84 5.99 0.31
CA LYS B 295 -27.77 6.19 -0.80
C LYS B 295 -27.80 5.02 -1.78
N TYR B 296 -28.65 4.04 -1.51
CA TYR B 296 -29.07 3.08 -2.53
C TYR B 296 -30.37 2.44 -2.11
N SER B 297 -31.20 2.11 -3.09
CA SER B 297 -32.57 1.65 -2.86
C SER B 297 -32.60 0.14 -2.69
N GLY B 298 -33.13 -0.31 -1.56
CA GLY B 298 -33.18 -1.73 -1.25
C GLY B 298 -32.90 -1.99 0.21
N LYS B 299 -33.78 -2.75 0.86
CA LYS B 299 -33.66 -2.96 2.30
C LYS B 299 -32.51 -3.87 2.68
N ILE B 300 -32.03 -4.71 1.75
CA ILE B 300 -31.03 -5.72 2.06
C ILE B 300 -29.85 -5.57 1.13
N ILE B 301 -28.65 -5.80 1.66
CA ILE B 301 -27.41 -5.63 0.93
C ILE B 301 -26.77 -6.99 0.73
N ASN B 302 -26.19 -7.19 -0.45
CA ASN B 302 -25.47 -8.42 -0.79
C ASN B 302 -23.99 -8.19 -0.56
N ILE B 303 -23.46 -8.75 0.53
CA ILE B 303 -22.00 -8.74 0.72
C ILE B 303 -21.40 -9.81 -0.15
N GLU B 304 -20.30 -9.49 -0.83
CA GLU B 304 -19.55 -10.52 -1.52
C GLU B 304 -18.36 -10.94 -0.63
N LEU B 305 -18.72 -11.50 0.52
CA LEU B 305 -17.75 -11.74 1.57
C LEU B 305 -16.72 -12.80 1.22
N GLY B 306 -16.79 -13.39 0.02
CA GLY B 306 -15.74 -14.29 -0.39
C GLY B 306 -14.43 -13.61 -0.74
N ASN B 307 -14.32 -12.30 -0.49
CA ASN B 307 -13.15 -11.52 -0.88
C ASN B 307 -12.47 -10.85 0.30
N PHE B 308 -12.65 -11.40 1.51
CA PHE B 308 -11.99 -10.84 2.69
C PHE B 308 -10.49 -11.00 2.57
N ASP B 309 -9.77 -10.03 3.10
CA ASP B 309 -8.33 -9.96 2.86
C ASP B 309 -7.48 -9.81 4.11
N LYS B 310 -7.98 -9.10 5.12
CA LYS B 310 -7.13 -8.40 6.09
C LYS B 310 -6.02 -9.22 6.70
N ASP B 311 -6.34 -10.22 7.53
CA ASP B 311 -5.27 -10.96 8.20
C ASP B 311 -5.60 -12.43 8.39
N LEU B 312 -6.39 -13.02 7.48
CA LEU B 312 -6.78 -14.41 7.63
C LEU B 312 -5.55 -15.32 7.62
N PRO B 313 -5.54 -16.37 8.45
CA PRO B 313 -4.35 -17.22 8.56
C PRO B 313 -4.18 -18.11 7.34
N LEU B 314 -2.94 -18.29 6.90
CA LEU B 314 -2.63 -19.02 5.68
C LEU B 314 -1.47 -19.98 5.92
N SER B 315 -1.75 -21.28 5.82
CA SER B 315 -0.70 -22.27 5.76
C SER B 315 -0.12 -22.32 4.34
N PRO B 316 1.10 -22.83 4.18
CA PRO B 316 1.71 -22.82 2.83
C PRO B 316 0.93 -23.58 1.80
N ILE B 317 0.14 -24.58 2.21
CA ILE B 317 -0.74 -25.28 1.28
C ILE B 317 -1.69 -24.30 0.62
N ASP B 318 -2.17 -23.31 1.39
CA ASP B 318 -3.05 -22.30 0.82
C ASP B 318 -2.35 -21.45 -0.23
N LEU B 319 -1.13 -21.02 0.03
CA LEU B 319 -0.36 -20.26 -0.96
C LEU B 319 -0.14 -21.06 -2.23
N VAL B 320 0.20 -22.35 -2.09
CA VAL B 320 0.44 -23.17 -3.27
C VAL B 320 -0.85 -23.37 -4.06
N MET B 321 -1.96 -23.63 -3.37
CA MET B 321 -3.21 -23.86 -4.08
C MET B 321 -3.76 -22.56 -4.67
N ASP B 322 -3.32 -21.42 -4.16
CA ASP B 322 -3.74 -20.15 -4.73
C ASP B 322 -2.88 -19.75 -5.92
N TRP B 323 -1.61 -20.18 -5.94
CA TRP B 323 -0.76 -19.88 -7.09
C TRP B 323 -1.22 -20.65 -8.33
N HIS B 324 -2.01 -21.71 -8.16
CA HIS B 324 -2.44 -22.58 -9.23
C HIS B 324 -3.90 -22.36 -9.60
N SER B 325 -4.39 -21.13 -9.57
CA SER B 325 -5.80 -20.87 -9.84
C SER B 325 -5.94 -19.71 -10.82
N ALA B 326 -7.11 -19.65 -11.46
CA ALA B 326 -7.36 -18.58 -12.43
C ALA B 326 -7.58 -17.24 -11.73
N ASN B 327 -8.48 -17.20 -10.76
CA ASN B 327 -8.74 -15.99 -9.98
C ASN B 327 -7.65 -15.73 -8.96
N ARG B 328 -6.41 -15.55 -9.41
CA ARG B 328 -5.30 -15.41 -8.49
C ARG B 328 -5.34 -14.06 -7.78
N SER B 329 -4.95 -14.07 -6.50
CA SER B 329 -4.84 -12.87 -5.66
C SER B 329 -6.20 -12.30 -5.28
N ARG B 330 -7.29 -12.92 -5.75
CA ARG B 330 -8.63 -12.54 -5.37
C ARG B 330 -9.36 -13.75 -4.83
N GLN B 331 -10.49 -13.51 -4.16
CA GLN B 331 -11.30 -14.54 -3.53
C GLN B 331 -10.44 -15.41 -2.61
N LEU B 332 -9.87 -14.76 -1.60
CA LEU B 332 -8.97 -15.44 -0.68
C LEU B 332 -9.69 -16.06 0.49
N PHE B 333 -10.78 -15.44 0.96
CA PHE B 333 -11.55 -16.00 2.06
C PHE B 333 -12.41 -17.17 1.60
N GLU B 334 -12.83 -17.16 0.33
CA GLU B 334 -13.64 -18.26 -0.18
C GLU B 334 -12.83 -19.54 -0.31
N LYS B 335 -11.52 -19.42 -0.58
CA LYS B 335 -10.69 -20.59 -0.81
C LYS B 335 -10.35 -21.35 0.46
N MET B 336 -10.86 -20.94 1.62
CA MET B 336 -10.58 -21.63 2.86
C MET B 336 -11.81 -22.27 3.49
N ILE B 337 -13.02 -21.85 3.11
CA ILE B 337 -14.25 -22.28 3.77
C ILE B 337 -15.28 -22.84 2.81
N SER B 338 -14.99 -22.89 1.52
CA SER B 338 -15.97 -23.31 0.53
C SER B 338 -15.71 -24.74 0.10
N GLY B 339 -16.77 -25.41 -0.36
CA GLY B 339 -16.70 -26.83 -0.62
C GLY B 339 -15.91 -27.17 -1.87
N ALA B 340 -15.69 -26.17 -2.74
CA ALA B 340 -14.99 -26.43 -3.99
C ALA B 340 -13.50 -26.72 -3.77
N TYR B 341 -12.93 -26.33 -2.64
CA TYR B 341 -11.50 -26.46 -2.41
C TYR B 341 -11.13 -27.33 -1.22
N LEU B 342 -12.08 -27.74 -0.40
CA LEU B 342 -11.74 -28.51 0.80
C LEU B 342 -11.13 -29.86 0.43
N GLY B 343 -11.66 -30.52 -0.59
CA GLY B 343 -11.09 -31.78 -1.01
C GLY B 343 -9.66 -31.64 -1.49
N GLU B 344 -9.39 -30.57 -2.25
CA GLU B 344 -8.04 -30.34 -2.72
C GLU B 344 -7.08 -30.05 -1.57
N ILE B 345 -7.55 -29.27 -0.59
CA ILE B 345 -6.71 -28.96 0.57
C ILE B 345 -6.39 -30.24 1.33
N VAL B 346 -7.39 -31.11 1.52
CA VAL B 346 -7.16 -32.35 2.25
C VAL B 346 -6.20 -33.25 1.49
N ARG B 347 -6.35 -33.30 0.16
CA ARG B 347 -5.44 -34.10 -0.64
C ARG B 347 -4.01 -33.58 -0.54
N ARG B 348 -3.84 -32.25 -0.55
CA ARG B 348 -2.50 -31.70 -0.48
C ARG B 348 -1.88 -31.85 0.90
N PHE B 349 -2.70 -31.89 1.95
CA PHE B 349 -2.16 -32.25 3.27
C PHE B 349 -1.79 -33.72 3.34
N MET B 350 -2.56 -34.59 2.68
CA MET B 350 -2.33 -36.03 2.80
C MET B 350 -1.15 -36.51 1.97
N VAL B 351 -0.30 -35.62 1.50
CA VAL B 351 0.93 -35.99 0.83
C VAL B 351 2.16 -35.61 1.65
N ASN B 352 2.11 -34.46 2.32
CA ASN B 352 3.19 -34.07 3.21
C ASN B 352 3.15 -34.82 4.54
N VAL B 353 2.17 -35.69 4.74
CA VAL B 353 2.08 -36.51 5.93
C VAL B 353 2.46 -37.96 5.65
N LEU B 354 2.00 -38.50 4.54
CA LEU B 354 2.36 -39.88 4.19
C LEU B 354 3.79 -39.96 3.64
N GLN B 355 4.26 -38.91 2.97
CA GLN B 355 5.66 -38.78 2.61
C GLN B 355 6.18 -39.95 1.78
N SER B 356 5.69 -40.07 0.54
CA SER B 356 6.13 -41.08 -0.43
C SER B 356 5.56 -42.45 -0.10
N ALA B 357 4.84 -42.55 1.01
CA ALA B 357 4.01 -43.72 1.26
C ALA B 357 2.69 -43.64 0.50
N SER B 358 2.49 -42.60 -0.30
CA SER B 358 1.28 -42.42 -1.07
C SER B 358 1.40 -43.13 -2.42
N SER B 359 0.32 -43.08 -3.19
CA SER B 359 0.26 -43.75 -4.48
C SER B 359 0.52 -42.77 -5.61
N GLU B 360 0.56 -43.29 -6.84
CA GLU B 360 0.73 -42.44 -8.00
C GLU B 360 -0.48 -41.55 -8.23
N LYS B 361 -1.67 -42.02 -7.81
CA LYS B 361 -2.88 -41.24 -8.05
C LYS B 361 -3.03 -40.10 -7.04
N MET B 362 -2.40 -40.22 -5.87
CA MET B 362 -2.53 -39.17 -4.86
C MET B 362 -1.86 -37.88 -5.27
N TRP B 363 -1.04 -37.91 -6.32
CA TRP B 363 -0.40 -36.72 -6.84
C TRP B 363 -1.15 -36.10 -8.01
N LYS B 364 -2.37 -36.56 -8.29
CA LYS B 364 -3.17 -36.06 -9.40
C LYS B 364 -4.25 -35.13 -8.85
N SER B 365 -4.32 -33.93 -9.41
CA SER B 365 -5.23 -32.92 -8.89
C SER B 365 -6.68 -33.28 -9.21
N ASP B 366 -7.60 -32.73 -8.42
CA ASP B 366 -9.03 -33.02 -8.55
C ASP B 366 -9.30 -34.51 -8.53
N SER B 367 -8.95 -35.18 -7.42
CA SER B 367 -9.22 -36.60 -7.26
C SER B 367 -9.82 -36.90 -5.89
N PHE B 368 -10.39 -35.89 -5.24
CA PHE B 368 -11.00 -36.05 -3.93
C PHE B 368 -12.01 -34.93 -3.69
N ASN B 369 -13.29 -35.26 -3.67
CA ASN B 369 -14.31 -34.23 -3.51
C ASN B 369 -14.52 -33.92 -2.03
N SER B 370 -15.39 -32.93 -1.78
CA SER B 370 -15.84 -32.68 -0.43
C SER B 370 -16.96 -33.63 -0.03
N GLU B 371 -17.64 -34.24 -0.99
CA GLU B 371 -18.65 -35.24 -0.67
C GLU B 371 -18.02 -36.44 0.03
N LEU B 372 -16.86 -36.89 -0.46
CA LEU B 372 -16.15 -37.99 0.18
C LEU B 372 -15.65 -37.57 1.57
N GLY B 373 -15.29 -36.29 1.73
CA GLY B 373 -14.94 -35.81 3.05
C GLY B 373 -16.12 -35.87 4.01
N SER B 374 -17.32 -35.55 3.51
CA SER B 374 -18.50 -35.67 4.35
C SER B 374 -18.77 -37.12 4.75
N VAL B 375 -18.37 -38.07 3.90
CA VAL B 375 -18.52 -39.47 4.24
C VAL B 375 -17.49 -39.88 5.29
N VAL B 376 -16.25 -39.41 5.13
CA VAL B 376 -15.21 -39.74 6.10
C VAL B 376 -15.54 -39.14 7.46
N LEU B 377 -16.15 -37.97 7.48
CA LEU B 377 -16.52 -37.34 8.74
C LEU B 377 -17.64 -38.12 9.42
N ASN B 378 -18.76 -38.31 8.72
CA ASN B 378 -19.89 -39.07 9.24
C ASN B 378 -19.59 -40.57 9.16
N ASP B 379 -18.61 -40.99 9.96
CA ASP B 379 -18.14 -42.38 9.98
C ASP B 379 -18.45 -42.94 11.37
N THR B 380 -19.59 -43.61 11.49
CA THR B 380 -20.00 -44.25 12.73
C THR B 380 -20.14 -45.76 12.59
N SER B 381 -19.57 -46.32 11.53
CA SER B 381 -19.58 -47.77 11.34
C SER B 381 -18.71 -48.43 12.42
N PRO B 382 -19.01 -49.68 12.79
CA PRO B 382 -18.20 -50.34 13.84
C PRO B 382 -16.72 -50.34 13.54
N ASN B 383 -16.33 -50.84 12.38
CA ASN B 383 -15.00 -50.62 11.83
C ASN B 383 -15.07 -49.47 10.84
N PHE B 384 -13.90 -49.05 10.36
CA PHE B 384 -13.83 -47.92 9.43
C PHE B 384 -13.88 -48.37 7.98
N GLU B 385 -14.52 -49.51 7.72
CA GLU B 385 -14.63 -50.01 6.36
C GLU B 385 -15.53 -49.16 5.47
N GLU B 386 -16.24 -48.20 6.05
CA GLU B 386 -17.02 -47.27 5.24
C GLU B 386 -16.10 -46.31 4.49
N SER B 387 -15.17 -45.67 5.20
CA SER B 387 -14.23 -44.77 4.56
C SER B 387 -13.15 -45.53 3.79
N ARG B 388 -12.98 -46.82 4.09
CA ARG B 388 -12.00 -47.61 3.35
C ARG B 388 -12.39 -47.73 1.89
N LYS B 389 -13.69 -47.85 1.61
CA LYS B 389 -14.15 -47.89 0.23
C LYS B 389 -13.89 -46.56 -0.47
N VAL B 390 -14.12 -45.46 0.25
CA VAL B 390 -13.82 -44.15 -0.32
C VAL B 390 -12.35 -44.05 -0.69
N ALA B 391 -11.47 -44.38 0.26
CA ALA B 391 -10.04 -44.32 0.00
C ALA B 391 -9.64 -45.22 -1.16
N LYS B 392 -10.24 -46.42 -1.23
CA LYS B 392 -9.84 -47.37 -2.26
C LYS B 392 -10.29 -46.93 -3.64
N ASP B 393 -11.56 -46.58 -3.79
CA ASP B 393 -12.06 -46.13 -5.08
C ASP B 393 -11.65 -44.70 -5.42
N ALA B 394 -10.95 -44.01 -4.53
CA ALA B 394 -10.45 -42.69 -4.91
C ALA B 394 -8.96 -42.66 -5.19
N TRP B 395 -8.16 -43.45 -4.45
CA TRP B 395 -6.72 -43.41 -4.60
C TRP B 395 -6.08 -44.76 -4.85
N ASP B 396 -6.85 -45.85 -4.83
CA ASP B 396 -6.32 -47.21 -5.01
C ASP B 396 -5.27 -47.54 -3.95
N MET B 397 -5.46 -47.00 -2.75
CA MET B 397 -4.55 -47.24 -1.63
C MET B 397 -5.31 -48.01 -0.56
N ASP B 398 -4.94 -49.27 -0.36
CA ASP B 398 -5.52 -50.09 0.69
C ASP B 398 -4.91 -49.67 2.01
N PHE B 399 -5.46 -48.60 2.59
CA PHE B 399 -4.91 -48.02 3.81
C PHE B 399 -4.91 -49.03 4.94
N THR B 400 -3.84 -49.01 5.73
CA THR B 400 -3.79 -49.79 6.96
C THR B 400 -4.57 -49.06 8.04
N ASP B 401 -4.50 -49.59 9.27
CA ASP B 401 -5.20 -48.94 10.37
C ASP B 401 -4.43 -47.77 10.95
N GLU B 402 -3.21 -47.53 10.49
CA GLU B 402 -2.40 -46.43 11.00
C GLU B 402 -2.53 -45.16 10.16
N GLN B 403 -3.07 -45.26 8.96
CA GLN B 403 -3.17 -44.11 8.07
C GLN B 403 -4.59 -43.55 8.00
N ILE B 404 -5.59 -44.40 8.23
CA ILE B 404 -6.96 -43.91 8.27
C ILE B 404 -7.15 -42.96 9.44
N TYR B 405 -6.40 -43.18 10.53
CA TYR B 405 -6.41 -42.24 11.64
C TYR B 405 -5.93 -40.87 11.19
N ALA B 406 -4.84 -40.83 10.41
CA ALA B 406 -4.34 -39.58 9.90
C ALA B 406 -5.35 -38.91 8.98
N LEU B 407 -5.99 -39.71 8.13
CA LEU B 407 -7.00 -39.17 7.22
C LEU B 407 -8.14 -38.53 7.98
N ARG B 408 -8.66 -39.23 9.00
CA ARG B 408 -9.75 -38.68 9.79
C ARG B 408 -9.32 -37.43 10.53
N LYS B 409 -8.11 -37.43 11.09
CA LYS B 409 -7.61 -36.25 11.80
C LYS B 409 -7.53 -35.05 10.87
N ILE B 410 -7.02 -35.25 9.66
CA ILE B 410 -6.82 -34.14 8.73
C ILE B 410 -8.17 -33.59 8.29
N CYS B 411 -9.10 -34.47 7.91
CA CYS B 411 -10.42 -34.02 7.52
C CYS B 411 -11.09 -33.24 8.66
N GLU B 412 -10.98 -33.76 9.87
CA GLU B 412 -11.58 -33.08 11.02
C GLU B 412 -11.02 -31.68 11.18
N SER B 413 -9.68 -31.55 11.14
CA SER B 413 -9.07 -30.25 11.38
C SER B 413 -9.46 -29.24 10.30
N VAL B 414 -9.43 -29.68 9.02
CA VAL B 414 -9.75 -28.77 7.93
C VAL B 414 -11.20 -28.28 8.03
N TYR B 415 -12.14 -29.22 8.15
CA TYR B 415 -13.54 -28.82 8.21
C TYR B 415 -13.83 -28.02 9.49
N ASN B 416 -13.06 -28.27 10.55
CA ASN B 416 -13.22 -27.50 11.77
C ASN B 416 -12.83 -26.04 11.55
N ARG B 417 -11.69 -25.81 10.90
CA ARG B 417 -11.30 -24.44 10.58
C ARG B 417 -12.37 -23.76 9.73
N SER B 418 -12.88 -24.48 8.73
CA SER B 418 -13.92 -23.91 7.87
C SER B 418 -15.14 -23.49 8.69
N ALA B 419 -15.63 -24.39 9.54
CA ALA B 419 -16.81 -24.09 10.33
C ALA B 419 -16.57 -22.92 11.27
N ALA B 420 -15.39 -22.87 11.89
CA ALA B 420 -15.08 -21.76 12.79
C ALA B 420 -15.09 -20.43 12.08
N LEU B 421 -14.48 -20.35 10.89
CA LEU B 421 -14.45 -19.08 10.17
C LEU B 421 -15.85 -18.69 9.69
N ALA B 422 -16.66 -19.66 9.27
CA ALA B 422 -18.03 -19.35 8.86
C ALA B 422 -18.83 -18.80 10.03
N ALA B 423 -18.70 -19.42 11.20
CA ALA B 423 -19.40 -18.94 12.38
C ALA B 423 -18.93 -17.54 12.76
N ALA B 424 -17.63 -17.28 12.62
CA ALA B 424 -17.12 -15.94 12.90
C ALA B 424 -17.74 -14.91 11.97
N ALA B 425 -17.86 -15.25 10.68
CA ALA B 425 -18.48 -14.34 9.73
C ALA B 425 -19.94 -14.06 10.09
N ILE B 426 -20.67 -15.12 10.47
CA ILE B 426 -22.08 -14.94 10.83
C ILE B 426 -22.22 -14.04 12.05
N ALA B 427 -21.41 -14.30 13.08
CA ALA B 427 -21.49 -13.50 14.30
C ALA B 427 -21.09 -12.05 14.04
N ALA B 428 -20.13 -11.83 13.14
CA ALA B 428 -19.71 -10.47 12.84
C ALA B 428 -20.78 -9.71 12.06
N ILE B 429 -21.49 -10.41 11.18
CA ILE B 429 -22.64 -9.76 10.53
C ILE B 429 -23.72 -9.46 11.55
N ALA B 430 -23.93 -10.37 12.51
CA ALA B 430 -24.98 -10.16 13.51
C ALA B 430 -24.69 -8.93 14.36
N LYS B 431 -23.45 -8.80 14.85
CA LYS B 431 -23.11 -7.68 15.72
C LYS B 431 -23.27 -6.33 15.04
N ARG B 432 -23.45 -6.29 13.72
CA ARG B 432 -23.57 -5.02 13.02
C ARG B 432 -24.97 -4.43 13.12
N ILE B 433 -26.00 -5.28 13.11
CA ILE B 433 -27.37 -4.76 13.20
C ILE B 433 -27.66 -4.17 14.57
N LYS B 434 -26.95 -4.62 15.62
CA LYS B 434 -27.03 -4.06 16.96
C LYS B 434 -28.40 -4.28 17.60
N ILE B 435 -29.31 -4.93 16.88
CA ILE B 435 -30.63 -5.26 17.43
C ILE B 435 -30.59 -6.56 18.22
N ILE B 436 -29.42 -7.18 18.36
CA ILE B 436 -29.32 -8.47 19.04
C ILE B 436 -29.64 -8.34 20.52
N GLU B 437 -29.25 -7.21 21.12
CA GLU B 437 -29.50 -7.02 22.55
C GLU B 437 -30.97 -6.71 22.83
N HIS B 438 -31.59 -5.89 21.99
CA HIS B 438 -32.97 -5.48 22.23
C HIS B 438 -33.94 -6.63 22.02
N SER B 439 -33.88 -7.26 20.85
CA SER B 439 -34.83 -8.29 20.48
C SER B 439 -34.06 -9.46 19.87
N LYS B 440 -34.79 -10.39 19.26
CA LYS B 440 -34.21 -11.56 18.63
C LYS B 440 -34.55 -11.57 17.15
N PHE B 441 -33.69 -12.22 16.36
CA PHE B 441 -33.88 -12.37 14.93
C PHE B 441 -33.21 -13.66 14.49
N SER B 442 -33.60 -14.15 13.32
CA SER B 442 -33.16 -15.45 12.85
C SER B 442 -32.32 -15.32 11.59
N CYS B 443 -31.47 -16.31 11.36
CA CYS B 443 -30.64 -16.39 10.16
C CYS B 443 -30.89 -17.70 9.44
N GLY B 444 -31.17 -17.62 8.14
CA GLY B 444 -31.46 -18.79 7.33
C GLY B 444 -30.23 -19.27 6.60
N VAL B 445 -29.80 -20.49 6.90
CA VAL B 445 -28.55 -21.05 6.38
C VAL B 445 -28.88 -22.10 5.33
N ASP B 446 -28.18 -22.04 4.21
CA ASP B 446 -28.40 -22.94 3.09
C ASP B 446 -27.05 -23.35 2.51
N GLY B 447 -27.02 -24.52 1.87
CA GLY B 447 -25.84 -24.94 1.15
C GLY B 447 -25.61 -26.42 1.27
N SER B 448 -24.79 -26.94 0.36
CA SER B 448 -24.46 -28.35 0.36
C SER B 448 -23.61 -28.72 1.58
N LEU B 449 -22.72 -27.82 1.99
CA LEU B 449 -21.90 -28.10 3.17
C LEU B 449 -22.75 -28.22 4.42
N PHE B 450 -23.76 -27.37 4.56
CA PHE B 450 -24.48 -27.26 5.83
C PHE B 450 -25.49 -28.39 6.00
N VAL B 451 -26.50 -28.45 5.13
CA VAL B 451 -27.62 -29.33 5.39
C VAL B 451 -27.27 -30.78 5.05
N LYS B 452 -26.40 -31.00 4.06
CA LYS B 452 -26.04 -32.35 3.64
C LYS B 452 -24.84 -32.91 4.39
N ASN B 453 -24.57 -32.43 5.60
CA ASN B 453 -23.42 -32.88 6.37
C ASN B 453 -23.74 -32.66 7.85
N ALA B 454 -24.03 -33.77 8.55
CA ALA B 454 -24.48 -33.67 9.93
C ALA B 454 -23.37 -33.25 10.87
N TRP B 455 -22.13 -33.67 10.60
CA TRP B 455 -21.01 -33.29 11.46
C TRP B 455 -20.74 -31.81 11.41
N TYR B 456 -21.12 -31.15 10.31
CA TYR B 456 -20.88 -29.72 10.17
C TYR B 456 -21.83 -28.91 11.03
N CYS B 457 -23.11 -29.26 11.02
CA CYS B 457 -24.12 -28.46 11.69
C CYS B 457 -23.92 -28.39 13.20
N LYS B 458 -23.27 -29.37 13.81
CA LYS B 458 -23.02 -29.30 15.24
C LYS B 458 -21.81 -28.46 15.59
N ARG B 459 -20.70 -28.65 14.86
CA ARG B 459 -19.52 -27.84 15.08
C ARG B 459 -19.79 -26.37 14.82
N LEU B 460 -20.61 -26.08 13.80
CA LEU B 460 -20.92 -24.69 13.49
C LEU B 460 -21.66 -24.03 14.64
N GLN B 461 -22.72 -24.67 15.15
CA GLN B 461 -23.47 -24.07 16.25
C GLN B 461 -22.64 -24.01 17.52
N GLU B 462 -21.73 -24.97 17.72
CA GLU B 462 -20.84 -24.88 18.88
C GLU B 462 -19.96 -23.63 18.80
N HIS B 463 -19.29 -23.46 17.66
CA HIS B 463 -18.39 -22.32 17.48
C HIS B 463 -19.16 -21.02 17.51
N LEU B 464 -20.43 -21.04 17.13
CA LEU B 464 -21.24 -19.82 17.19
C LEU B 464 -21.68 -19.52 18.62
N LYS B 465 -22.06 -20.54 19.37
CA LYS B 465 -22.41 -20.37 20.77
C LYS B 465 -21.25 -19.85 21.60
N VAL B 466 -20.03 -20.25 21.26
CA VAL B 466 -18.88 -19.81 22.05
C VAL B 466 -18.57 -18.33 21.77
N ILE B 467 -18.78 -17.88 20.54
CA ILE B 467 -18.35 -16.53 20.15
C ILE B 467 -19.24 -15.47 20.78
N LEU B 468 -20.53 -15.48 20.44
CA LEU B 468 -21.47 -14.53 21.03
C LEU B 468 -22.13 -15.20 22.23
N ALA B 469 -21.39 -15.21 23.34
CA ALA B 469 -21.76 -15.98 24.51
C ALA B 469 -23.07 -15.53 25.14
N ASP B 470 -23.10 -14.29 25.65
CA ASP B 470 -24.22 -13.86 26.48
C ASP B 470 -25.53 -13.83 25.69
N LYS B 471 -25.50 -13.24 24.49
CA LYS B 471 -26.70 -13.07 23.69
C LYS B 471 -26.94 -14.23 22.74
N ALA B 472 -26.53 -15.44 23.13
CA ALA B 472 -26.61 -16.58 22.22
C ALA B 472 -28.05 -16.87 21.80
N GLU B 473 -28.98 -16.87 22.76
CA GLU B 473 -30.37 -17.23 22.47
C GLU B 473 -31.15 -16.01 22.00
N ASN B 474 -30.58 -15.33 21.01
CA ASN B 474 -31.29 -14.29 20.27
C ASN B 474 -31.08 -14.41 18.77
N LEU B 475 -30.16 -15.26 18.32
CA LEU B 475 -29.91 -15.52 16.91
C LEU B 475 -30.21 -16.99 16.65
N ILE B 476 -31.38 -17.26 16.09
CA ILE B 476 -31.84 -18.63 15.84
C ILE B 476 -31.44 -19.01 14.42
N ILE B 477 -30.75 -20.14 14.29
CA ILE B 477 -30.31 -20.64 13.01
C ILE B 477 -31.41 -21.52 12.44
N ILE B 478 -31.80 -21.25 11.20
CA ILE B 478 -32.88 -21.97 10.53
C ILE B 478 -32.31 -22.60 9.26
N PRO B 479 -32.23 -23.92 9.17
CA PRO B 479 -31.81 -24.54 7.91
C PRO B 479 -32.90 -24.43 6.86
N ALA B 480 -32.56 -23.91 5.67
CA ALA B 480 -33.52 -23.69 4.60
C ALA B 480 -33.15 -24.58 3.41
N ASP B 481 -33.64 -25.82 3.44
CA ASP B 481 -33.33 -26.79 2.39
C ASP B 481 -34.00 -26.47 1.07
N ASP B 482 -34.99 -25.58 1.05
CA ASP B 482 -35.71 -25.27 -0.18
C ASP B 482 -34.80 -24.68 -1.24
N GLY B 483 -33.74 -23.98 -0.85
CA GLY B 483 -32.81 -23.42 -1.79
C GLY B 483 -33.32 -22.13 -2.41
N SER B 484 -32.46 -21.53 -3.24
CA SER B 484 -32.82 -20.30 -3.94
C SER B 484 -33.84 -20.56 -5.03
N GLY B 485 -34.12 -21.82 -5.33
CA GLY B 485 -35.10 -22.18 -6.34
C GLY B 485 -36.45 -21.56 -6.05
N LYS B 486 -36.93 -21.69 -4.81
CA LYS B 486 -38.19 -21.08 -4.44
C LYS B 486 -38.06 -19.57 -4.38
N GLY B 487 -36.87 -19.07 -4.03
CA GLY B 487 -36.68 -17.63 -3.95
C GLY B 487 -36.81 -16.96 -5.30
N ALA B 488 -36.34 -17.62 -6.36
CA ALA B 488 -36.49 -17.09 -7.71
C ALA B 488 -37.95 -16.89 -8.05
N ALA B 489 -38.80 -17.82 -7.65
CA ALA B 489 -40.24 -17.68 -7.90
C ALA B 489 -40.86 -16.61 -7.02
N ILE B 490 -40.50 -16.61 -5.73
CA ILE B 490 -41.05 -15.62 -4.80
C ILE B 490 -40.60 -14.20 -5.14
N THR B 491 -39.54 -14.06 -5.94
CA THR B 491 -39.18 -12.74 -6.46
C THR B 491 -40.37 -12.04 -7.09
N ALA B 492 -41.26 -12.82 -7.73
CA ALA B 492 -42.44 -12.24 -8.36
C ALA B 492 -43.38 -11.62 -7.33
N ALA B 493 -43.30 -12.05 -6.08
CA ALA B 493 -44.22 -11.57 -5.03
C ALA B 493 -44.03 -10.10 -4.70
N VAL B 494 -43.02 -9.42 -5.23
CA VAL B 494 -42.82 -8.00 -5.00
C VAL B 494 -42.98 -7.20 -6.29
N VAL B 495 -42.46 -7.72 -7.40
CA VAL B 495 -42.57 -7.02 -8.67
C VAL B 495 -44.02 -7.04 -9.16
N SER B 496 -44.70 -8.18 -9.00
CA SER B 496 -46.11 -8.24 -9.35
C SER B 496 -46.97 -7.56 -8.29
N GLN B 497 -46.88 -8.03 -7.05
CA GLN B 497 -47.57 -7.42 -5.91
C GLN B 497 -49.08 -7.36 -6.12
N THR C 30 -19.53 26.50 24.50
CA THR C 30 -20.11 27.28 23.41
C THR C 30 -20.17 28.76 23.77
N ILE C 31 -19.62 29.60 22.90
CA ILE C 31 -19.61 31.03 23.15
C ILE C 31 -20.98 31.64 22.87
N LYS C 32 -21.41 31.57 21.61
CA LYS C 32 -22.72 32.06 21.18
C LYS C 32 -22.98 33.48 21.66
N CYS C 33 -22.15 34.39 21.16
CA CYS C 33 -22.27 35.80 21.50
C CYS C 33 -23.41 36.43 20.69
N ASP C 34 -24.14 37.34 21.33
CA ASP C 34 -25.38 37.88 20.78
C ASP C 34 -25.21 39.24 20.13
N ILE C 35 -24.01 39.83 20.15
CA ILE C 35 -23.77 41.13 19.53
C ILE C 35 -24.07 41.03 18.04
N PRO C 36 -24.76 42.00 17.44
CA PRO C 36 -25.07 41.91 16.00
C PRO C 36 -23.81 41.97 15.17
N ILE C 37 -23.58 40.90 14.39
CA ILE C 37 -22.43 40.78 13.53
C ILE C 37 -22.91 40.67 12.09
N ASN C 38 -21.95 40.68 11.16
CA ASN C 38 -22.29 40.60 9.74
C ASN C 38 -23.01 39.30 9.44
N GLU C 39 -23.96 39.36 8.51
CA GLU C 39 -24.74 38.19 8.12
C GLU C 39 -24.03 37.30 7.12
N GLU C 40 -22.92 37.76 6.55
CA GLU C 40 -22.09 36.96 5.67
C GLU C 40 -20.91 36.36 6.41
N LEU C 41 -20.23 37.16 7.22
CA LEU C 41 -19.10 36.68 8.02
C LEU C 41 -19.52 35.52 8.91
N GLN C 42 -20.78 35.51 9.34
CA GLN C 42 -21.28 34.40 10.14
C GLN C 42 -21.22 33.09 9.37
N ALA C 43 -21.48 33.14 8.06
CA ALA C 43 -21.39 31.93 7.25
C ALA C 43 -19.95 31.45 7.14
N ARG C 44 -19.02 32.37 6.95
CA ARG C 44 -17.61 31.98 6.88
C ARG C 44 -17.10 31.47 8.22
N ILE C 45 -17.71 31.91 9.31
CA ILE C 45 -17.37 31.33 10.62
C ILE C 45 -17.93 29.91 10.73
N ASN C 46 -19.20 29.74 10.37
CA ASN C 46 -19.85 28.45 10.57
C ASN C 46 -19.21 27.37 9.71
N LYS C 47 -18.79 27.73 8.49
CA LYS C 47 -18.14 26.75 7.62
C LYS C 47 -16.86 26.21 8.26
N HIS C 48 -15.99 27.11 8.71
CA HIS C 48 -14.73 26.67 9.30
C HIS C 48 -14.94 26.04 10.66
N VAL C 49 -16.04 26.34 11.33
CA VAL C 49 -16.34 25.67 12.59
C VAL C 49 -16.75 24.23 12.33
N ASN C 50 -17.63 24.01 11.34
CA ASN C 50 -18.02 22.65 10.99
C ASN C 50 -16.84 21.87 10.42
N GLN C 51 -15.87 22.56 9.83
CA GLN C 51 -14.67 21.86 9.37
C GLN C 51 -13.93 21.20 10.52
N LEU C 52 -13.91 21.83 11.69
CA LEU C 52 -13.21 21.32 12.86
C LEU C 52 -14.10 20.55 13.81
N ARG C 53 -15.35 20.29 13.43
CA ARG C 53 -16.28 19.62 14.32
C ARG C 53 -15.82 18.18 14.58
N ILE C 54 -16.01 17.75 15.82
CA ILE C 54 -15.69 16.39 16.23
C ILE C 54 -16.92 15.78 16.88
N THR C 55 -17.20 14.51 16.55
CA THR C 55 -18.38 13.83 17.05
C THR C 55 -17.98 12.49 17.65
N TYR C 56 -18.80 12.02 18.60
CA TYR C 56 -18.46 10.80 19.33
C TYR C 56 -18.48 9.56 18.45
N SER C 57 -19.20 9.59 17.33
CA SER C 57 -19.15 8.48 16.40
C SER C 57 -17.77 8.33 15.80
N THR C 58 -16.98 9.41 15.81
CA THR C 58 -15.60 9.34 15.35
C THR C 58 -14.68 8.84 16.45
N LEU C 59 -14.87 9.32 17.68
CA LEU C 59 -14.01 8.90 18.78
C LEU C 59 -14.19 7.43 19.09
N GLU C 60 -15.42 6.92 18.93
CA GLU C 60 -15.67 5.51 19.21
C GLU C 60 -14.96 4.60 18.22
N GLU C 61 -14.65 5.10 17.01
CA GLU C 61 -13.80 4.33 16.11
C GLU C 61 -12.33 4.59 16.39
N PHE C 62 -12.01 5.82 16.81
CA PHE C 62 -10.63 6.17 17.13
C PHE C 62 -10.06 5.25 18.20
N VAL C 63 -10.85 4.99 19.25
CA VAL C 63 -10.37 4.16 20.35
C VAL C 63 -10.02 2.76 19.86
N ASP C 64 -10.88 2.18 19.03
CA ASP C 64 -10.64 0.82 18.55
C ASP C 64 -9.46 0.78 17.60
N ASN C 65 -9.34 1.80 16.74
CA ASN C 65 -8.16 1.92 15.90
C ASN C 65 -6.89 1.91 16.74
N PHE C 66 -6.90 2.68 17.84
CA PHE C 66 -5.71 2.82 18.65
C PHE C 66 -5.34 1.50 19.33
N VAL C 67 -6.35 0.81 19.89
CA VAL C 67 -6.04 -0.44 20.59
C VAL C 67 -5.57 -1.52 19.62
N TYR C 68 -6.17 -1.55 18.42
CA TYR C 68 -5.70 -2.49 17.40
C TYR C 68 -4.25 -2.21 17.05
N GLU C 69 -3.93 -0.95 16.77
CA GLU C 69 -2.55 -0.55 16.47
C GLU C 69 -1.61 -1.01 17.58
N LEU C 70 -2.02 -0.84 18.83
CA LEU C 70 -1.15 -1.15 19.96
C LEU C 70 -0.84 -2.64 20.02
N LYS C 71 -1.87 -3.49 19.95
CA LYS C 71 -1.61 -4.93 20.01
C LYS C 71 -0.78 -5.38 18.81
N LYS C 72 -1.05 -4.80 17.65
CA LYS C 72 -0.26 -5.13 16.47
C LYS C 72 1.20 -4.76 16.68
N GLY C 73 1.45 -3.66 17.39
CA GLY C 73 2.82 -3.25 17.63
C GLY C 73 3.55 -4.17 18.58
N LEU C 74 2.84 -4.66 19.60
CA LEU C 74 3.45 -5.65 20.48
C LEU C 74 3.80 -6.92 19.71
N GLU C 75 2.85 -7.42 18.91
CA GLU C 75 3.11 -8.55 18.02
C GLU C 75 4.36 -8.31 17.18
N ALA C 76 4.43 -7.15 16.54
CA ALA C 76 5.56 -6.84 15.68
C ALA C 76 6.87 -6.80 16.46
N HIS C 77 6.83 -6.32 17.70
CA HIS C 77 8.06 -6.27 18.49
C HIS C 77 8.55 -7.66 18.83
N ARG C 78 7.63 -8.63 18.96
CA ARG C 78 8.08 -10.00 19.17
C ARG C 78 9.00 -10.47 18.04
N ARG C 79 8.69 -10.08 16.80
CA ARG C 79 9.42 -10.61 15.65
C ARG C 79 10.81 -9.99 15.55
N HIS C 80 10.88 -8.67 15.33
CA HIS C 80 12.15 -7.98 15.13
C HIS C 80 12.33 -6.92 16.21
N PRO C 81 13.15 -7.19 17.22
CA PRO C 81 13.28 -6.26 18.33
C PRO C 81 14.22 -5.09 18.08
N ASN C 82 14.64 -4.88 16.83
CA ASN C 82 15.42 -3.68 16.54
C ASN C 82 15.05 -3.00 15.23
N LEU C 83 14.11 -3.54 14.45
CA LEU C 83 13.62 -2.85 13.26
C LEU C 83 12.33 -2.10 13.60
N TRP C 84 11.97 -1.17 12.73
CA TRP C 84 10.72 -0.43 12.92
C TRP C 84 9.64 -0.87 11.93
N ILE C 85 9.95 -0.87 10.64
CA ILE C 85 8.99 -1.27 9.60
C ILE C 85 7.70 -0.47 9.74
N PRO C 86 7.69 0.81 9.39
CA PRO C 86 6.52 1.65 9.67
C PRO C 86 5.27 1.30 8.90
N HIS C 87 5.31 0.39 7.93
CA HIS C 87 4.07 0.01 7.28
C HIS C 87 3.31 -1.05 8.07
N GLU C 88 3.72 -1.31 9.32
CA GLU C 88 2.91 -2.03 10.29
C GLU C 88 3.18 -1.40 11.64
N CYS C 89 2.13 -0.98 12.34
CA CYS C 89 2.28 -0.28 13.62
C CYS C 89 3.09 1.00 13.51
N SER C 90 2.49 2.06 12.97
CA SER C 90 3.14 3.36 12.94
C SER C 90 3.65 3.83 14.31
N PHE C 91 3.31 3.13 15.40
CA PHE C 91 3.96 3.36 16.68
C PHE C 91 5.27 2.58 16.73
N LYS C 92 6.35 3.25 17.13
CA LYS C 92 7.60 2.55 17.40
C LYS C 92 7.71 2.28 18.90
N MET C 93 7.06 1.19 19.31
CA MET C 93 6.78 0.94 20.73
C MET C 93 8.10 0.62 21.43
N LEU C 94 8.84 1.66 21.76
CA LEU C 94 10.19 1.50 22.27
C LEU C 94 10.17 0.92 23.69
N ASP C 95 11.29 0.30 24.04
CA ASP C 95 11.45 -0.35 25.33
C ASP C 95 12.16 0.62 26.28
N SER C 96 11.69 0.65 27.52
CA SER C 96 12.34 1.37 28.60
C SER C 96 12.81 0.34 29.61
N CYS C 97 14.12 0.26 29.83
CA CYS C 97 14.71 -0.79 30.63
C CYS C 97 14.31 -0.74 32.10
N ILE C 98 13.43 0.20 32.49
CA ILE C 98 12.99 0.29 33.88
C ILE C 98 12.28 -1.01 34.25
N ALA C 99 12.77 -1.67 35.30
CA ALA C 99 12.21 -2.95 35.74
C ALA C 99 11.68 -2.87 37.17
N ASP C 100 11.59 -1.67 37.74
CA ASP C 100 11.09 -1.51 39.09
C ASP C 100 10.43 -0.15 39.30
N ILE C 101 9.11 -0.14 39.40
CA ILE C 101 8.38 1.08 39.77
C ILE C 101 8.82 1.46 41.18
N PRO C 102 9.45 2.61 41.37
CA PRO C 102 10.01 2.94 42.68
C PRO C 102 8.95 3.01 43.77
N THR C 103 9.39 2.76 45.00
CA THR C 103 8.49 2.79 46.15
C THR C 103 8.46 4.13 46.86
N GLY C 104 9.50 4.95 46.70
CA GLY C 104 9.53 6.28 47.27
C GLY C 104 10.15 6.39 48.64
N GLN C 105 10.97 5.42 49.06
CA GLN C 105 11.57 5.40 50.38
C GLN C 105 13.08 5.42 50.24
N GLU C 106 13.66 6.62 50.19
CA GLU C 106 15.11 6.77 50.07
C GLU C 106 15.55 8.21 50.31
N LYS C 107 16.84 8.48 50.10
CA LYS C 107 17.39 9.82 50.24
C LYS C 107 18.43 10.02 49.15
N GLY C 108 19.07 11.18 49.14
CA GLY C 108 20.11 11.46 48.17
C GLY C 108 19.98 12.80 47.47
N THR C 109 21.12 13.37 47.08
CA THR C 109 21.17 14.61 46.33
C THR C 109 21.89 14.37 45.01
N TYR C 110 21.21 14.67 43.91
CA TYR C 110 21.75 14.40 42.58
C TYR C 110 21.61 15.64 41.70
N TYR C 111 22.53 15.76 40.75
CA TYR C 111 22.44 16.75 39.69
C TYR C 111 21.94 16.05 38.43
N ALA C 112 21.09 16.73 37.67
CA ALA C 112 20.50 16.13 36.48
C ALA C 112 20.31 17.20 35.42
N ILE C 113 20.30 16.76 34.16
CA ILE C 113 20.14 17.64 33.02
C ILE C 113 18.85 17.28 32.32
N ASP C 114 18.17 18.29 31.78
CA ASP C 114 16.97 18.11 30.98
C ASP C 114 17.19 18.73 29.60
N PHE C 115 16.32 18.36 28.67
CA PHE C 115 16.35 18.90 27.32
C PHE C 115 15.12 18.41 26.57
N GLY C 116 14.63 19.23 25.64
CA GLY C 116 13.56 18.79 24.76
C GLY C 116 12.41 19.76 24.62
N GLY C 117 12.06 20.45 25.71
CA GLY C 117 10.93 21.35 25.69
C GLY C 117 11.24 22.65 24.96
N THR C 118 10.55 23.72 25.34
CA THR C 118 10.84 25.04 24.80
C THR C 118 12.23 25.54 25.21
N ASN C 119 12.83 24.94 26.24
CA ASN C 119 14.13 25.32 26.74
C ASN C 119 14.62 24.28 27.73
N PHE C 120 15.90 23.93 27.69
CA PHE C 120 16.41 22.89 28.56
C PHE C 120 16.66 23.45 29.96
N ARG C 121 16.86 22.53 30.90
CA ARG C 121 17.01 22.88 32.31
C ARG C 121 18.20 22.15 32.90
N ALA C 122 18.46 22.42 34.17
CA ALA C 122 19.49 21.74 34.94
C ALA C 122 19.10 21.81 36.41
N VAL C 123 18.95 20.64 37.03
CA VAL C 123 18.35 20.54 38.35
C VAL C 123 19.39 20.01 39.34
N ARG C 124 19.39 20.58 40.55
CA ARG C 124 20.22 20.12 41.65
C ARG C 124 19.26 19.71 42.78
N ALA C 125 18.79 18.47 42.73
CA ALA C 125 17.68 18.06 43.58
C ALA C 125 18.17 17.25 44.77
N SER C 126 17.38 17.30 45.84
CA SER C 126 17.58 16.49 47.04
C SER C 126 16.26 15.82 47.39
N LEU C 127 16.35 14.61 47.93
CA LEU C 127 15.18 13.79 48.19
C LEU C 127 14.91 13.70 49.69
N ASP C 128 13.70 13.24 50.02
CA ASP C 128 13.28 13.07 51.40
C ASP C 128 12.92 11.61 51.61
N GLY C 129 12.88 11.20 52.89
CA GLY C 129 12.55 9.84 53.25
C GLY C 129 11.15 9.41 52.84
N ASN C 130 10.39 10.32 52.25
CA ASN C 130 9.06 10.02 51.75
C ASN C 130 8.79 10.90 50.53
N GLY C 131 7.52 11.04 50.17
CA GLY C 131 7.08 11.72 48.97
C GLY C 131 7.74 13.05 48.66
N LYS C 132 8.05 13.84 49.70
CA LYS C 132 8.59 15.17 49.50
C LYS C 132 9.95 15.13 48.82
N ILE C 133 10.26 16.21 48.09
CA ILE C 133 11.51 16.34 47.35
C ILE C 133 11.69 17.81 46.98
N LYS C 134 12.93 18.31 47.09
CA LYS C 134 13.21 19.72 46.82
C LYS C 134 14.26 19.82 45.73
N ARG C 135 14.36 20.99 45.10
CA ARG C 135 15.32 21.20 44.03
C ARG C 135 15.66 22.67 43.90
N ASP C 136 16.87 22.95 43.42
CA ASP C 136 17.30 24.31 43.13
C ASP C 136 16.93 24.71 41.71
N GLN C 137 17.44 23.96 40.73
CA GLN C 137 17.08 24.04 39.31
C GLN C 137 17.06 25.45 38.73
N GLU C 138 17.89 26.36 39.26
CA GLU C 138 18.08 27.64 38.57
C GLU C 138 18.89 27.38 37.30
N THR C 139 18.31 27.74 36.16
CA THR C 139 18.88 27.34 34.88
C THR C 139 18.25 28.15 33.76
N TYR C 140 18.95 28.19 32.64
CA TYR C 140 18.56 29.00 31.49
C TYR C 140 18.79 28.21 30.21
N SER C 141 18.22 28.68 29.12
CA SER C 141 18.35 28.01 27.83
C SER C 141 17.97 28.95 26.71
N LEU C 142 17.88 28.40 25.51
CA LEU C 142 17.56 29.16 24.31
C LEU C 142 16.14 29.72 24.38
N HIS C 158 22.61 25.69 10.29
CA HIS C 158 24.02 25.98 10.35
C HIS C 158 24.49 26.08 11.81
N ALA C 159 24.35 24.98 12.53
CA ALA C 159 24.78 24.90 13.92
C ALA C 159 25.04 23.44 14.25
N THR C 160 26.27 23.12 14.61
CA THR C 160 26.69 21.73 14.80
C THR C 160 26.62 21.34 16.27
N ALA C 161 26.96 20.09 16.55
CA ALA C 161 26.87 19.56 17.90
C ALA C 161 27.99 20.08 18.79
N SER C 162 29.12 20.48 18.20
CA SER C 162 30.23 21.01 19.00
C SER C 162 29.79 22.22 19.80
N GLN C 163 29.25 23.24 19.12
CA GLN C 163 28.87 24.47 19.81
C GLN C 163 27.68 24.23 20.75
N LEU C 164 26.76 23.35 20.35
CA LEU C 164 25.60 23.04 21.19
C LEU C 164 26.04 22.44 22.52
N PHE C 165 26.88 21.40 22.47
CA PHE C 165 27.31 20.79 23.71
C PHE C 165 28.33 21.66 24.44
N ASP C 166 29.00 22.58 23.74
CA ASP C 166 29.80 23.59 24.42
C ASP C 166 28.90 24.48 25.28
N HIS C 167 27.75 24.90 24.74
CA HIS C 167 26.79 25.65 25.53
C HIS C 167 26.28 24.83 26.70
N PHE C 168 25.98 23.55 26.45
CA PHE C 168 25.59 22.65 27.53
C PHE C 168 26.61 22.65 28.67
N ALA C 169 27.88 22.41 28.33
CA ALA C 169 28.94 22.31 29.32
C ALA C 169 29.14 23.64 30.05
N GLU C 170 29.13 24.75 29.33
CA GLU C 170 29.34 26.04 29.95
C GLU C 170 28.20 26.37 30.92
N ARG C 171 26.97 26.03 30.54
CA ARG C 171 25.84 26.31 31.42
C ARG C 171 25.91 25.45 32.68
N ILE C 172 26.19 24.15 32.52
CA ILE C 172 26.23 23.28 33.69
C ILE C 172 27.40 23.66 34.59
N LYS C 173 28.50 24.15 34.00
CA LYS C 173 29.62 24.63 34.80
C LYS C 173 29.25 25.89 35.58
N TYR C 174 28.58 26.83 34.92
CA TYR C 174 28.12 28.05 35.59
C TYR C 174 27.19 27.70 36.75
N ILE C 175 26.31 26.73 36.55
CA ILE C 175 25.36 26.36 37.59
C ILE C 175 26.06 25.56 38.70
N MET C 176 27.19 24.92 38.37
CA MET C 176 27.87 24.07 39.34
C MET C 176 28.35 24.85 40.56
N GLY C 177 28.51 26.16 40.44
CA GLY C 177 29.07 26.97 41.50
C GLY C 177 28.09 27.39 42.58
N GLU C 178 27.74 26.48 43.48
CA GLU C 178 26.86 26.82 44.60
C GLU C 178 27.43 27.94 45.45
N VAL C 190 22.55 10.28 39.64
CA VAL C 190 22.66 11.15 38.48
C VAL C 190 21.87 10.55 37.32
N GLY C 191 21.42 11.42 36.40
CA GLY C 191 20.65 10.98 35.25
C GLY C 191 20.72 12.01 34.15
N PHE C 192 19.95 11.76 33.09
CA PHE C 192 19.87 12.67 31.96
C PHE C 192 18.57 12.40 31.23
N THR C 193 18.01 13.45 30.62
CA THR C 193 16.74 13.37 29.92
C THR C 193 16.89 13.92 28.52
N PHE C 194 16.50 13.12 27.52
CA PHE C 194 16.50 13.53 26.13
C PHE C 194 15.11 13.29 25.57
N SER C 195 14.42 14.37 25.22
CA SER C 195 13.03 14.28 24.78
C SER C 195 12.96 14.19 23.25
N PHE C 196 13.41 13.05 22.75
CA PHE C 196 13.39 12.75 21.33
C PHE C 196 13.29 11.24 21.18
N PRO C 197 12.94 10.76 19.99
CA PRO C 197 12.86 9.30 19.78
C PRO C 197 14.25 8.69 19.82
N CYS C 198 14.51 7.87 20.83
CA CYS C 198 15.81 7.25 21.03
C CYS C 198 15.64 5.73 21.12
N THR C 199 16.58 4.99 20.55
CA THR C 199 16.60 3.54 20.62
C THR C 199 17.69 3.13 21.60
N SER C 200 17.29 2.82 22.83
CA SER C 200 18.24 2.60 23.90
C SER C 200 18.48 1.11 24.08
N PRO C 201 19.70 0.61 23.83
CA PRO C 201 19.97 -0.81 24.14
C PRO C 201 19.84 -1.10 25.63
N SER C 202 20.46 -0.28 26.48
CA SER C 202 20.37 -0.44 27.93
C SER C 202 20.15 0.93 28.55
N ILE C 203 20.29 1.01 29.87
CA ILE C 203 20.00 2.25 30.58
C ILE C 203 21.07 3.29 30.28
N ASN C 204 22.34 2.91 30.41
CA ASN C 204 23.42 3.88 30.27
C ASN C 204 23.65 4.33 28.84
N CYS C 205 23.08 3.62 27.86
CA CYS C 205 23.33 3.88 26.44
C CYS C 205 22.03 4.24 25.75
N SER C 206 22.08 5.24 24.88
CA SER C 206 20.90 5.68 24.14
C SER C 206 21.32 6.38 22.86
N ILE C 207 20.73 5.96 21.74
CA ILE C 207 20.97 6.57 20.45
C ILE C 207 19.62 6.91 19.81
N LEU C 208 19.53 8.08 19.20
CA LEU C 208 18.30 8.56 18.59
C LEU C 208 18.25 8.17 17.12
N ILE C 209 17.15 8.57 16.46
CA ILE C 209 16.90 8.23 15.06
C ILE C 209 16.73 9.47 14.20
N ASP C 210 15.94 10.43 14.65
CA ASP C 210 15.74 11.66 13.88
C ASP C 210 15.41 12.81 14.82
N TRP C 211 15.00 13.92 14.22
CA TRP C 211 14.90 15.22 14.89
C TRP C 211 13.49 15.79 14.69
N THR C 212 12.59 15.46 15.63
CA THR C 212 11.19 15.86 15.56
C THR C 212 11.01 17.21 16.25
N LYS C 213 9.75 17.60 16.50
CA LYS C 213 9.31 18.76 17.27
C LYS C 213 9.48 20.08 16.53
N GLY C 214 10.05 20.08 15.33
CA GLY C 214 10.40 21.28 14.64
C GLY C 214 11.84 21.71 14.85
N PHE C 215 12.48 21.18 15.90
CA PHE C 215 13.91 21.39 16.09
C PHE C 215 14.66 20.97 14.83
N GLU C 216 15.81 21.59 14.60
CA GLU C 216 16.60 21.30 13.41
C GLU C 216 18.05 21.69 13.68
N THR C 217 18.92 20.69 13.80
CA THR C 217 20.34 20.94 13.98
C THR C 217 20.98 21.21 12.62
N GLY C 218 21.97 22.10 12.60
CA GLY C 218 22.56 22.52 11.34
C GLY C 218 23.13 21.36 10.55
N ARG C 219 23.23 21.59 9.24
CA ARG C 219 23.69 20.58 8.28
C ARG C 219 25.10 20.94 7.85
N ALA C 220 26.09 20.35 8.52
CA ALA C 220 27.49 20.53 8.18
C ALA C 220 28.18 19.18 8.26
N THR C 221 29.42 19.14 7.76
CA THR C 221 30.23 17.93 7.83
C THR C 221 30.39 17.40 9.25
N ASN C 222 30.16 18.24 10.26
CA ASN C 222 30.34 17.85 11.65
C ASN C 222 29.32 16.83 12.13
N ASP C 223 28.50 16.27 11.22
CA ASP C 223 27.63 15.15 11.51
C ASP C 223 26.66 15.49 12.64
N PRO C 224 25.61 16.27 12.36
CA PRO C 224 24.66 16.67 13.40
C PRO C 224 24.17 15.49 14.23
N VAL C 225 23.61 15.82 15.40
CA VAL C 225 23.44 14.87 16.50
C VAL C 225 22.74 13.59 16.07
N GLU C 226 21.86 13.66 15.07
CA GLU C 226 21.07 12.49 14.71
C GLU C 226 21.96 11.37 14.16
N GLY C 227 22.15 10.32 14.95
CA GLY C 227 22.90 9.17 14.48
C GLY C 227 24.00 8.69 15.40
N ARG C 228 24.05 9.16 16.65
CA ARG C 228 25.08 8.75 17.58
C ARG C 228 24.50 8.57 18.98
N ASP C 229 25.17 7.75 19.77
CA ASP C 229 24.82 7.59 21.18
C ASP C 229 25.02 8.90 21.92
N VAL C 230 24.08 9.20 22.81
CA VAL C 230 24.09 10.49 23.49
C VAL C 230 25.02 10.49 24.69
N CYS C 231 25.04 9.40 25.46
CA CYS C 231 25.92 9.32 26.62
C CYS C 231 27.39 9.48 26.21
N LYS C 232 27.75 8.98 25.03
CA LYS C 232 29.11 9.13 24.55
C LYS C 232 29.42 10.60 24.25
N LEU C 233 28.57 11.25 23.47
CA LEU C 233 28.86 12.62 23.05
C LEU C 233 28.73 13.59 24.22
N MET C 234 28.05 13.19 25.31
CA MET C 234 27.90 14.05 26.47
C MET C 234 29.22 14.20 27.22
N ASN C 235 29.95 13.09 27.39
CA ASN C 235 31.15 13.09 28.22
C ASN C 235 32.22 14.04 27.66
N ASP C 236 32.20 14.31 26.37
CA ASP C 236 33.15 15.27 25.81
C ASP C 236 32.95 16.65 26.40
N ALA C 237 31.70 17.07 26.57
CA ALA C 237 31.37 18.32 27.24
C ALA C 237 31.76 18.24 28.71
N PHE C 238 31.24 17.25 29.41
CA PHE C 238 31.60 17.02 30.81
C PHE C 238 32.98 16.41 30.93
N CYS C 248 25.54 8.79 33.11
CA CYS C 248 24.36 7.96 33.34
C CYS C 248 23.09 8.08 32.55
N CYS C 249 22.46 6.91 32.48
CA CYS C 249 21.09 6.72 32.95
C CYS C 249 20.14 7.70 32.26
N VAL C 250 20.05 7.53 30.95
CA VAL C 250 19.22 8.40 30.10
C VAL C 250 17.81 7.81 30.01
N VAL C 251 16.81 8.69 30.11
CA VAL C 251 15.41 8.33 29.99
C VAL C 251 14.72 9.36 29.09
N ASN C 252 13.41 9.22 28.95
CA ASN C 252 12.59 10.12 28.16
C ASN C 252 11.62 10.87 29.08
N ASP C 253 10.75 11.68 28.45
CA ASP C 253 9.85 12.53 29.21
C ASP C 253 8.69 11.74 29.82
N ALA C 254 8.06 10.88 29.02
CA ALA C 254 6.89 10.16 29.50
C ALA C 254 7.25 9.19 30.61
N VAL C 255 8.34 8.45 30.45
CA VAL C 255 8.78 7.55 31.52
C VAL C 255 9.20 8.36 32.74
N GLY C 256 9.75 9.55 32.52
CA GLY C 256 10.08 10.41 33.63
C GLY C 256 8.86 10.81 34.44
N THR C 257 7.78 11.17 33.74
CA THR C 257 6.54 11.50 34.42
C THR C 257 5.99 10.29 35.17
N LEU C 258 6.00 9.12 34.51
CA LEU C 258 5.47 7.91 35.14
C LEU C 258 6.25 7.56 36.39
N MET C 259 7.57 7.77 36.38
CA MET C 259 8.35 7.55 37.60
C MET C 259 8.03 8.61 38.65
N SER C 260 8.04 9.88 38.27
CA SER C 260 7.81 10.98 39.19
C SER C 260 6.43 10.95 39.83
N CYS C 261 5.48 10.22 39.25
CA CYS C 261 4.16 10.07 39.86
C CYS C 261 4.09 8.88 40.80
N ALA C 262 5.21 8.19 41.03
CA ALA C 262 5.28 7.09 41.99
C ALA C 262 5.91 7.56 43.30
N TYR C 263 7.05 8.23 43.23
CA TYR C 263 7.68 8.78 44.43
C TYR C 263 6.80 9.83 45.08
N GLN C 264 6.10 10.64 44.28
CA GLN C 264 5.34 11.76 44.79
C GLN C 264 4.08 11.32 45.53
N LYS C 265 3.17 10.66 44.82
CA LYS C 265 1.90 10.27 45.41
C LYS C 265 2.02 8.93 46.11
N GLY C 266 1.16 8.72 47.09
CA GLY C 266 1.17 7.47 47.83
C GLY C 266 0.16 7.37 48.95
N LYS C 267 -0.23 6.13 49.27
CA LYS C 267 -1.02 5.73 50.43
C LYS C 267 -2.49 6.12 50.35
N THR C 268 -2.90 6.86 49.34
CA THR C 268 -4.30 7.25 49.24
C THR C 268 -4.89 6.98 47.87
N THR C 269 -4.07 7.05 46.82
CA THR C 269 -4.53 6.85 45.45
C THR C 269 -4.01 5.54 44.91
N PRO C 270 -4.77 4.90 44.03
CA PRO C 270 -4.29 3.66 43.39
C PRO C 270 -3.01 3.92 42.61
N PRO C 271 -2.23 2.89 42.35
CA PRO C 271 -0.95 3.09 41.65
C PRO C 271 -1.18 3.61 40.24
N CYS C 272 -0.12 4.21 39.69
CA CYS C 272 -0.19 4.85 38.39
C CYS C 272 0.43 3.96 37.32
N TYR C 273 -0.22 3.93 36.16
CA TYR C 273 0.21 3.07 35.05
C TYR C 273 0.32 3.79 33.72
N ILE C 274 0.04 5.09 33.65
CA ILE C 274 0.03 5.84 32.41
C ILE C 274 0.75 7.16 32.63
N GLY C 275 1.63 7.52 31.70
CA GLY C 275 2.28 8.81 31.74
C GLY C 275 2.12 9.55 30.43
N ILE C 276 1.55 10.75 30.48
CA ILE C 276 1.18 11.50 29.28
C ILE C 276 1.86 12.86 29.32
N ILE C 277 2.47 13.26 28.21
CA ILE C 277 3.07 14.58 28.06
C ILE C 277 2.34 15.30 26.94
N LEU C 278 1.74 16.45 27.26
CA LEU C 278 1.02 17.29 26.31
C LEU C 278 1.61 18.69 26.38
N GLY C 279 2.35 19.08 25.35
CA GLY C 279 3.08 20.33 25.37
C GLY C 279 3.67 20.62 24.01
N THR C 280 4.94 21.03 23.96
CA THR C 280 5.62 21.17 22.68
C THR C 280 5.53 19.87 21.89
N GLY C 281 5.49 18.74 22.58
CA GLY C 281 5.20 17.46 21.97
C GLY C 281 3.95 16.82 22.57
N SER C 282 3.70 15.58 22.15
CA SER C 282 2.60 14.80 22.66
C SER C 282 3.04 13.34 22.67
N ASN C 283 3.24 12.78 23.86
CA ASN C 283 3.81 11.45 23.97
C ASN C 283 3.20 10.71 25.15
N GLY C 284 3.37 9.38 25.13
CA GLY C 284 2.83 8.54 26.17
C GLY C 284 3.67 7.32 26.49
N CYS C 285 3.69 6.94 27.76
CA CYS C 285 4.26 5.70 28.23
C CYS C 285 3.22 4.98 29.06
N TYR C 286 3.31 3.65 29.14
CA TYR C 286 2.33 2.94 29.93
C TYR C 286 2.92 1.63 30.45
N TYR C 287 2.24 1.05 31.43
CA TYR C 287 2.66 -0.19 32.05
C TYR C 287 1.93 -1.36 31.40
N GLU C 288 2.66 -2.45 31.16
CA GLU C 288 2.09 -3.60 30.48
C GLU C 288 2.37 -4.86 31.29
N PRO C 289 1.34 -5.64 31.64
CA PRO C 289 1.60 -6.88 32.38
C PRO C 289 2.30 -7.94 31.54
N GLU C 290 2.03 -7.97 30.24
CA GLU C 290 2.49 -9.05 29.38
C GLU C 290 3.90 -8.77 28.84
N TRP C 291 4.66 -7.96 29.56
CA TRP C 291 6.02 -7.64 29.12
C TRP C 291 6.93 -8.86 29.08
N LYS C 292 6.53 -9.97 29.71
CA LYS C 292 7.31 -11.20 29.62
C LYS C 292 7.03 -11.94 28.32
N LYS C 293 5.78 -11.92 27.86
CA LYS C 293 5.42 -12.60 26.62
C LYS C 293 6.14 -11.99 25.43
N TYR C 294 5.91 -10.70 25.20
CA TYR C 294 6.58 -9.97 24.12
C TYR C 294 8.00 -9.66 24.56
N LYS C 295 8.98 -10.20 23.85
CA LYS C 295 10.33 -10.30 24.37
C LYS C 295 11.07 -8.97 24.40
N TYR C 296 10.93 -8.22 25.48
CA TYR C 296 11.87 -7.15 25.81
C TYR C 296 11.77 -6.83 27.28
N SER C 297 12.90 -6.43 27.86
CA SER C 297 13.03 -6.27 29.30
C SER C 297 12.63 -4.86 29.71
N GLY C 298 11.68 -4.76 30.63
CA GLY C 298 11.17 -3.48 31.07
C GLY C 298 9.68 -3.52 31.28
N LYS C 299 9.22 -3.06 32.44
CA LYS C 299 7.81 -3.16 32.77
C LYS C 299 6.94 -2.18 32.00
N ILE C 300 7.52 -1.10 31.50
CA ILE C 300 6.75 -0.03 30.87
C ILE C 300 7.29 0.23 29.47
N ILE C 301 6.38 0.53 28.55
CA ILE C 301 6.69 0.73 27.15
C ILE C 301 6.45 2.20 26.80
N ASN C 302 7.34 2.74 25.97
CA ASN C 302 7.23 4.11 25.49
C ASN C 302 6.59 4.09 24.11
N ILE C 303 5.32 4.46 24.03
CA ILE C 303 4.68 4.65 22.74
C ILE C 303 5.13 5.97 22.17
N GLU C 304 5.47 6.00 20.89
CA GLU C 304 5.71 7.27 20.21
C GLU C 304 4.44 7.66 19.46
N LEU C 305 3.38 7.88 20.23
CA LEU C 305 2.05 8.04 19.66
C LEU C 305 1.90 9.31 18.84
N GLY C 306 2.93 10.13 18.70
CA GLY C 306 2.84 11.26 17.80
C GLY C 306 2.87 10.90 16.33
N ASN C 307 2.81 9.61 16.01
CA ASN C 307 2.94 9.13 14.64
C ASN C 307 1.72 8.34 14.18
N PHE C 308 0.56 8.57 14.80
CA PHE C 308 -0.65 7.88 14.39
C PHE C 308 -1.04 8.30 12.98
N ASP C 309 -1.61 7.37 12.24
CA ASP C 309 -1.82 7.59 10.80
C ASP C 309 -3.24 7.31 10.34
N LYS C 310 -3.91 6.32 10.92
CA LYS C 310 -4.96 5.57 10.23
C LYS C 310 -6.03 6.41 9.54
N ASP C 311 -6.87 7.13 10.30
CA ASP C 311 -7.95 7.87 9.65
C ASP C 311 -8.25 9.20 10.34
N LEU C 312 -7.25 9.83 10.94
CA LEU C 312 -7.49 11.07 11.66
C LEU C 312 -8.02 12.15 10.72
N PRO C 313 -8.97 12.97 11.17
CA PRO C 313 -9.58 13.97 10.28
C PRO C 313 -8.64 15.12 9.99
N LEU C 314 -8.65 15.58 8.73
CA LEU C 314 -7.72 16.61 8.28
C LEU C 314 -8.47 17.67 7.48
N SER C 315 -8.50 18.89 8.00
CA SER C 315 -8.94 20.03 7.22
C SER C 315 -7.80 20.48 6.31
N PRO C 316 -8.11 21.23 5.23
CA PRO C 316 -7.06 21.61 4.28
C PRO C 316 -5.96 22.44 4.91
N ILE C 317 -6.26 23.18 5.98
CA ILE C 317 -5.22 23.92 6.69
C ILE C 317 -4.15 22.96 7.19
N ASP C 318 -4.55 21.77 7.64
CA ASP C 318 -3.58 20.78 8.08
C ASP C 318 -2.69 20.31 6.93
N LEU C 319 -3.24 20.03 5.76
CA LEU C 319 -2.44 19.65 4.61
C LEU C 319 -1.44 20.75 4.23
N VAL C 320 -1.89 22.01 4.23
CA VAL C 320 -0.99 23.10 3.87
C VAL C 320 0.13 23.25 4.89
N MET C 321 -0.22 23.17 6.18
CA MET C 321 0.80 23.32 7.22
C MET C 321 1.73 22.13 7.27
N ASP C 322 1.30 20.99 6.74
CA ASP C 322 2.18 19.82 6.70
C ASP C 322 3.08 19.85 5.48
N TRP C 323 2.63 20.47 4.38
CA TRP C 323 3.49 20.59 3.21
C TRP C 323 4.68 21.51 3.47
N HIS C 324 4.58 22.36 4.49
CA HIS C 324 5.58 23.38 4.79
C HIS C 324 6.43 23.01 6.00
N SER C 325 6.76 21.73 6.19
CA SER C 325 7.48 21.31 7.38
C SER C 325 8.63 20.39 6.99
N ALA C 326 9.61 20.29 7.88
CA ALA C 326 10.77 19.44 7.60
C ALA C 326 10.40 17.96 7.72
N ASN C 327 9.78 17.55 8.82
CA ASN C 327 9.34 16.17 9.00
C ASN C 327 8.07 15.87 8.20
N ARG C 328 8.14 16.00 6.88
CA ARG C 328 6.95 15.85 6.07
C ARG C 328 6.52 14.39 6.00
N SER C 329 5.20 14.17 5.99
CA SER C 329 4.57 12.86 5.86
C SER C 329 4.74 12.00 7.10
N ARG C 330 5.42 12.53 8.12
CA ARG C 330 5.55 11.85 9.40
C ARG C 330 5.07 12.78 10.50
N GLN C 331 4.84 12.20 11.68
CA GLN C 331 4.35 12.94 12.85
C GLN C 331 3.07 13.71 12.49
N LEU C 332 2.06 12.95 12.09
CA LEU C 332 0.79 13.54 11.65
C LEU C 332 -0.17 13.76 12.80
N PHE C 333 -0.16 12.87 13.80
CA PHE C 333 -1.04 13.05 14.94
C PHE C 333 -0.53 14.13 15.89
N GLU C 334 0.79 14.33 15.93
CA GLU C 334 1.34 15.38 16.78
C GLU C 334 0.99 16.76 16.28
N LYS C 335 0.86 16.93 14.97
CA LYS C 335 0.63 18.23 14.37
C LYS C 335 -0.80 18.74 14.58
N MET C 336 -1.65 18.01 15.28
CA MET C 336 -3.01 18.44 15.53
C MET C 336 -3.32 18.72 16.99
N ILE C 337 -2.52 18.19 17.92
CA ILE C 337 -2.82 18.27 19.34
C ILE C 337 -1.68 18.85 20.17
N SER C 338 -0.57 19.22 19.54
CA SER C 338 0.59 19.69 20.28
C SER C 338 0.68 21.21 20.25
N GLY C 339 1.34 21.77 21.27
CA GLY C 339 1.33 23.22 21.44
C GLY C 339 2.20 23.94 20.43
N ALA C 340 3.09 23.22 19.76
CA ALA C 340 3.99 23.86 18.82
C ALA C 340 3.29 24.34 17.57
N TYR C 341 2.11 23.79 17.26
CA TYR C 341 1.43 24.10 16.00
C TYR C 341 0.05 24.73 16.17
N LEU C 342 -0.49 24.80 17.39
CA LEU C 342 -1.84 25.32 17.58
C LEU C 342 -1.90 26.79 17.20
N GLY C 343 -0.88 27.57 17.56
CA GLY C 343 -0.89 28.98 17.20
C GLY C 343 -0.86 29.18 15.70
N GLU C 344 -0.07 28.37 15.00
CA GLU C 344 -0.01 28.47 13.54
C GLU C 344 -1.34 28.09 12.91
N ILE C 345 -1.98 27.05 13.43
CA ILE C 345 -3.28 26.63 12.90
C ILE C 345 -4.30 27.75 13.10
N VAL C 346 -4.30 28.37 14.28
CA VAL C 346 -5.26 29.44 14.55
C VAL C 346 -4.99 30.63 13.63
N ARG C 347 -3.72 30.95 13.43
CA ARG C 347 -3.39 32.05 12.53
C ARG C 347 -3.85 31.76 11.11
N ARG C 348 -3.67 30.51 10.65
CA ARG C 348 -4.06 30.18 9.28
C ARG C 348 -5.58 30.12 9.13
N PHE C 349 -6.31 29.80 10.20
CA PHE C 349 -7.76 29.94 10.13
C PHE C 349 -8.18 31.40 10.12
N MET C 350 -7.47 32.26 10.86
CA MET C 350 -7.89 33.64 11.01
C MET C 350 -7.57 34.49 9.79
N VAL C 351 -7.24 33.87 8.65
CA VAL C 351 -7.06 34.58 7.41
C VAL C 351 -8.15 34.24 6.40
N ASN C 352 -8.58 32.97 6.37
CA ASN C 352 -9.70 32.58 5.52
C ASN C 352 -11.05 33.00 6.09
N VAL C 353 -11.07 33.63 7.26
CA VAL C 353 -12.28 34.14 7.86
C VAL C 353 -12.38 35.65 7.74
N LEU C 354 -11.28 36.35 7.99
CA LEU C 354 -11.29 37.81 7.86
C LEU C 354 -11.24 38.24 6.40
N GLN C 355 -10.58 37.46 5.53
CA GLN C 355 -10.67 37.65 4.09
C GLN C 355 -10.25 39.04 3.65
N SER C 356 -8.95 39.35 3.79
CA SER C 356 -8.35 40.61 3.33
C SER C 356 -8.70 41.76 4.27
N ALA C 357 -9.53 41.49 5.27
CA ALA C 357 -9.70 42.41 6.37
C ALA C 357 -8.55 42.30 7.38
N SER C 358 -7.58 41.44 7.11
CA SER C 358 -6.44 41.25 7.98
C SER C 358 -5.34 42.26 7.67
N SER C 359 -4.26 42.19 8.45
CA SER C 359 -3.16 43.11 8.29
C SER C 359 -2.02 42.46 7.53
N GLU C 360 -0.97 43.24 7.27
CA GLU C 360 0.21 42.71 6.59
C GLU C 360 0.95 41.71 7.47
N LYS C 361 0.85 41.87 8.79
CA LYS C 361 1.57 40.98 9.69
C LYS C 361 0.87 39.64 9.85
N MET C 362 -0.44 39.58 9.61
CA MET C 362 -1.18 38.34 9.80
C MET C 362 -0.80 37.29 8.75
N TRP C 363 -0.07 37.69 7.72
CA TRP C 363 0.42 36.76 6.69
C TRP C 363 1.84 36.31 6.93
N LYS C 364 2.40 36.61 8.10
CA LYS C 364 3.78 36.25 8.44
C LYS C 364 3.76 35.07 9.38
N SER C 365 4.49 34.01 9.03
CA SER C 365 4.46 32.78 9.80
C SER C 365 5.16 32.96 11.14
N ASP C 366 4.79 32.11 12.10
CA ASP C 366 5.31 32.17 13.46
C ASP C 366 5.14 33.57 14.06
N SER C 367 3.89 34.01 14.19
CA SER C 367 3.59 35.30 14.80
C SER C 367 2.45 35.19 15.81
N PHE C 368 2.19 33.97 16.29
CA PHE C 368 1.13 33.74 17.26
C PHE C 368 1.40 32.45 18.02
N ASN C 369 1.73 32.54 19.29
CA ASN C 369 2.07 31.37 20.06
C ASN C 369 0.80 30.69 20.59
N SER C 370 1.00 29.54 21.25
CA SER C 370 -0.07 28.93 22.01
C SER C 370 -0.26 29.58 23.37
N GLU C 371 0.76 30.27 23.87
CA GLU C 371 0.61 30.98 25.13
C GLU C 371 -0.43 32.09 25.00
N LEU C 372 -0.41 32.82 23.88
CA LEU C 372 -1.42 33.84 23.64
C LEU C 372 -2.80 33.22 23.46
N GLY C 373 -2.85 32.02 22.88
CA GLY C 373 -4.12 31.31 22.82
C GLY C 373 -4.66 30.96 24.19
N SER C 374 -3.76 30.58 25.11
CA SER C 374 -4.19 30.31 26.48
C SER C 374 -4.72 31.57 27.15
N VAL C 375 -4.20 32.73 26.75
CA VAL C 375 -4.71 33.98 27.31
C VAL C 375 -6.08 34.31 26.73
N VAL C 376 -6.25 34.10 25.43
CA VAL C 376 -7.53 34.37 24.79
C VAL C 376 -8.61 33.45 25.33
N LEU C 377 -8.24 32.20 25.63
CA LEU C 377 -9.20 31.26 26.20
C LEU C 377 -9.61 31.68 27.61
N ASN C 378 -8.63 31.82 28.51
CA ASN C 378 -8.89 32.26 29.88
C ASN C 378 -9.15 33.77 29.90
N ASP C 379 -10.27 34.16 29.31
CA ASP C 379 -10.67 35.56 29.19
C ASP C 379 -11.96 35.75 29.98
N THR C 380 -11.82 36.18 31.23
CA THR C 380 -12.96 36.44 32.11
C THR C 380 -13.03 37.91 32.52
N SER C 381 -12.30 38.78 31.82
CA SER C 381 -12.37 40.20 32.11
C SER C 381 -13.75 40.74 31.74
N PRO C 382 -14.21 41.81 32.41
CA PRO C 382 -15.55 42.35 32.09
C PRO C 382 -15.73 42.65 30.61
N ASN C 383 -14.85 43.47 30.04
CA ASN C 383 -14.73 43.58 28.60
C ASN C 383 -13.58 42.69 28.14
N PHE C 384 -13.44 42.58 26.82
CA PHE C 384 -12.41 41.71 26.25
C PHE C 384 -11.11 42.46 25.98
N GLU C 385 -10.84 43.51 26.78
CA GLU C 385 -9.62 44.28 26.61
C GLU C 385 -8.38 43.51 27.01
N GLU C 386 -8.53 42.34 27.62
CA GLU C 386 -7.37 41.50 27.91
C GLU C 386 -6.81 40.90 26.64
N SER C 387 -7.67 40.28 25.83
CA SER C 387 -7.21 39.71 24.57
C SER C 387 -6.95 40.79 23.52
N ARG C 388 -7.50 41.99 23.73
CA ARG C 388 -7.24 43.07 22.79
C ARG C 388 -5.77 43.44 22.77
N LYS C 389 -5.13 43.41 23.94
CA LYS C 389 -3.70 43.69 24.01
C LYS C 389 -2.91 42.60 23.27
N VAL C 390 -3.32 41.34 23.44
CA VAL C 390 -2.69 40.25 22.70
C VAL C 390 -2.78 40.49 21.20
N ALA C 391 -4.00 40.74 20.71
CA ALA C 391 -4.19 40.97 19.29
C ALA C 391 -3.38 42.17 18.81
N LYS C 392 -3.32 43.23 19.60
CA LYS C 392 -2.64 44.45 19.16
C LYS C 392 -1.14 44.25 19.11
N ASP C 393 -0.54 43.73 20.17
CA ASP C 393 0.91 43.51 20.18
C ASP C 393 1.32 42.28 19.39
N ALA C 394 0.38 41.53 18.82
CA ALA C 394 0.79 40.43 17.96
C ALA C 394 0.59 40.71 16.48
N TRP C 395 -0.48 41.43 16.11
CA TRP C 395 -0.79 41.66 14.71
C TRP C 395 -0.98 43.13 14.35
N ASP C 396 -0.93 44.05 15.32
CA ASP C 396 -1.15 45.47 15.07
C ASP C 396 -2.52 45.73 14.45
N MET C 397 -3.50 44.91 14.84
CA MET C 397 -4.87 45.04 14.37
C MET C 397 -5.76 45.42 15.54
N ASP C 398 -6.27 46.65 15.52
CA ASP C 398 -7.19 47.11 16.55
C ASP C 398 -8.55 46.50 16.24
N PHE C 399 -8.75 45.26 16.68
CA PHE C 399 -9.97 44.52 16.37
C PHE C 399 -11.19 45.24 16.91
N THR C 400 -12.27 45.23 16.12
CA THR C 400 -13.55 45.71 16.59
C THR C 400 -14.21 44.64 17.45
N ASP C 401 -15.46 44.88 17.84
CA ASP C 401 -16.16 43.91 18.66
C ASP C 401 -16.76 42.77 17.85
N GLU C 402 -16.68 42.85 16.51
CA GLU C 402 -17.23 41.81 15.66
C GLU C 402 -16.20 40.76 15.27
N GLN C 403 -14.92 41.03 15.46
CA GLN C 403 -13.87 40.10 15.05
C GLN C 403 -13.27 39.35 16.22
N ILE C 404 -13.30 39.94 17.42
CA ILE C 404 -12.83 39.24 18.60
C ILE C 404 -13.72 38.04 18.89
N TYR C 405 -15.00 38.14 18.54
CA TYR C 405 -15.88 36.98 18.65
C TYR C 405 -15.39 35.84 17.76
N ALA C 406 -15.00 36.16 16.52
CA ALA C 406 -14.48 35.15 15.63
C ALA C 406 -13.19 34.55 16.17
N LEU C 407 -12.32 35.40 16.72
CA LEU C 407 -11.06 34.91 17.29
C LEU C 407 -11.32 33.95 18.42
N ARG C 408 -12.21 34.31 19.35
CA ARG C 408 -12.53 33.43 20.47
C ARG C 408 -13.15 32.13 19.98
N LYS C 409 -14.05 32.21 19.00
CA LYS C 409 -14.69 31.00 18.47
C LYS C 409 -13.65 30.06 17.87
N ILE C 410 -12.71 30.60 17.10
CA ILE C 410 -11.73 29.77 16.42
C ILE C 410 -10.78 29.12 17.43
N CYS C 411 -10.29 29.91 18.40
CA CYS C 411 -9.43 29.33 19.42
C CYS C 411 -10.16 28.24 20.19
N GLU C 412 -11.42 28.48 20.54
CA GLU C 412 -12.19 27.48 21.26
C GLU C 412 -12.29 26.19 20.46
N SER C 413 -12.65 26.28 19.19
CA SER C 413 -12.85 25.08 18.38
C SER C 413 -11.55 24.29 18.23
N VAL C 414 -10.45 24.99 17.95
CA VAL C 414 -9.17 24.31 17.74
C VAL C 414 -8.74 23.58 19.01
N TYR C 415 -8.70 24.31 20.13
CA TYR C 415 -8.26 23.68 21.37
C TYR C 415 -9.23 22.58 21.81
N ASN C 416 -10.50 22.72 21.43
CA ASN C 416 -11.47 21.67 21.75
C ASN C 416 -11.15 20.38 21.01
N ARG C 417 -10.85 20.50 19.71
CA ARG C 417 -10.46 19.31 18.96
C ARG C 417 -9.22 18.67 19.56
N SER C 418 -8.24 19.50 19.93
CA SER C 418 -7.02 18.97 20.54
C SER C 418 -7.32 18.18 21.81
N ALA C 419 -8.12 18.78 22.70
CA ALA C 419 -8.44 18.12 23.96
C ALA C 419 -9.21 16.83 23.73
N ALA C 420 -10.15 16.84 22.79
CA ALA C 420 -10.91 15.63 22.49
C ALA C 420 -10.01 14.50 22.01
N LEU C 421 -9.09 14.80 21.09
CA LEU C 421 -8.22 13.74 20.59
C LEU C 421 -7.27 13.23 21.68
N ALA C 422 -6.77 14.13 22.53
CA ALA C 422 -5.91 13.69 23.62
C ALA C 422 -6.66 12.78 24.58
N ALA C 423 -7.90 13.14 24.91
CA ALA C 423 -8.71 12.30 25.78
C ALA C 423 -8.98 10.94 25.14
N ALA C 424 -9.22 10.94 23.84
CA ALA C 424 -9.42 9.67 23.13
C ALA C 424 -8.18 8.78 23.22
N ALA C 425 -7.00 9.38 23.05
CA ALA C 425 -5.76 8.61 23.18
C ALA C 425 -5.60 8.03 24.57
N ILE C 426 -5.90 8.83 25.60
CA ILE C 426 -5.76 8.36 26.98
C ILE C 426 -6.71 7.20 27.24
N ALA C 427 -7.97 7.34 26.82
CA ALA C 427 -8.96 6.29 27.06
C ALA C 427 -8.60 5.02 26.29
N ALA C 428 -8.03 5.17 25.09
CA ALA C 428 -7.66 4.00 24.31
C ALA C 428 -6.48 3.28 24.93
N ILE C 429 -5.53 4.02 25.52
CA ILE C 429 -4.47 3.36 26.26
C ILE C 429 -5.03 2.66 27.49
N ALA C 430 -6.01 3.28 28.14
CA ALA C 430 -6.58 2.70 29.35
C ALA C 430 -7.27 1.36 29.05
N LYS C 431 -8.09 1.33 27.99
CA LYS C 431 -8.83 0.12 27.66
C LYS C 431 -7.93 -1.06 27.32
N ARG C 432 -6.63 -0.83 27.13
CA ARG C 432 -5.73 -1.91 26.76
C ARG C 432 -5.29 -2.73 27.97
N ILE C 433 -5.09 -2.08 29.12
CA ILE C 433 -4.66 -2.82 30.30
C ILE C 433 -5.76 -3.75 30.81
N LYS C 434 -7.03 -3.43 30.54
CA LYS C 434 -8.17 -4.28 30.86
C LYS C 434 -8.37 -4.44 32.37
N ILE C 435 -7.52 -3.79 33.17
CA ILE C 435 -7.68 -3.81 34.62
C ILE C 435 -8.64 -2.73 35.10
N ILE C 436 -9.24 -1.97 34.18
CA ILE C 436 -10.10 -0.87 34.57
C ILE C 436 -11.37 -1.39 35.24
N GLU C 437 -11.87 -2.53 34.79
CA GLU C 437 -13.10 -3.08 35.37
C GLU C 437 -12.85 -3.67 36.75
N HIS C 438 -11.73 -4.38 36.91
CA HIS C 438 -11.47 -5.06 38.18
C HIS C 438 -11.14 -4.07 39.29
N SER C 439 -10.17 -3.19 39.05
CA SER C 439 -9.69 -2.27 40.08
C SER C 439 -9.55 -0.88 39.45
N LYS C 440 -8.91 0.02 40.17
CA LYS C 440 -8.70 1.39 39.71
C LYS C 440 -7.20 1.67 39.62
N PHE C 441 -6.84 2.60 38.74
CA PHE C 441 -5.47 3.04 38.57
C PHE C 441 -5.47 4.49 38.09
N SER C 442 -4.34 5.16 38.25
CA SER C 442 -4.25 6.58 38.01
C SER C 442 -3.31 6.87 36.84
N CYS C 443 -3.52 8.02 36.21
CA CYS C 443 -2.68 8.49 35.12
C CYS C 443 -2.15 9.88 35.44
N GLY C 444 -0.83 10.03 35.34
CA GLY C 444 -0.17 11.29 35.64
C GLY C 444 0.06 12.12 34.38
N VAL C 445 -0.57 13.30 34.34
CA VAL C 445 -0.56 14.15 33.17
C VAL C 445 0.35 15.34 33.41
N ASP C 446 1.20 15.66 32.43
CA ASP C 446 2.17 16.73 32.53
C ASP C 446 2.23 17.48 31.20
N GLY C 447 2.61 18.74 31.27
CA GLY C 447 2.85 19.50 30.05
C GLY C 447 2.43 20.93 30.20
N SER C 448 2.93 21.77 29.29
CA SER C 448 2.59 23.18 29.31
C SER C 448 1.13 23.40 28.94
N LEU C 449 0.61 22.60 28.01
CA LEU C 449 -0.79 22.74 27.63
C LEU C 449 -1.72 22.44 28.80
N PHE C 450 -1.40 21.42 29.59
CA PHE C 450 -2.34 20.92 30.59
C PHE C 450 -2.36 21.81 31.83
N VAL C 451 -1.23 21.88 32.55
CA VAL C 451 -1.27 22.49 33.87
C VAL C 451 -1.30 24.02 33.78
N LYS C 452 -0.69 24.58 32.73
CA LYS C 452 -0.61 26.03 32.58
C LYS C 452 -1.79 26.61 31.79
N ASN C 453 -2.93 25.91 31.77
CA ASN C 453 -4.09 26.36 30.99
C ASN C 453 -5.33 25.78 31.67
N ALA C 454 -6.07 26.64 32.37
CA ALA C 454 -7.22 26.17 33.16
C ALA C 454 -8.38 25.73 32.28
N TRP C 455 -8.57 26.40 31.13
CA TRP C 455 -9.67 26.03 30.24
C TRP C 455 -9.47 24.66 29.64
N TYR C 456 -8.21 24.20 29.55
CA TYR C 456 -7.92 22.90 28.97
C TYR C 456 -8.29 21.78 29.91
N CYS C 457 -7.94 21.91 31.19
CA CYS C 457 -8.12 20.82 32.14
C CYS C 457 -9.58 20.45 32.36
N LYS C 458 -10.52 21.36 32.12
CA LYS C 458 -11.92 21.02 32.28
C LYS C 458 -12.50 20.34 31.05
N ARG C 459 -12.18 20.87 29.86
CA ARG C 459 -12.64 20.23 28.63
C ARG C 459 -12.06 18.84 28.48
N LEU C 460 -10.81 18.65 28.90
CA LEU C 460 -10.19 17.33 28.81
C LEU C 460 -10.94 16.31 29.66
N GLN C 461 -11.18 16.65 30.93
CA GLN C 461 -11.87 15.70 31.80
C GLN C 461 -13.32 15.50 31.37
N GLU C 462 -13.95 16.52 30.79
CA GLU C 462 -15.29 16.32 30.26
C GLU C 462 -15.29 15.29 29.13
N HIS C 463 -14.40 15.49 28.14
CA HIS C 463 -14.35 14.58 27.00
C HIS C 463 -13.92 13.18 27.44
N LEU C 464 -13.16 13.09 28.54
CA LEU C 464 -12.77 11.77 29.03
C LEU C 464 -13.91 11.09 29.76
N LYS C 465 -14.67 11.85 30.57
CA LYS C 465 -15.84 11.31 31.24
C LYS C 465 -16.89 10.82 30.26
N VAL C 466 -17.03 11.49 29.12
CA VAL C 466 -18.04 11.07 28.16
C VAL C 466 -17.65 9.77 27.47
N ILE C 467 -16.36 9.57 27.22
CA ILE C 467 -15.91 8.44 26.41
C ILE C 467 -16.05 7.13 27.18
N LEU C 468 -15.32 6.99 28.29
CA LEU C 468 -15.42 5.79 29.11
C LEU C 468 -16.44 6.06 30.22
N ALA C 469 -17.71 5.95 29.84
CA ALA C 469 -18.83 6.37 30.68
C ALA C 469 -18.93 5.57 31.98
N ASP C 470 -19.19 4.27 31.86
CA ASP C 470 -19.54 3.49 33.05
C ASP C 470 -18.39 3.42 34.04
N LYS C 471 -17.18 3.13 33.56
CA LYS C 471 -16.03 2.94 34.41
C LYS C 471 -15.26 4.23 34.64
N ALA C 472 -15.94 5.38 34.63
CA ALA C 472 -15.26 6.66 34.72
C ALA C 472 -14.46 6.78 36.01
N GLU C 473 -15.07 6.43 37.14
CA GLU C 473 -14.41 6.61 38.43
C GLU C 473 -13.52 5.40 38.78
N ASN C 474 -12.67 5.07 37.82
CA ASN C 474 -11.59 4.12 38.03
C ASN C 474 -10.27 4.60 37.46
N LEU C 475 -10.28 5.67 36.66
CA LEU C 475 -9.08 6.27 36.10
C LEU C 475 -8.99 7.70 36.64
N ILE C 476 -8.14 7.89 37.64
CA ILE C 476 -7.98 9.18 38.29
C ILE C 476 -6.83 9.93 37.63
N ILE C 477 -7.12 11.16 37.20
CA ILE C 477 -6.13 12.01 36.54
C ILE C 477 -5.39 12.79 37.61
N ILE C 478 -4.07 12.74 37.57
CA ILE C 478 -3.22 13.41 38.56
C ILE C 478 -2.32 14.38 37.82
N PRO C 479 -2.47 15.68 38.01
CA PRO C 479 -1.52 16.63 37.41
C PRO C 479 -0.18 16.58 38.11
N ALA C 480 0.90 16.41 37.35
CA ALA C 480 2.24 16.27 37.90
C ALA C 480 3.08 17.45 37.43
N ASP C 481 3.02 18.56 38.17
CA ASP C 481 3.75 19.77 37.81
C ASP C 481 5.24 19.65 38.00
N ASP C 482 5.72 18.63 38.72
CA ASP C 482 7.14 18.50 38.99
C ASP C 482 7.96 18.31 37.72
N GLY C 483 7.36 17.73 36.68
CA GLY C 483 8.03 17.54 35.42
C GLY C 483 9.00 16.36 35.43
N SER C 484 9.59 16.12 34.27
CA SER C 484 10.55 15.03 34.14
C SER C 484 11.86 15.35 34.85
N GLY C 485 12.02 16.58 35.31
CA GLY C 485 13.22 16.99 36.03
C GLY C 485 13.48 16.11 37.24
N LYS C 486 12.45 15.89 38.05
CA LYS C 486 12.60 15.00 39.20
C LYS C 486 12.74 13.56 38.75
N GLY C 487 12.13 13.20 37.62
CA GLY C 487 12.22 11.83 37.15
C GLY C 487 13.63 11.46 36.74
N ALA C 488 14.36 12.42 36.17
CA ALA C 488 15.75 12.17 35.81
C ALA C 488 16.57 11.81 37.04
N ALA C 489 16.31 12.48 38.16
CA ALA C 489 17.03 12.17 39.40
C ALA C 489 16.57 10.85 39.98
N ILE C 490 15.25 10.61 40.01
CA ILE C 490 14.72 9.36 40.55
C ILE C 490 15.12 8.16 39.73
N THR C 491 15.56 8.37 38.48
CA THR C 491 16.14 7.28 37.70
C THR C 491 17.22 6.55 38.49
N ALA C 492 17.97 7.29 39.31
CA ALA C 492 19.02 6.68 40.11
C ALA C 492 18.46 5.70 41.14
N ALA C 493 17.19 5.85 41.51
CA ALA C 493 16.58 5.01 42.54
C ALA C 493 16.46 3.56 42.14
N VAL C 494 16.74 3.19 40.90
CA VAL C 494 16.69 1.80 40.45
C VAL C 494 18.08 1.29 40.07
N VAL C 495 18.87 2.12 39.39
CA VAL C 495 20.21 1.71 39.00
C VAL C 495 21.12 1.61 40.21
N SER C 496 21.00 2.56 41.15
CA SER C 496 21.76 2.47 42.39
C SER C 496 21.15 1.42 43.32
N GLN C 497 19.88 1.61 43.69
CA GLN C 497 19.13 0.67 44.51
C GLN C 497 19.82 0.41 45.85
N THR D 30 9.87 33.75 -20.96
CA THR D 30 10.18 34.55 -19.79
C THR D 30 9.76 36.00 -19.98
N ILE D 31 9.00 36.53 -19.03
CA ILE D 31 8.54 37.91 -19.13
C ILE D 31 9.65 38.88 -18.74
N LYS D 32 10.09 38.81 -17.49
CA LYS D 32 11.19 39.62 -16.97
C LYS D 32 10.98 41.11 -17.29
N CYS D 33 9.92 41.65 -16.71
CA CYS D 33 9.60 43.05 -16.89
C CYS D 33 10.48 43.91 -15.99
N ASP D 34 10.88 45.06 -16.51
CA ASP D 34 11.89 45.90 -15.87
C ASP D 34 11.33 47.06 -15.08
N ILE D 35 10.01 47.25 -15.06
CA ILE D 35 9.37 48.33 -14.30
C ILE D 35 9.70 48.15 -12.82
N PRO D 36 10.07 49.22 -12.11
CA PRO D 36 10.40 49.07 -10.69
C PRO D 36 9.20 48.62 -9.87
N ILE D 37 9.34 47.46 -9.23
CA ILE D 37 8.28 46.89 -8.41
C ILE D 37 8.79 46.78 -6.98
N ASN D 38 7.90 46.38 -6.08
CA ASN D 38 8.25 46.26 -4.67
C ASN D 38 9.35 45.22 -4.50
N GLU D 39 10.24 45.47 -3.55
CA GLU D 39 11.35 44.57 -3.28
C GLU D 39 10.96 43.39 -2.40
N GLU D 40 9.78 43.42 -1.80
CA GLU D 40 9.25 42.30 -1.03
C GLU D 40 8.31 41.44 -1.87
N LEU D 41 7.40 42.09 -2.61
CA LEU D 41 6.48 41.37 -3.47
C LEU D 41 7.22 40.51 -4.48
N GLN D 42 8.42 40.94 -4.87
CA GLN D 42 9.22 40.14 -5.79
C GLN D 42 9.59 38.79 -5.16
N ALA D 43 9.83 38.78 -3.85
CA ALA D 43 10.14 37.52 -3.18
C ALA D 43 8.93 36.59 -3.16
N ARG D 44 7.75 37.15 -2.89
CA ARG D 44 6.54 36.35 -2.89
C ARG D 44 6.20 35.85 -4.29
N ILE D 45 6.63 36.57 -5.32
CA ILE D 45 6.46 36.07 -6.69
C ILE D 45 7.44 34.93 -6.95
N ASN D 46 8.71 35.12 -6.58
CA ASN D 46 9.73 34.12 -6.90
C ASN D 46 9.47 32.82 -6.17
N LYS D 47 8.97 32.89 -4.94
CA LYS D 47 8.66 31.66 -4.20
C LYS D 47 7.61 30.82 -4.93
N HIS D 48 6.49 31.45 -5.30
CA HIS D 48 5.43 30.70 -5.96
C HIS D 48 5.81 30.33 -7.38
N VAL D 49 6.76 31.03 -7.99
CA VAL D 49 7.24 30.64 -9.31
C VAL D 49 8.09 29.38 -9.20
N ASN D 50 8.99 29.34 -8.22
CA ASN D 50 9.79 28.13 -8.00
C ASN D 50 8.93 26.96 -7.56
N GLN D 51 7.79 27.24 -6.92
CA GLN D 51 6.87 26.16 -6.56
C GLN D 51 6.37 25.43 -7.80
N LEU D 52 6.15 26.16 -8.89
CA LEU D 52 5.61 25.58 -10.12
C LEU D 52 6.70 25.25 -11.14
N ARG D 53 7.96 25.35 -10.76
CA ARG D 53 9.05 25.10 -11.69
C ARG D 53 9.06 23.64 -12.13
N ILE D 54 9.36 23.42 -13.40
CA ILE D 54 9.47 22.09 -13.96
C ILE D 54 10.83 21.97 -14.65
N THR D 55 11.49 20.83 -14.45
CA THR D 55 12.82 20.61 -15.01
C THR D 55 12.85 19.29 -15.76
N TYR D 56 13.76 19.21 -16.73
CA TYR D 56 13.81 18.04 -17.60
C TYR D 56 14.23 16.77 -16.86
N SER D 57 14.93 16.90 -15.73
CA SER D 57 15.24 15.73 -14.92
C SER D 57 13.97 15.09 -14.37
N THR D 58 12.89 15.86 -14.28
CA THR D 58 11.61 15.31 -13.87
C THR D 58 10.87 14.68 -15.05
N LEU D 59 10.89 15.34 -16.20
CA LEU D 59 10.19 14.79 -17.37
C LEU D 59 10.83 13.49 -17.83
N GLU D 60 12.15 13.38 -17.70
CA GLU D 60 12.83 12.16 -18.13
C GLU D 60 12.45 10.97 -17.26
N GLU D 61 12.01 11.20 -16.02
CA GLU D 61 11.46 10.11 -15.23
C GLU D 61 9.97 9.92 -15.50
N PHE D 62 9.28 11.03 -15.80
CA PHE D 62 7.85 10.97 -16.11
C PHE D 62 7.59 10.05 -17.29
N VAL D 63 8.40 10.16 -18.34
CA VAL D 63 8.19 9.36 -19.54
C VAL D 63 8.30 7.87 -19.22
N ASP D 64 9.32 7.50 -18.43
CA ASP D 64 9.52 6.10 -18.12
C ASP D 64 8.42 5.57 -17.20
N ASN D 65 8.00 6.40 -16.23
CA ASN D 65 6.85 6.05 -15.41
C ASN D 65 5.64 5.74 -16.28
N PHE D 66 5.40 6.59 -17.28
CA PHE D 66 4.20 6.45 -18.11
C PHE D 66 4.27 5.17 -18.94
N VAL D 67 5.43 4.89 -19.55
CA VAL D 67 5.52 3.70 -20.40
C VAL D 67 5.42 2.43 -19.56
N TYR D 68 6.02 2.43 -18.35
CA TYR D 68 5.87 1.30 -17.45
C TYR D 68 4.41 1.07 -17.10
N GLU D 69 3.72 2.13 -16.70
CA GLU D 69 2.29 2.04 -16.40
C GLU D 69 1.52 1.44 -17.57
N LEU D 70 1.85 1.87 -18.78
CA LEU D 70 1.11 1.42 -19.95
C LEU D 70 1.27 -0.07 -20.18
N LYS D 71 2.52 -0.55 -20.19
CA LYS D 71 2.72 -1.99 -20.42
C LYS D 71 2.09 -2.80 -19.29
N LYS D 72 2.18 -2.31 -18.06
CA LYS D 72 1.55 -2.99 -16.94
C LYS D 72 0.04 -3.08 -17.15
N GLY D 73 -0.55 -2.04 -17.74
CA GLY D 73 -1.99 -2.05 -17.97
C GLY D 73 -2.40 -3.05 -19.03
N LEU D 74 -1.58 -3.17 -20.09
CA LEU D 74 -1.87 -4.20 -21.08
C LEU D 74 -1.79 -5.60 -20.46
N GLU D 75 -0.72 -5.85 -19.70
CA GLU D 75 -0.60 -7.10 -18.96
C GLU D 75 -1.86 -7.36 -18.13
N ALA D 76 -2.28 -6.35 -17.36
CA ALA D 76 -3.44 -6.52 -16.50
C ALA D 76 -4.71 -6.80 -17.30
N HIS D 77 -4.83 -6.19 -18.48
CA HIS D 77 -6.02 -6.44 -19.28
C HIS D 77 -6.06 -7.87 -19.79
N ARG D 78 -4.88 -8.48 -20.00
CA ARG D 78 -4.89 -9.90 -20.38
C ARG D 78 -5.60 -10.74 -19.32
N ARG D 79 -5.41 -10.42 -18.04
CA ARG D 79 -5.92 -11.28 -16.98
C ARG D 79 -7.44 -11.15 -16.83
N HIS D 80 -7.91 -9.94 -16.48
CA HIS D 80 -9.33 -9.71 -16.23
C HIS D 80 -9.84 -8.64 -17.19
N PRO D 81 -10.55 -9.04 -18.24
CA PRO D 81 -10.98 -8.07 -19.25
C PRO D 81 -12.23 -7.29 -18.88
N ASN D 82 -12.69 -7.37 -17.64
CA ASN D 82 -13.79 -6.52 -17.23
C ASN D 82 -13.64 -5.90 -15.85
N LEU D 83 -12.58 -6.21 -15.11
CA LEU D 83 -12.31 -5.54 -13.84
C LEU D 83 -11.33 -4.39 -14.07
N TRP D 84 -11.26 -3.49 -13.09
CA TRP D 84 -10.31 -2.39 -13.16
C TRP D 84 -9.14 -2.58 -12.20
N ILE D 85 -9.41 -2.82 -10.93
CA ILE D 85 -8.36 -3.02 -9.92
C ILE D 85 -7.40 -1.85 -9.95
N PRO D 86 -7.78 -0.67 -9.45
CA PRO D 86 -6.94 0.52 -9.61
C PRO D 86 -5.63 0.50 -8.85
N HIS D 87 -5.37 -0.50 -7.99
CA HIS D 87 -4.05 -0.54 -7.36
C HIS D 87 -3.01 -1.21 -8.25
N GLU D 88 -3.33 -1.44 -9.52
CA GLU D 88 -2.36 -1.75 -10.55
C GLU D 88 -2.83 -1.10 -11.83
N CYS D 89 -1.97 -0.29 -12.45
CA CYS D 89 -2.34 0.47 -13.64
C CYS D 89 -3.51 1.41 -13.41
N SER D 90 -3.27 2.53 -12.75
CA SER D 90 -4.30 3.56 -12.59
C SER D 90 -4.94 3.99 -13.90
N PHE D 91 -4.41 3.56 -15.05
CA PHE D 91 -5.12 3.71 -16.32
C PHE D 91 -6.12 2.59 -16.49
N LYS D 92 -7.36 2.93 -16.84
CA LYS D 92 -8.33 1.90 -17.21
C LYS D 92 -8.37 1.78 -18.74
N MET D 93 -7.42 1.00 -19.25
CA MET D 93 -7.10 1.02 -20.68
C MET D 93 -8.25 0.37 -21.44
N LEU D 94 -9.28 1.17 -21.67
CA LEU D 94 -10.52 0.66 -22.23
C LEU D 94 -10.33 0.27 -23.70
N ASP D 95 -11.21 -0.62 -24.15
CA ASP D 95 -11.19 -1.14 -25.50
C ASP D 95 -12.16 -0.35 -26.36
N SER D 96 -11.74 -0.03 -27.57
CA SER D 96 -12.61 0.57 -28.59
C SER D 96 -12.74 -0.44 -29.71
N CYS D 97 -13.96 -0.90 -29.97
CA CYS D 97 -14.19 -1.98 -30.90
C CYS D 97 -13.85 -1.63 -32.35
N ILE D 98 -13.33 -0.44 -32.60
CA ILE D 98 -12.95 -0.06 -33.96
C ILE D 98 -11.86 -1.01 -34.46
N ALA D 99 -12.14 -1.68 -35.59
CA ALA D 99 -11.22 -2.66 -36.16
C ALA D 99 -10.75 -2.26 -37.55
N ASP D 100 -11.05 -1.03 -37.98
CA ASP D 100 -10.64 -0.58 -39.30
C ASP D 100 -10.44 0.94 -39.33
N ILE D 101 -9.19 1.37 -39.40
CA ILE D 101 -8.88 2.78 -39.62
C ILE D 101 -9.43 3.17 -40.98
N PRO D 102 -10.41 4.08 -41.06
CA PRO D 102 -11.06 4.36 -42.35
C PRO D 102 -10.08 4.88 -43.39
N THR D 103 -10.43 4.66 -44.65
CA THR D 103 -9.60 5.09 -45.78
C THR D 103 -10.01 6.45 -46.33
N GLY D 104 -11.24 6.87 -46.10
CA GLY D 104 -11.69 8.18 -46.52
C GLY D 104 -12.35 8.25 -47.88
N GLN D 105 -12.81 7.13 -48.42
CA GLN D 105 -13.39 7.07 -49.76
C GLN D 105 -14.84 6.60 -49.66
N GLU D 106 -15.76 7.55 -49.48
CA GLU D 106 -17.18 7.21 -49.38
C GLU D 106 -18.05 8.46 -49.48
N LYS D 107 -19.36 8.30 -49.27
CA LYS D 107 -20.30 9.40 -49.28
C LYS D 107 -21.34 9.15 -48.18
N GLY D 108 -22.30 10.05 -48.06
CA GLY D 108 -23.37 9.86 -47.09
C GLY D 108 -23.66 11.09 -46.25
N THR D 109 -24.92 11.23 -45.82
CA THR D 109 -25.34 12.31 -44.95
C THR D 109 -25.93 11.70 -43.68
N TYR D 110 -25.37 12.07 -42.53
CA TYR D 110 -25.78 11.51 -41.25
C TYR D 110 -26.02 12.62 -40.24
N TYR D 111 -26.93 12.33 -39.30
CA TYR D 111 -27.14 13.18 -38.14
C TYR D 111 -26.44 12.53 -36.95
N ALA D 112 -25.82 13.35 -36.11
CA ALA D 112 -25.06 12.84 -34.97
C ALA D 112 -25.21 13.78 -33.79
N ILE D 113 -25.04 13.23 -32.59
CA ILE D 113 -25.15 13.98 -31.36
C ILE D 113 -23.80 13.97 -30.67
N ASP D 114 -23.47 15.07 -30.00
CA ASP D 114 -22.26 15.19 -29.20
C ASP D 114 -22.65 15.55 -27.77
N PHE D 115 -21.69 15.37 -26.86
CA PHE D 115 -21.87 15.71 -25.46
C PHE D 115 -20.54 15.54 -24.74
N GLY D 116 -20.32 16.36 -23.72
CA GLY D 116 -19.17 16.19 -22.86
C GLY D 116 -18.37 17.45 -22.59
N GLY D 117 -18.26 18.33 -23.59
CA GLY D 117 -17.48 19.53 -23.44
C GLY D 117 -18.15 20.58 -22.59
N THR D 118 -17.85 21.85 -22.83
CA THR D 118 -18.53 22.94 -22.15
C THR D 118 -20.01 23.02 -22.53
N ASN D 119 -20.40 22.39 -23.63
CA ASN D 119 -21.77 22.40 -24.12
C ASN D 119 -21.91 21.38 -25.23
N PHE D 120 -23.03 20.64 -25.26
CA PHE D 120 -23.19 19.60 -26.26
C PHE D 120 -23.62 20.20 -27.59
N ARG D 121 -23.54 19.39 -28.63
CA ARG D 121 -23.80 19.82 -30.00
C ARG D 121 -24.72 18.82 -30.70
N ALA D 122 -25.06 19.14 -31.93
CA ALA D 122 -25.84 18.27 -32.80
C ALA D 122 -25.50 18.61 -34.23
N VAL D 123 -25.01 17.64 -34.99
CA VAL D 123 -24.42 17.87 -36.30
C VAL D 123 -25.26 17.17 -37.36
N ARG D 124 -25.46 17.84 -38.49
CA ARG D 124 -26.10 17.27 -39.66
C ARG D 124 -25.09 17.31 -40.80
N ALA D 125 -24.24 16.29 -40.88
CA ALA D 125 -23.07 16.34 -41.75
C ALA D 125 -23.30 15.56 -43.04
N SER D 126 -22.57 15.98 -44.07
CA SER D 126 -22.53 15.27 -45.35
C SER D 126 -21.07 15.10 -45.75
N LEU D 127 -20.78 13.99 -46.42
CA LEU D 127 -19.42 13.61 -46.73
C LEU D 127 -19.15 13.78 -48.23
N ASP D 128 -17.87 13.76 -48.58
CA ASP D 128 -17.42 13.88 -49.96
C ASP D 128 -16.63 12.64 -50.33
N GLY D 129 -16.48 12.41 -51.63
CA GLY D 129 -15.75 11.27 -52.14
C GLY D 129 -14.28 11.25 -51.75
N ASN D 130 -13.84 12.29 -51.05
CA ASN D 130 -12.47 12.36 -50.54
C ASN D 130 -12.48 13.14 -49.23
N GLY D 131 -11.31 13.62 -48.84
CA GLY D 131 -11.10 14.27 -47.55
C GLY D 131 -12.12 15.29 -47.11
N LYS D 132 -12.68 16.05 -48.05
CA LYS D 132 -13.61 17.12 -47.74
C LYS D 132 -14.87 16.57 -47.08
N ILE D 133 -15.50 17.42 -46.25
CA ILE D 133 -16.72 17.07 -45.53
C ILE D 133 -17.36 18.35 -45.01
N LYS D 134 -18.68 18.45 -45.08
CA LYS D 134 -19.38 19.66 -44.67
C LYS D 134 -20.40 19.31 -43.60
N ARG D 135 -20.85 20.31 -42.85
CA ARG D 135 -21.82 20.08 -41.79
C ARG D 135 -22.60 21.35 -41.50
N ASP D 136 -23.84 21.18 -41.02
CA ASP D 136 -24.66 22.30 -40.59
C ASP D 136 -24.41 22.63 -39.12
N GLN D 137 -24.65 21.66 -38.25
CA GLN D 137 -24.32 21.69 -36.82
C GLN D 137 -24.74 22.96 -36.10
N GLU D 138 -25.81 23.62 -36.54
CA GLU D 138 -26.39 24.67 -35.72
C GLU D 138 -27.06 24.05 -34.50
N THR D 139 -26.61 24.43 -33.31
CA THR D 139 -27.00 23.73 -32.11
C THR D 139 -26.65 24.57 -30.88
N TYR D 140 -27.32 24.26 -29.77
CA TYR D 140 -27.19 25.02 -28.54
C TYR D 140 -27.14 24.06 -27.37
N SER D 141 -26.73 24.56 -26.21
CA SER D 141 -26.63 23.74 -25.02
C SER D 141 -26.54 24.63 -23.78
N LEU D 142 -26.28 23.99 -22.66
CA LEU D 142 -26.19 24.67 -21.37
C LEU D 142 -25.02 25.66 -21.34
N HIS D 158 -29.72 18.24 -7.94
CA HIS D 158 -31.18 18.08 -8.01
C HIS D 158 -31.66 18.19 -9.45
N ALA D 159 -31.20 17.28 -10.28
CA ALA D 159 -31.59 17.23 -11.69
C ALA D 159 -31.39 15.81 -12.18
N THR D 160 -32.46 15.16 -12.61
CA THR D 160 -32.43 13.75 -12.97
C THR D 160 -32.26 13.57 -14.46
N ALA D 161 -32.20 12.31 -14.88
CA ALA D 161 -31.97 11.99 -16.28
C ALA D 161 -33.19 12.23 -17.15
N SER D 162 -34.38 12.19 -16.54
CA SER D 162 -35.61 12.42 -17.29
C SER D 162 -35.59 13.80 -17.95
N GLN D 163 -35.39 14.85 -17.15
CA GLN D 163 -35.41 16.21 -17.68
C GLN D 163 -34.22 16.46 -18.60
N LEU D 164 -33.07 15.87 -18.29
CA LEU D 164 -31.90 16.05 -19.13
C LEU D 164 -32.13 15.48 -20.53
N PHE D 165 -32.60 14.24 -20.62
CA PHE D 165 -32.83 13.66 -21.94
C PHE D 165 -34.08 14.25 -22.59
N ASP D 166 -34.99 14.83 -21.80
CA ASP D 166 -36.07 15.61 -22.39
C ASP D 166 -35.52 16.83 -23.11
N HIS D 167 -34.55 17.52 -22.50
CA HIS D 167 -33.88 18.63 -23.18
C HIS D 167 -33.16 18.13 -24.43
N PHE D 168 -32.47 16.99 -24.31
CA PHE D 168 -31.83 16.39 -25.47
C PHE D 168 -32.82 16.19 -26.62
N ALA D 169 -33.94 15.54 -26.35
CA ALA D 169 -34.92 15.23 -27.38
C ALA D 169 -35.54 16.49 -27.96
N GLU D 170 -35.87 17.47 -27.11
CA GLU D 170 -36.47 18.70 -27.60
C GLU D 170 -35.51 19.46 -28.49
N ARG D 171 -34.23 19.49 -28.13
CA ARG D 171 -33.26 20.20 -28.94
C ARG D 171 -33.06 19.51 -30.29
N ILE D 172 -32.92 18.18 -30.28
CA ILE D 172 -32.71 17.49 -31.55
C ILE D 172 -33.95 17.57 -32.42
N LYS D 173 -35.14 17.64 -31.81
CA LYS D 173 -36.36 17.82 -32.58
C LYS D 173 -36.40 19.21 -33.20
N TYR D 174 -36.06 20.23 -32.42
CA TYR D 174 -36.02 21.60 -32.94
C TYR D 174 -35.04 21.70 -34.11
N ILE D 175 -33.89 21.03 -34.00
CA ILE D 175 -32.89 21.10 -35.07
C ILE D 175 -33.32 20.25 -36.26
N MET D 176 -34.18 19.26 -36.04
CA MET D 176 -34.59 18.35 -37.11
C MET D 176 -35.30 19.08 -38.25
N GLY D 177 -35.86 20.25 -37.98
CA GLY D 177 -36.66 20.96 -38.97
C GLY D 177 -35.86 21.78 -39.96
N GLU D 178 -35.27 21.13 -40.95
CA GLU D 178 -34.54 21.85 -42.00
C GLU D 178 -35.45 22.83 -42.73
N VAL D 190 -25.22 7.03 -38.80
CA VAL D 190 -25.58 7.69 -37.56
C VAL D 190 -24.63 7.25 -36.45
N GLY D 191 -24.47 8.10 -35.44
CA GLY D 191 -23.58 7.79 -34.33
C GLY D 191 -23.96 8.61 -33.12
N PHE D 192 -23.13 8.50 -32.08
CA PHE D 192 -23.33 9.26 -30.85
C PHE D 192 -22.00 9.33 -30.12
N THR D 193 -21.79 10.42 -29.39
CA THR D 193 -20.54 10.66 -28.67
C THR D 193 -20.84 10.98 -27.22
N PHE D 194 -20.22 10.24 -26.31
CA PHE D 194 -20.33 10.46 -24.88
C PHE D 194 -18.93 10.61 -24.32
N SER D 195 -18.60 11.81 -23.83
CA SER D 195 -17.25 12.10 -23.37
C SER D 195 -17.14 11.87 -21.86
N PHE D 196 -17.20 10.60 -21.50
CA PHE D 196 -17.07 10.17 -20.13
C PHE D 196 -16.50 8.75 -20.13
N PRO D 197 -16.00 8.27 -19.00
CA PRO D 197 -15.47 6.90 -18.96
C PRO D 197 -16.60 5.88 -19.09
N CYS D 198 -16.60 5.15 -20.20
CA CYS D 198 -17.65 4.17 -20.50
C CYS D 198 -17.01 2.82 -20.76
N THR D 199 -17.67 1.76 -20.28
CA THR D 199 -17.23 0.38 -20.52
C THR D 199 -18.14 -0.23 -21.56
N SER D 200 -17.68 -0.25 -22.81
CA SER D 200 -18.54 -0.64 -23.92
C SER D 200 -18.29 -2.10 -24.26
N PRO D 201 -19.30 -2.98 -24.10
CA PRO D 201 -19.11 -4.36 -24.58
C PRO D 201 -18.92 -4.44 -26.09
N SER D 202 -19.76 -3.76 -26.85
CA SER D 202 -19.65 -3.72 -28.31
C SER D 202 -19.87 -2.29 -28.77
N ILE D 203 -20.05 -2.11 -30.07
CA ILE D 203 -20.17 -0.77 -30.63
C ILE D 203 -21.51 -0.15 -30.26
N ASN D 204 -22.60 -0.90 -30.45
CA ASN D 204 -23.93 -0.33 -30.23
C ASN D 204 -24.26 -0.14 -28.76
N CYS D 205 -23.49 -0.74 -27.86
CA CYS D 205 -23.81 -0.73 -26.43
C CYS D 205 -22.66 -0.07 -25.66
N SER D 206 -23.01 0.76 -24.68
CA SER D 206 -22.02 1.47 -23.89
C SER D 206 -22.62 1.84 -22.53
N ILE D 207 -21.92 1.51 -21.45
CA ILE D 207 -22.32 1.87 -20.11
C ILE D 207 -21.14 2.53 -19.41
N LEU D 208 -21.41 3.60 -18.67
CA LEU D 208 -20.39 4.37 -17.99
C LEU D 208 -20.20 3.85 -16.57
N ILE D 209 -19.28 4.49 -15.84
CA ILE D 209 -18.92 4.09 -14.49
C ILE D 209 -19.13 5.22 -13.48
N ASP D 210 -18.67 6.42 -13.81
CA ASP D 210 -18.87 7.56 -12.90
C ASP D 210 -18.93 8.85 -13.70
N TRP D 211 -18.88 9.96 -12.97
CA TRP D 211 -19.19 11.29 -13.49
C TRP D 211 -18.03 12.24 -13.19
N THR D 212 -17.08 12.32 -14.14
CA THR D 212 -15.88 13.14 -13.99
C THR D 212 -16.14 14.54 -14.53
N LYS D 213 -15.06 15.32 -14.69
CA LYS D 213 -15.01 16.64 -15.33
C LYS D 213 -15.59 17.75 -14.46
N GLY D 214 -16.12 17.43 -13.27
CA GLY D 214 -16.82 18.38 -12.45
C GLY D 214 -18.32 18.36 -12.66
N PHE D 215 -18.79 17.78 -13.77
CA PHE D 215 -20.20 17.55 -13.98
C PHE D 215 -20.77 16.78 -12.79
N GLU D 216 -22.05 16.99 -12.51
CA GLU D 216 -22.70 16.32 -11.38
C GLU D 216 -24.19 16.27 -11.64
N THR D 217 -24.72 15.07 -11.89
CA THR D 217 -26.14 14.88 -12.08
C THR D 217 -26.82 14.78 -10.72
N GLY D 218 -28.04 15.31 -10.62
CA GLY D 218 -28.71 15.38 -9.33
C GLY D 218 -28.88 14.03 -8.68
N ARG D 219 -29.03 14.06 -7.36
CA ARG D 219 -29.15 12.86 -6.54
C ARG D 219 -30.59 12.71 -6.10
N ALA D 220 -31.35 11.92 -6.86
CA ALA D 220 -32.74 11.61 -6.53
C ALA D 220 -32.96 10.14 -6.78
N THR D 221 -34.13 9.65 -6.32
CA THR D 221 -34.52 8.26 -6.53
C THR D 221 -34.52 7.88 -8.01
N ASN D 222 -34.58 8.85 -8.91
CA ASN D 222 -34.64 8.59 -10.35
C ASN D 222 -33.35 8.00 -10.91
N ASP D 223 -32.40 7.64 -10.05
CA ASP D 223 -31.22 6.87 -10.44
C ASP D 223 -30.42 7.62 -11.51
N PRO D 224 -29.67 8.65 -11.11
CA PRO D 224 -28.90 9.44 -12.09
C PRO D 224 -28.07 8.57 -13.02
N VAL D 225 -27.66 9.20 -14.13
CA VAL D 225 -27.23 8.47 -15.33
C VAL D 225 -26.15 7.44 -15.03
N GLU D 226 -25.32 7.67 -14.00
CA GLU D 226 -24.20 6.77 -13.76
C GLU D 226 -24.69 5.38 -13.36
N GLY D 227 -24.55 4.42 -14.27
CA GLY D 227 -24.90 3.05 -13.95
C GLY D 227 -25.80 2.34 -14.94
N ARG D 228 -26.01 2.92 -16.12
CA ARG D 228 -26.88 2.31 -17.13
C ARG D 228 -26.28 2.49 -18.52
N ASP D 229 -26.68 1.59 -19.41
CA ASP D 229 -26.31 1.70 -20.81
C ASP D 229 -26.91 2.96 -21.42
N VAL D 230 -26.13 3.65 -22.24
CA VAL D 230 -26.54 4.94 -22.78
C VAL D 230 -27.45 4.77 -23.99
N CYS D 231 -27.13 3.82 -24.88
CA CYS D 231 -27.96 3.61 -26.06
C CYS D 231 -29.40 3.26 -25.67
N LYS D 232 -29.57 2.54 -24.55
CA LYS D 232 -30.91 2.21 -24.10
C LYS D 232 -31.66 3.45 -23.64
N LEU D 233 -31.04 4.25 -22.77
CA LEU D 233 -31.73 5.40 -22.22
C LEU D 233 -31.94 6.50 -23.27
N MET D 234 -31.18 6.44 -24.37
CA MET D 234 -31.32 7.44 -25.43
C MET D 234 -32.63 7.24 -26.20
N ASN D 235 -32.97 5.99 -26.51
CA ASN D 235 -34.13 5.72 -27.35
C ASN D 235 -35.42 6.21 -26.72
N ASP D 236 -35.47 6.33 -25.40
CA ASP D 236 -36.68 6.88 -24.76
C ASP D 236 -36.92 8.31 -25.20
N ALA D 237 -35.87 9.11 -25.29
CA ALA D 237 -35.97 10.47 -25.80
C ALA D 237 -36.32 10.43 -27.28
N PHE D 238 -35.53 9.75 -28.08
CA PHE D 238 -35.81 9.58 -29.50
C PHE D 238 -36.94 8.58 -29.72
N CYS D 248 -27.51 3.95 -32.55
CA CYS D 248 -26.14 3.56 -32.85
C CYS D 248 -24.95 3.99 -32.03
N CYS D 249 -24.00 3.07 -32.07
CA CYS D 249 -22.64 3.37 -32.51
C CYS D 249 -22.04 4.52 -31.71
N VAL D 250 -21.87 4.24 -30.42
CA VAL D 250 -21.35 5.22 -29.47
C VAL D 250 -19.84 5.10 -29.39
N VAL D 251 -19.16 6.25 -29.38
CA VAL D 251 -17.71 6.33 -29.26
C VAL D 251 -17.37 7.42 -28.25
N ASN D 252 -16.08 7.68 -28.09
CA ASN D 252 -15.57 8.70 -27.18
C ASN D 252 -14.89 9.81 -27.98
N ASP D 253 -14.32 10.77 -27.26
CA ASP D 253 -13.73 11.95 -27.90
C ASP D 253 -12.39 11.63 -28.55
N ALA D 254 -11.51 10.92 -27.84
CA ALA D 254 -10.18 10.66 -28.37
C ALA D 254 -10.23 9.77 -29.60
N VAL D 255 -11.04 8.70 -29.54
CA VAL D 255 -11.18 7.84 -30.71
C VAL D 255 -11.86 8.61 -31.84
N GLY D 256 -12.75 9.54 -31.50
CA GLY D 256 -13.35 10.38 -32.53
C GLY D 256 -12.32 11.21 -33.26
N THR D 257 -11.41 11.82 -32.50
CA THR D 257 -10.33 12.59 -33.11
C THR D 257 -9.44 11.71 -33.97
N LEU D 258 -9.08 10.53 -33.44
CA LEU D 258 -8.20 9.62 -34.19
C LEU D 258 -8.85 9.19 -35.50
N MET D 259 -10.16 8.98 -35.49
CA MET D 259 -10.85 8.66 -36.75
C MET D 259 -10.89 9.88 -37.67
N SER D 260 -11.29 11.03 -37.15
CA SER D 260 -11.43 12.24 -37.94
C SER D 260 -10.12 12.73 -38.53
N CYS D 261 -8.98 12.25 -38.03
CA CYS D 261 -7.69 12.60 -38.62
C CYS D 261 -7.26 11.60 -39.68
N ALA D 262 -8.11 10.63 -40.00
CA ALA D 262 -7.85 9.69 -41.09
C ALA D 262 -8.60 10.07 -42.36
N TYR D 263 -9.90 10.35 -42.22
CA TYR D 263 -10.68 10.80 -43.37
C TYR D 263 -10.18 12.13 -43.89
N GLN D 264 -9.76 13.02 -42.98
CA GLN D 264 -9.40 14.38 -43.36
C GLN D 264 -8.07 14.44 -44.10
N LYS D 265 -6.99 14.03 -43.44
CA LYS D 265 -5.67 14.12 -44.04
C LYS D 265 -5.39 12.90 -44.90
N GLY D 266 -4.50 13.08 -45.88
CA GLY D 266 -4.13 11.98 -46.74
C GLY D 266 -3.15 12.32 -47.84
N LYS D 267 -2.40 11.31 -48.30
CA LYS D 267 -1.54 11.31 -49.48
C LYS D 267 -0.26 12.13 -49.31
N THR D 268 -0.11 12.85 -48.22
CA THR D 268 1.12 13.64 -48.04
C THR D 268 1.77 13.41 -46.69
N THR D 269 0.99 13.11 -45.67
CA THR D 269 1.49 12.91 -44.32
C THR D 269 1.43 11.44 -43.93
N PRO D 270 2.36 10.98 -43.11
CA PRO D 270 2.30 9.59 -42.62
C PRO D 270 1.02 9.34 -41.86
N PRO D 271 0.59 8.09 -41.73
CA PRO D 271 -0.67 7.82 -41.04
C PRO D 271 -0.61 8.21 -39.58
N CYS D 272 -1.79 8.38 -38.99
CA CYS D 272 -1.92 8.87 -37.63
C CYS D 272 -2.20 7.72 -36.67
N TYR D 273 -1.57 7.75 -35.51
CA TYR D 273 -1.69 6.68 -34.52
C TYR D 273 -2.01 7.18 -33.11
N ILE D 274 -2.14 8.49 -32.90
CA ILE D 274 -2.36 9.05 -31.57
C ILE D 274 -3.45 10.09 -31.67
N GLY D 275 -4.39 10.07 -30.72
CA GLY D 275 -5.42 11.09 -30.64
C GLY D 275 -5.47 11.69 -29.25
N ILE D 276 -5.31 13.00 -29.15
CA ILE D 276 -5.18 13.68 -27.87
C ILE D 276 -6.25 14.77 -27.78
N ILE D 277 -6.93 14.82 -26.64
CA ILE D 277 -7.92 15.87 -26.36
C ILE D 277 -7.43 16.65 -25.15
N LEU D 278 -7.23 17.95 -25.34
CA LEU D 278 -6.80 18.86 -24.28
C LEU D 278 -7.80 20.00 -24.20
N GLY D 279 -8.61 20.03 -23.15
CA GLY D 279 -9.69 20.98 -23.05
C GLY D 279 -10.33 20.92 -21.68
N THR D 280 -11.66 20.90 -21.62
CA THR D 280 -12.34 20.68 -20.35
C THR D 280 -11.84 19.39 -19.70
N GLY D 281 -11.45 18.41 -20.51
CA GLY D 281 -10.77 17.22 -20.04
C GLY D 281 -9.39 17.08 -20.68
N SER D 282 -8.76 15.95 -20.39
CA SER D 282 -7.47 15.60 -20.97
C SER D 282 -7.44 14.09 -21.14
N ASN D 283 -7.46 13.64 -22.40
CA ASN D 283 -7.59 12.22 -22.66
C ASN D 283 -6.79 11.84 -23.90
N GLY D 284 -6.54 10.54 -24.03
CA GLY D 284 -5.78 10.02 -25.16
C GLY D 284 -6.19 8.65 -25.61
N CYS D 285 -6.12 8.44 -26.93
CA CYS D 285 -6.27 7.13 -27.54
C CYS D 285 -5.07 6.87 -28.43
N TYR D 286 -4.75 5.60 -28.65
CA TYR D 286 -3.60 5.32 -29.49
C TYR D 286 -3.76 3.97 -30.16
N TYR D 287 -2.94 3.74 -31.19
CA TYR D 287 -2.96 2.51 -31.95
C TYR D 287 -1.89 1.56 -31.43
N GLU D 288 -2.24 0.28 -31.32
CA GLU D 288 -1.34 -0.71 -30.75
C GLU D 288 -1.22 -1.89 -31.71
N PRO D 289 -0.01 -2.26 -32.12
CA PRO D 289 0.13 -3.44 -33.00
C PRO D 289 -0.19 -4.75 -32.29
N GLU D 290 0.10 -4.84 -31.00
CA GLU D 290 0.00 -6.10 -30.27
C GLU D 290 -1.41 -6.34 -29.75
N TRP D 291 -2.41 -5.73 -30.39
CA TRP D 291 -3.78 -5.90 -29.95
C TRP D 291 -4.26 -7.34 -30.07
N LYS D 292 -3.55 -8.19 -30.81
CA LYS D 292 -3.91 -9.60 -30.86
C LYS D 292 -3.40 -10.37 -29.65
N LYS D 293 -2.21 -10.00 -29.17
CA LYS D 293 -1.64 -10.67 -28.00
C LYS D 293 -2.50 -10.46 -26.77
N TYR D 294 -2.69 -9.19 -26.38
CA TYR D 294 -3.53 -8.83 -25.25
C TYR D 294 -4.98 -8.94 -25.70
N LYS D 295 -5.73 -9.83 -25.06
CA LYS D 295 -7.00 -10.29 -25.63
C LYS D 295 -8.11 -9.26 -25.52
N TYR D 296 -8.23 -8.39 -26.51
CA TYR D 296 -9.45 -7.64 -26.74
C TYR D 296 -9.47 -7.13 -28.18
N SER D 297 -10.69 -7.04 -28.73
CA SER D 297 -10.88 -6.78 -30.14
C SER D 297 -10.95 -5.28 -30.38
N GLY D 298 -10.09 -4.77 -31.27
CA GLY D 298 -10.01 -3.35 -31.55
C GLY D 298 -8.58 -2.90 -31.72
N LYS D 299 -8.30 -2.21 -32.81
CA LYS D 299 -6.92 -1.83 -33.12
C LYS D 299 -6.41 -0.71 -32.23
N ILE D 300 -7.29 0.08 -31.61
CA ILE D 300 -6.88 1.26 -30.86
C ILE D 300 -7.46 1.18 -29.46
N ILE D 301 -6.67 1.63 -28.49
CA ILE D 301 -7.02 1.57 -27.07
C ILE D 301 -7.24 2.98 -26.56
N ASN D 302 -8.25 3.13 -25.71
CA ASN D 302 -8.56 4.40 -25.07
C ASN D 302 -7.92 4.41 -23.69
N ILE D 303 -6.84 5.17 -23.54
CA ILE D 303 -6.27 5.40 -22.21
C ILE D 303 -7.12 6.44 -21.51
N GLU D 304 -7.43 6.21 -20.24
CA GLU D 304 -8.04 7.26 -19.44
C GLU D 304 -6.96 7.94 -18.61
N LEU D 305 -6.02 8.57 -19.33
CA LEU D 305 -4.80 9.07 -18.72
C LEU D 305 -5.05 10.23 -17.76
N GLY D 306 -6.29 10.66 -17.55
CA GLY D 306 -6.54 11.65 -16.54
C GLY D 306 -6.44 11.13 -15.12
N ASN D 307 -5.97 9.90 -14.94
CA ASN D 307 -5.93 9.25 -13.63
C ASN D 307 -4.51 8.84 -13.23
N PHE D 308 -3.51 9.49 -13.79
CA PHE D 308 -2.13 9.17 -13.43
C PHE D 308 -1.86 9.53 -11.98
N ASP D 309 -1.03 8.74 -11.32
CA ASP D 309 -0.88 8.85 -9.88
C ASP D 309 0.56 8.98 -9.41
N LYS D 310 1.50 8.31 -10.07
CA LYS D 310 2.74 7.86 -9.46
C LYS D 310 3.50 8.91 -8.65
N ASP D 311 4.06 9.93 -9.30
CA ASP D 311 4.86 10.90 -8.55
C ASP D 311 4.73 12.32 -9.08
N LEU D 312 3.58 12.67 -9.63
CA LEU D 312 3.41 13.99 -10.21
C LEU D 312 3.58 15.08 -9.14
N PRO D 313 4.22 16.19 -9.47
CA PRO D 313 4.51 17.23 -8.47
C PRO D 313 3.25 17.99 -8.06
N LEU D 314 3.14 18.29 -6.78
CA LEU D 314 1.94 18.92 -6.22
C LEU D 314 2.33 20.06 -5.30
N SER D 315 1.96 21.28 -5.68
CA SER D 315 2.03 22.41 -4.77
C SER D 315 0.83 22.38 -3.83
N PRO D 316 0.90 23.04 -2.68
CA PRO D 316 -0.21 22.97 -1.72
C PRO D 316 -1.52 23.48 -2.28
N ILE D 317 -1.48 24.40 -3.24
CA ILE D 317 -2.71 24.85 -3.90
C ILE D 317 -3.44 23.67 -4.52
N ASP D 318 -2.68 22.73 -5.09
CA ASP D 318 -3.29 21.52 -5.66
C ASP D 318 -3.99 20.68 -4.60
N LEU D 319 -3.35 20.46 -3.45
CA LEU D 319 -4.00 19.72 -2.38
C LEU D 319 -5.27 20.40 -1.89
N VAL D 320 -5.24 21.73 -1.75
CA VAL D 320 -6.43 22.43 -1.29
C VAL D 320 -7.55 22.34 -2.31
N MET D 321 -7.22 22.52 -3.59
CA MET D 321 -8.24 22.48 -4.63
C MET D 321 -8.76 21.06 -4.84
N ASP D 322 -7.98 20.05 -4.44
CA ASP D 322 -8.45 18.68 -4.53
C ASP D 322 -9.31 18.29 -3.34
N TRP D 323 -9.05 18.89 -2.17
CA TRP D 323 -9.90 18.60 -1.01
C TRP D 323 -11.31 19.13 -1.20
N HIS D 324 -11.50 20.08 -2.11
CA HIS D 324 -12.79 20.75 -2.33
C HIS D 324 -13.47 20.28 -3.59
N SER D 325 -13.39 19.00 -3.93
CA SER D 325 -13.97 18.50 -5.17
C SER D 325 -14.77 17.23 -4.90
N ALA D 326 -15.68 16.93 -5.83
CA ALA D 326 -16.51 15.73 -5.69
C ALA D 326 -15.70 14.47 -5.94
N ASN D 327 -14.99 14.41 -7.07
CA ASN D 327 -14.14 13.27 -7.40
C ASN D 327 -12.84 13.29 -6.61
N ARG D 328 -12.92 13.23 -5.29
CA ARG D 328 -11.73 13.37 -4.46
C ARG D 328 -10.87 12.12 -4.55
N SER D 329 -9.55 12.33 -4.53
CA SER D 329 -8.54 11.27 -4.53
C SER D 329 -8.45 10.55 -5.87
N ARG D 330 -9.26 10.94 -6.83
CA ARG D 330 -9.19 10.41 -8.18
C ARG D 330 -9.04 11.56 -9.17
N GLN D 331 -8.66 11.22 -10.40
CA GLN D 331 -8.43 12.21 -11.46
C GLN D 331 -7.46 13.29 -10.99
N LEU D 332 -6.25 12.84 -10.65
CA LEU D 332 -5.24 13.75 -10.11
C LEU D 332 -4.40 14.38 -11.21
N PHE D 333 -4.14 13.66 -12.30
CA PHE D 333 -3.37 14.22 -13.41
C PHE D 333 -4.21 15.19 -14.22
N GLU D 334 -5.53 14.98 -14.29
CA GLU D 334 -6.39 15.88 -15.03
C GLU D 334 -6.49 17.25 -14.36
N LYS D 335 -6.39 17.29 -13.04
CA LYS D 335 -6.57 18.54 -12.30
C LYS D 335 -5.38 19.47 -12.41
N MET D 336 -4.35 19.13 -13.17
CA MET D 336 -3.20 19.99 -13.34
C MET D 336 -3.02 20.52 -14.75
N ILE D 337 -3.62 19.87 -15.75
CA ILE D 337 -3.37 20.20 -17.15
C ILE D 337 -4.65 20.48 -17.93
N SER D 338 -5.81 20.43 -17.30
CA SER D 338 -7.07 20.58 -18.01
C SER D 338 -7.62 21.98 -17.81
N GLY D 339 -8.44 22.42 -18.78
CA GLY D 339 -8.88 23.80 -18.79
C GLY D 339 -9.92 24.10 -17.72
N ALA D 340 -10.54 23.07 -17.17
CA ALA D 340 -11.58 23.29 -16.18
C ALA D 340 -11.05 23.82 -14.86
N TYR D 341 -9.76 23.64 -14.58
CA TYR D 341 -9.19 24.01 -13.29
C TYR D 341 -8.09 25.05 -13.35
N LEU D 342 -7.60 25.41 -14.54
CA LEU D 342 -6.49 26.34 -14.64
C LEU D 342 -6.88 27.72 -14.10
N GLY D 343 -8.10 28.17 -14.40
CA GLY D 343 -8.54 29.45 -13.88
C GLY D 343 -8.60 29.46 -12.37
N GLU D 344 -9.10 28.38 -11.78
CA GLU D 344 -9.17 28.29 -10.33
C GLU D 344 -7.77 28.28 -9.71
N ILE D 345 -6.85 27.55 -10.33
CA ILE D 345 -5.48 27.51 -9.82
C ILE D 345 -4.85 28.90 -9.87
N VAL D 346 -5.06 29.62 -10.96
CA VAL D 346 -4.49 30.96 -11.09
C VAL D 346 -5.11 31.89 -10.06
N ARG D 347 -6.41 31.77 -9.85
CA ARG D 347 -7.06 32.60 -8.84
C ARG D 347 -6.51 32.32 -7.45
N ARG D 348 -6.29 31.04 -7.14
CA ARG D 348 -5.80 30.70 -5.80
C ARG D 348 -4.34 31.09 -5.63
N PHE D 349 -3.56 31.14 -6.70
CA PHE D 349 -2.21 31.71 -6.59
C PHE D 349 -2.27 33.23 -6.41
N MET D 350 -3.23 33.89 -7.06
CA MET D 350 -3.26 35.34 -7.05
C MET D 350 -3.83 35.90 -5.75
N VAL D 351 -3.91 35.10 -4.70
CA VAL D 351 -4.30 35.57 -3.38
C VAL D 351 -3.14 35.46 -2.40
N ASN D 352 -2.34 34.41 -2.49
CA ASN D 352 -1.15 34.28 -1.67
C ASN D 352 0.00 35.16 -2.15
N VAL D 353 -0.20 35.89 -3.25
CA VAL D 353 0.79 36.82 -3.76
C VAL D 353 0.41 38.27 -3.46
N LEU D 354 -0.86 38.62 -3.67
CA LEU D 354 -1.30 39.97 -3.37
C LEU D 354 -1.46 40.21 -1.87
N GLN D 355 -1.83 39.17 -1.12
CA GLN D 355 -1.79 39.22 0.34
C GLN D 355 -2.63 40.34 0.92
N SER D 356 -3.95 40.24 0.79
CA SER D 356 -4.91 41.19 1.36
C SER D 356 -4.94 42.49 0.57
N ALA D 357 -4.08 42.62 -0.43
CA ALA D 357 -4.24 43.66 -1.43
C ALA D 357 -5.30 43.31 -2.46
N SER D 358 -5.96 42.17 -2.32
CA SER D 358 -6.98 41.72 -3.24
C SER D 358 -8.34 42.29 -2.83
N SER D 359 -9.35 41.98 -3.65
CA SER D 359 -10.69 42.50 -3.42
C SER D 359 -11.56 41.44 -2.75
N GLU D 360 -12.80 41.82 -2.43
CA GLU D 360 -13.74 40.87 -1.84
C GLU D 360 -14.13 39.80 -2.85
N LYS D 361 -14.11 40.13 -4.14
CA LYS D 361 -14.53 39.16 -5.15
C LYS D 361 -13.44 38.13 -5.45
N MET D 362 -12.18 38.47 -5.18
CA MET D 362 -11.10 37.54 -5.47
C MET D 362 -11.12 36.32 -4.56
N TRP D 363 -11.92 36.35 -3.51
CA TRP D 363 -12.07 35.22 -2.61
C TRP D 363 -13.29 34.37 -2.93
N LYS D 364 -13.94 34.61 -4.07
CA LYS D 364 -15.13 33.88 -4.47
C LYS D 364 -14.75 32.87 -5.55
N SER D 365 -15.11 31.61 -5.33
CA SER D 365 -14.71 30.54 -6.24
C SER D 365 -15.44 30.65 -7.57
N ASP D 366 -14.84 30.06 -8.61
CA ASP D 366 -15.38 30.11 -9.96
C ASP D 366 -15.65 31.55 -10.39
N SER D 367 -14.61 32.38 -10.45
CA SER D 367 -14.74 33.75 -10.91
C SER D 367 -13.63 34.12 -11.88
N PHE D 368 -13.00 33.11 -12.50
CA PHE D 368 -11.94 33.33 -13.46
C PHE D 368 -11.80 32.11 -14.36
N ASN D 369 -12.16 32.24 -15.63
CA ASN D 369 -12.12 31.11 -16.53
C ASN D 369 -10.72 30.93 -17.11
N SER D 370 -10.55 29.86 -17.89
CA SER D 370 -9.35 29.69 -18.67
C SER D 370 -9.39 30.51 -19.96
N GLU D 371 -10.57 30.91 -20.41
CA GLU D 371 -10.67 31.78 -21.57
C GLU D 371 -10.03 33.13 -21.30
N LEU D 372 -10.27 33.68 -20.11
CA LEU D 372 -9.62 34.94 -19.72
C LEU D 372 -8.12 34.75 -19.59
N GLY D 373 -7.68 33.58 -19.15
CA GLY D 373 -6.26 33.30 -19.12
C GLY D 373 -5.65 33.29 -20.51
N SER D 374 -6.39 32.76 -21.49
CA SER D 374 -5.92 32.79 -22.87
C SER D 374 -5.82 34.21 -23.38
N VAL D 375 -6.67 35.10 -22.89
CA VAL D 375 -6.60 36.51 -23.28
C VAL D 375 -5.39 37.18 -22.63
N VAL D 376 -5.15 36.88 -21.35
CA VAL D 376 -4.01 37.47 -20.66
C VAL D 376 -2.70 37.00 -21.28
N LEU D 377 -2.66 35.74 -21.73
CA LEU D 377 -1.46 35.22 -22.38
C LEU D 377 -1.23 35.90 -23.72
N ASN D 378 -2.21 35.83 -24.62
CA ASN D 378 -2.12 36.48 -25.93
C ASN D 378 -2.34 37.99 -25.78
N ASP D 379 -1.39 38.63 -25.11
CA ASP D 379 -1.44 40.07 -24.83
C ASP D 379 -0.29 40.73 -25.57
N THR D 380 -0.57 41.23 -26.77
CA THR D 380 0.42 41.95 -27.57
C THR D 380 0.01 43.40 -27.83
N SER D 381 -0.94 43.91 -27.05
CA SER D 381 -1.33 45.31 -27.17
C SER D 381 -0.18 46.20 -26.72
N PRO D 382 -0.08 47.44 -27.25
CA PRO D 382 1.03 48.31 -26.84
C PRO D 382 1.13 48.51 -25.34
N ASN D 383 0.05 48.93 -24.71
CA ASN D 383 -0.09 48.84 -23.26
C ASN D 383 -0.89 47.59 -22.93
N PHE D 384 -0.98 47.29 -21.63
CA PHE D 384 -1.68 46.08 -21.17
C PHE D 384 -3.15 46.36 -20.88
N GLU D 385 -3.74 47.35 -21.54
CA GLU D 385 -5.14 47.68 -21.32
C GLU D 385 -6.08 46.61 -21.84
N GLU D 386 -5.58 45.62 -22.57
CA GLU D 386 -6.42 44.50 -22.99
C GLU D 386 -6.76 43.61 -21.80
N SER D 387 -5.74 43.21 -21.04
CA SER D 387 -5.97 42.38 -19.87
C SER D 387 -6.53 43.20 -18.71
N ARG D 388 -6.40 44.53 -18.76
CA ARG D 388 -6.97 45.36 -17.72
C ARG D 388 -8.48 45.25 -17.70
N LYS D 389 -9.10 45.15 -18.88
CA LYS D 389 -10.54 44.97 -18.95
C LYS D 389 -10.94 43.62 -18.36
N VAL D 390 -10.17 42.59 -18.64
CA VAL D 390 -10.42 41.28 -18.06
C VAL D 390 -10.38 41.36 -16.54
N ALA D 391 -9.31 41.91 -16.00
CA ALA D 391 -9.17 42.04 -14.55
C ALA D 391 -10.31 42.85 -13.95
N LYS D 392 -10.71 43.93 -14.63
CA LYS D 392 -11.72 44.81 -14.07
C LYS D 392 -13.10 44.16 -14.07
N ASP D 393 -13.52 43.61 -15.21
CA ASP D 393 -14.82 42.95 -15.27
C ASP D 393 -14.82 41.56 -14.64
N ALA D 394 -13.68 41.09 -14.14
CA ALA D 394 -13.72 39.82 -13.41
C ALA D 394 -13.59 39.98 -11.90
N TRP D 395 -12.81 40.95 -11.43
CA TRP D 395 -12.56 41.11 -10.00
C TRP D 395 -12.83 42.52 -9.48
N ASP D 396 -13.18 43.48 -10.35
CA ASP D 396 -13.41 44.86 -9.94
C ASP D 396 -12.18 45.46 -9.26
N MET D 397 -11.01 45.04 -9.71
CA MET D 397 -9.74 45.53 -9.19
C MET D 397 -9.03 46.30 -10.29
N ASP D 398 -8.93 47.61 -10.13
CA ASP D 398 -8.20 48.46 -11.07
C ASP D 398 -6.72 48.27 -10.80
N PHE D 399 -6.15 47.22 -11.37
CA PHE D 399 -4.76 46.86 -11.12
C PHE D 399 -3.82 47.99 -11.54
N THR D 400 -2.79 48.21 -10.74
CA THR D 400 -1.73 49.12 -11.12
C THR D 400 -0.78 48.42 -12.08
N ASP D 401 0.32 49.08 -12.41
CA ASP D 401 1.29 48.47 -13.32
C ASP D 401 2.21 47.50 -12.61
N GLU D 402 2.14 47.39 -11.29
CA GLU D 402 3.00 46.49 -10.54
C GLU D 402 2.36 45.14 -10.28
N GLN D 403 1.04 45.01 -10.47
CA GLN D 403 0.35 43.76 -10.20
C GLN D 403 0.00 43.00 -11.47
N ILE D 404 -0.17 43.70 -12.59
CA ILE D 404 -0.42 43.03 -13.86
C ILE D 404 0.80 42.20 -14.26
N TYR D 405 1.99 42.65 -13.86
CA TYR D 405 3.19 41.85 -14.07
C TYR D 405 3.09 40.52 -13.34
N ALA D 406 2.64 40.57 -12.08
CA ALA D 406 2.46 39.34 -11.31
C ALA D 406 1.42 38.44 -11.95
N LEU D 407 0.33 39.03 -12.42
CA LEU D 407 -0.73 38.25 -13.06
C LEU D 407 -0.19 37.53 -14.30
N ARG D 408 0.54 38.26 -15.15
CA ARG D 408 1.10 37.66 -16.35
C ARG D 408 2.09 36.56 -16.00
N LYS D 409 2.94 36.81 -15.00
CA LYS D 409 3.92 35.81 -14.60
C LYS D 409 3.24 34.53 -14.13
N ILE D 410 2.18 34.67 -13.33
CA ILE D 410 1.52 33.50 -12.77
C ILE D 410 0.83 32.71 -13.86
N CYS D 411 0.10 33.40 -14.74
CA CYS D 411 -0.55 32.71 -15.85
C CYS D 411 0.47 31.98 -16.70
N GLU D 412 1.59 32.64 -17.00
CA GLU D 412 2.63 32.03 -17.81
C GLU D 412 3.13 30.75 -17.16
N SER D 413 3.46 30.81 -15.87
CA SER D 413 4.03 29.64 -15.21
C SER D 413 3.05 28.48 -15.16
N VAL D 414 1.79 28.77 -14.83
CA VAL D 414 0.79 27.70 -14.74
C VAL D 414 0.59 27.03 -16.09
N TYR D 415 0.31 27.82 -17.13
CA TYR D 415 0.07 27.22 -18.44
C TYR D 415 1.33 26.55 -18.97
N ASN D 416 2.51 27.02 -18.56
CA ASN D 416 3.75 26.38 -18.96
C ASN D 416 3.86 24.98 -18.37
N ARG D 417 3.56 24.85 -17.08
CA ARG D 417 3.56 23.52 -16.46
C ARG D 417 2.58 22.60 -17.17
N SER D 418 1.39 23.11 -17.47
CA SER D 418 0.38 22.30 -18.16
C SER D 418 0.90 21.80 -19.50
N ALA D 419 1.46 22.71 -20.30
CA ALA D 419 1.95 22.34 -21.62
C ALA D 419 3.09 21.32 -21.52
N ALA D 420 3.99 21.53 -20.55
CA ALA D 420 5.10 20.59 -20.38
C ALA D 420 4.60 19.19 -20.04
N LEU D 421 3.65 19.08 -19.13
CA LEU D 421 3.15 17.75 -18.77
C LEU D 421 2.40 17.10 -19.92
N ALA D 422 1.63 17.89 -20.68
CA ALA D 422 0.94 17.33 -21.83
C ALA D 422 1.93 16.80 -22.88
N ALA D 423 2.99 17.57 -23.14
CA ALA D 423 4.01 17.13 -24.08
C ALA D 423 4.70 15.86 -23.58
N ALA D 424 4.94 15.78 -22.27
CA ALA D 424 5.54 14.58 -21.71
C ALA D 424 4.63 13.37 -21.94
N ALA D 425 3.33 13.53 -21.73
CA ALA D 425 2.40 12.43 -21.95
C ALA D 425 2.41 12.00 -23.42
N ILE D 426 2.43 12.96 -24.34
CA ILE D 426 2.43 12.63 -25.76
C ILE D 426 3.69 11.87 -26.13
N ALA D 427 4.85 12.35 -25.67
CA ALA D 427 6.10 11.69 -26.00
C ALA D 427 6.17 10.29 -25.38
N ALA D 428 5.60 10.11 -24.20
CA ALA D 428 5.63 8.80 -23.56
C ALA D 428 4.72 7.83 -24.27
N ILE D 429 3.59 8.30 -24.80
CA ILE D 429 2.77 7.43 -25.63
C ILE D 429 3.51 7.08 -26.92
N ALA D 430 4.24 8.04 -27.49
CA ALA D 430 4.95 7.80 -28.74
C ALA D 430 6.02 6.74 -28.56
N LYS D 431 6.82 6.85 -27.50
CA LYS D 431 7.91 5.89 -27.29
C LYS D 431 7.42 4.47 -27.10
N ARG D 432 6.12 4.26 -26.92
CA ARG D 432 5.61 2.90 -26.69
C ARG D 432 5.43 2.14 -27.99
N ILE D 433 5.03 2.80 -29.06
CA ILE D 433 4.84 2.12 -30.33
C ILE D 433 6.16 1.64 -30.92
N LYS D 434 7.27 2.31 -30.58
CA LYS D 434 8.62 1.90 -30.97
C LYS D 434 8.84 1.98 -32.48
N ILE D 435 7.82 2.41 -33.23
CA ILE D 435 7.96 2.61 -34.66
C ILE D 435 8.53 3.98 -35.00
N ILE D 436 8.87 4.78 -33.98
CA ILE D 436 9.34 6.13 -34.22
C ILE D 436 10.70 6.12 -34.92
N GLU D 437 11.55 5.14 -34.58
CA GLU D 437 12.88 5.07 -35.19
C GLU D 437 12.80 4.59 -36.64
N HIS D 438 11.96 3.59 -36.91
CA HIS D 438 11.91 3.01 -38.25
C HIS D 438 11.28 3.97 -39.25
N SER D 439 10.08 4.47 -38.94
CA SER D 439 9.33 5.31 -39.86
C SER D 439 8.77 6.49 -39.09
N LYS D 440 7.87 7.24 -39.72
CA LYS D 440 7.23 8.40 -39.12
C LYS D 440 5.73 8.19 -39.03
N PHE D 441 5.11 8.87 -38.07
CA PHE D 441 3.67 8.82 -37.87
C PHE D 441 3.23 10.13 -37.25
N SER D 442 1.94 10.43 -37.36
CA SER D 442 1.41 11.72 -36.96
C SER D 442 0.44 11.57 -35.79
N CYS D 443 0.29 12.65 -35.02
CA CYS D 443 -0.65 12.71 -33.91
C CYS D 443 -1.59 13.89 -34.10
N GLY D 444 -2.89 13.61 -34.00
CA GLY D 444 -3.91 14.62 -34.18
C GLY D 444 -4.36 15.20 -32.85
N VAL D 445 -4.14 16.49 -32.66
CA VAL D 445 -4.40 17.17 -31.39
C VAL D 445 -5.64 18.03 -31.54
N ASP D 446 -6.52 17.95 -30.55
CA ASP D 446 -7.79 18.68 -30.54
C ASP D 446 -8.06 19.21 -29.14
N GLY D 447 -8.82 20.29 -29.07
CA GLY D 447 -9.27 20.79 -27.79
C GLY D 447 -9.33 22.31 -27.77
N SER D 448 -10.06 22.82 -26.79
CA SER D 448 -10.18 24.26 -26.64
C SER D 448 -8.85 24.89 -26.21
N LEU D 449 -8.09 24.19 -25.36
CA LEU D 449 -6.80 24.72 -24.94
C LEU D 449 -5.84 24.85 -26.11
N PHE D 450 -5.83 23.88 -27.02
CA PHE D 450 -4.80 23.81 -28.04
C PHE D 450 -5.07 24.79 -29.18
N VAL D 451 -6.16 24.60 -29.90
CA VAL D 451 -6.35 25.34 -31.15
C VAL D 451 -6.79 26.77 -30.89
N LYS D 452 -7.54 27.00 -29.81
CA LYS D 452 -8.05 28.33 -29.50
C LYS D 452 -7.11 29.14 -28.63
N ASN D 453 -5.82 28.84 -28.64
CA ASN D 453 -4.85 29.55 -27.80
C ASN D 453 -3.48 29.45 -28.51
N ALA D 454 -3.06 30.58 -29.09
CA ALA D 454 -1.84 30.58 -29.90
C ALA D 454 -0.60 30.43 -29.04
N TRP D 455 -0.60 30.99 -27.83
CA TRP D 455 0.57 30.89 -26.96
C TRP D 455 0.81 29.45 -26.52
N TYR D 456 -0.24 28.63 -26.51
CA TYR D 456 -0.10 27.25 -26.07
C TYR D 456 0.60 26.40 -27.14
N CYS D 457 0.21 26.57 -28.40
CA CYS D 457 0.71 25.71 -29.46
C CYS D 457 2.20 25.84 -29.68
N LYS D 458 2.81 26.96 -29.32
CA LYS D 458 4.26 27.09 -29.49
C LYS D 458 5.03 26.50 -28.32
N ARG D 459 4.58 26.75 -27.09
CA ARG D 459 5.23 26.16 -25.92
C ARG D 459 5.12 24.64 -25.96
N LEU D 460 3.98 24.12 -26.42
CA LEU D 460 3.81 22.68 -26.48
C LEU D 460 4.83 22.05 -27.43
N GLN D 461 4.93 22.58 -28.65
CA GLN D 461 5.88 22.00 -29.60
C GLN D 461 7.31 22.22 -29.16
N GLU D 462 7.60 23.31 -28.46
CA GLU D 462 8.95 23.48 -27.92
C GLU D 462 9.28 22.38 -26.91
N HIS D 463 8.39 22.19 -25.94
CA HIS D 463 8.63 21.18 -24.90
C HIS D 463 8.66 19.78 -25.50
N LEU D 464 7.96 19.58 -26.61
CA LEU D 464 7.99 18.27 -27.26
C LEU D 464 9.29 18.07 -28.03
N LYS D 465 9.76 19.11 -28.73
CA LYS D 465 11.02 19.03 -29.43
C LYS D 465 12.19 18.79 -28.49
N VAL D 466 12.12 19.33 -27.28
CA VAL D 466 13.23 19.15 -26.35
C VAL D 466 13.27 17.72 -25.81
N ILE D 467 12.11 17.09 -25.62
CA ILE D 467 12.05 15.80 -24.95
C ILE D 467 12.58 14.70 -25.87
N LEU D 468 11.92 14.46 -26.99
CA LEU D 468 12.39 13.46 -27.95
C LEU D 468 13.26 14.16 -28.99
N ALA D 469 14.50 14.41 -28.59
CA ALA D 469 15.41 15.25 -29.36
C ALA D 469 15.74 14.67 -30.73
N ASP D 470 16.40 13.52 -30.76
CA ASP D 470 16.97 13.02 -32.01
C ASP D 470 15.88 12.71 -33.03
N LYS D 471 14.83 12.01 -32.61
CA LYS D 471 13.78 11.55 -33.51
C LYS D 471 12.64 12.55 -33.61
N ALA D 472 12.94 13.85 -33.46
CA ALA D 472 11.88 14.87 -33.42
C ALA D 472 11.07 14.88 -34.71
N GLU D 473 11.74 14.86 -35.86
CA GLU D 473 11.05 14.96 -37.14
C GLU D 473 10.58 13.60 -37.62
N ASN D 474 9.87 12.91 -36.73
CA ASN D 474 9.15 11.69 -37.09
C ASN D 474 7.75 11.68 -36.49
N LEU D 475 7.44 12.60 -35.58
CA LEU D 475 6.12 12.73 -34.98
C LEU D 475 5.58 14.10 -35.36
N ILE D 476 4.70 14.13 -36.35
CA ILE D 476 4.14 15.37 -36.87
C ILE D 476 2.83 15.65 -36.15
N ILE D 477 2.71 16.84 -35.58
CA ILE D 477 1.53 17.26 -34.86
C ILE D 477 0.56 17.89 -35.85
N ILE D 478 -0.68 17.43 -35.85
CA ILE D 478 -1.70 17.91 -36.77
C ILE D 478 -2.85 18.46 -35.95
N PRO D 479 -3.12 19.76 -36.00
CA PRO D 479 -4.31 20.29 -35.32
C PRO D 479 -5.58 19.90 -36.06
N ALA D 480 -6.54 19.31 -35.34
CA ALA D 480 -7.78 18.83 -35.94
C ALA D 480 -8.95 19.62 -35.35
N ASP D 481 -9.24 20.77 -35.97
CA ASP D 481 -10.30 21.65 -35.49
C ASP D 481 -11.70 21.09 -35.73
N ASP D 482 -11.83 20.06 -36.57
CA ASP D 482 -13.14 19.52 -36.88
C ASP D 482 -13.84 18.95 -35.66
N GLY D 483 -13.09 18.46 -34.68
CA GLY D 483 -13.66 17.94 -33.46
C GLY D 483 -14.20 16.53 -33.63
N SER D 484 -14.66 15.98 -32.52
CA SER D 484 -15.24 14.64 -32.53
C SER D 484 -16.59 14.61 -33.22
N GLY D 485 -17.15 15.78 -33.55
CA GLY D 485 -18.40 15.87 -34.26
C GLY D 485 -18.39 15.10 -35.56
N LYS D 486 -17.35 15.30 -36.37
CA LYS D 486 -17.24 14.55 -37.61
C LYS D 486 -16.91 13.09 -37.34
N GLY D 487 -16.21 12.82 -36.24
CA GLY D 487 -15.86 11.44 -35.91
C GLY D 487 -17.08 10.60 -35.59
N ALA D 488 -18.07 11.21 -34.92
CA ALA D 488 -19.31 10.51 -34.63
C ALA D 488 -19.99 10.05 -35.91
N ALA D 489 -19.97 10.89 -36.95
CA ALA D 489 -20.56 10.52 -38.22
C ALA D 489 -19.71 9.48 -38.95
N ILE D 490 -18.39 9.66 -38.97
CA ILE D 490 -17.50 8.72 -39.63
C ILE D 490 -17.50 7.36 -38.95
N THR D 491 -17.97 7.28 -37.70
CA THR D 491 -18.16 5.99 -37.06
C THR D 491 -18.98 5.04 -37.95
N ALA D 492 -19.92 5.60 -38.70
CA ALA D 492 -20.75 4.79 -39.59
C ALA D 492 -19.92 4.17 -40.71
N ALA D 493 -18.77 4.74 -41.03
CA ALA D 493 -17.94 4.25 -42.13
C ALA D 493 -17.35 2.87 -41.89
N VAL D 494 -17.50 2.29 -40.71
CA VAL D 494 -17.01 0.96 -40.41
C VAL D 494 -18.17 0.00 -40.12
N VAL D 495 -19.17 0.46 -39.37
CA VAL D 495 -20.31 -0.39 -39.06
C VAL D 495 -21.15 -0.64 -40.30
N SER D 496 -21.35 0.40 -41.13
CA SER D 496 -22.06 0.22 -42.39
C SER D 496 -21.16 -0.47 -43.41
N GLN D 497 -20.03 0.14 -43.73
CA GLN D 497 -19.02 -0.41 -44.63
C GLN D 497 -19.61 -0.72 -46.00
#